data_6TGH
#
_entry.id   6TGH
#
_cell.length_a   200.795
_cell.length_b   112.930
_cell.length_c   131.918
_cell.angle_alpha   90.000
_cell.angle_beta   93.100
_cell.angle_gamma   90.000
#
_symmetry.space_group_name_H-M   'C 1 2 1'
#
loop_
_entity.id
_entity.type
_entity.pdbx_description
1 polymer 'Serine hydroxymethyltransferase'
2 non-polymer 'SODIUM ION'
3 non-polymer 'L-Serine, N-[[3-hydroxy-2-methyl-5-[(phosphonooxy)methyl]-4-pyridinyl]methylene]'
4 non-polymer D-SERINE
5 non-polymer "PYRIDOXAL-5'-PHOSPHATE"
6 water water
#
_entity_poly.entity_id   1
_entity_poly.type   'polypeptide(L)'
_entity_poly.pdbx_seq_one_letter_code
;IFDKEDYKAFDPELWNAIDAEAERQQNNIELIASENVVSKAVMAAQGTLLTNKTAEGYPGKRYYGGTAVIDVVETLAIER
AKKLFGAKFANVQPHSGSQANAAVYMSLIQPGDTVMGMDLSAGGHLTHGAPVSFSGKTYNFVSYNVDKESELLDYDAILA
QAKEVRPKLIVAGASAYSRIIDFAKFREIADAVGAYLMVDMAHIAGLVASGHHPSPVPYAHVTTTTTHKTLRGPRGGLIL
TDDEDIAKKLNSAVFPGLQGGPLEHVIAAKAVALKEALDPAFKEYGENVIKNAAAMADVFNQHPDFRVISGGTNNHLFLV
DVTKVVENGKVAQNVLEEVNITLNKNSIPYEQLSPFKTSGIRVGSPAITSRGMGEAESRQIAEWMVEALENHDKPEVLER
IRGDVKVLTDAFPLY
;
_entity_poly.pdbx_strand_id   A,C,B,D
#
loop_
_chem_comp.id
_chem_comp.type
_chem_comp.name
_chem_comp.formula
EVM non-polymer 'L-Serine, N-[[3-hydroxy-2-methyl-5-[(phosphonooxy)methyl]-4-pyridinyl]methylene]' 'C11 H14 N2 O8 P -1'
NA non-polymer 'SODIUM ION' 'Na 1'
PLP non-polymer PYRIDOXAL-5'-PHOSPHATE 'C8 H10 N O6 P'
#
# COMPACT_ATOMS: atom_id res chain seq x y z
N ASP A 6 -23.24 16.55 -4.97
CA ASP A 6 -22.26 17.57 -4.48
C ASP A 6 -20.95 16.88 -4.06
N TYR A 7 -19.87 17.66 -3.98
CA TYR A 7 -18.53 17.24 -3.52
C TYR A 7 -18.56 16.90 -2.01
N LYS A 8 -19.34 17.65 -1.23
CA LYS A 8 -19.35 17.54 0.27
C LYS A 8 -19.77 16.13 0.66
N ALA A 9 -20.47 15.44 -0.25
CA ALA A 9 -20.93 14.03 -0.16
C ALA A 9 -19.77 13.11 0.20
N PHE A 10 -18.75 13.09 -0.65
CA PHE A 10 -17.61 12.14 -0.54
C PHE A 10 -16.97 12.28 0.85
N ASP A 11 -16.70 13.51 1.30
CA ASP A 11 -15.81 13.80 2.45
C ASP A 11 -16.58 14.56 3.52
N PRO A 12 -17.45 13.91 4.32
CA PRO A 12 -18.13 14.61 5.40
C PRO A 12 -17.14 15.18 6.42
N GLU A 13 -16.26 14.33 6.95
CA GLU A 13 -15.46 14.60 8.18
C GLU A 13 -14.76 15.96 8.03
N LEU A 14 -14.20 16.21 6.84
CA LEU A 14 -13.54 17.46 6.41
C LEU A 14 -14.59 18.58 6.37
N TRP A 15 -15.53 18.51 5.43
CA TRP A 15 -16.53 19.57 5.15
C TRP A 15 -17.39 19.90 6.39
N ASN A 16 -17.51 19.00 7.37
CA ASN A 16 -18.22 19.33 8.63
C ASN A 16 -17.25 19.96 9.66
N ALA A 17 -15.94 19.78 9.49
CA ALA A 17 -14.91 20.57 10.19
C ALA A 17 -14.94 22.02 9.67
N ILE A 18 -15.16 22.19 8.36
CA ILE A 18 -15.22 23.54 7.74
C ILE A 18 -16.51 24.22 8.18
N ASP A 19 -17.68 23.71 7.77
CA ASP A 19 -19.01 24.13 8.31
C ASP A 19 -18.81 24.71 9.71
N ALA A 20 -18.07 24.00 10.57
CA ALA A 20 -17.94 24.28 12.02
C ALA A 20 -17.04 25.48 12.31
N GLU A 21 -15.98 25.70 11.51
CA GLU A 21 -15.04 26.84 11.68
C GLU A 21 -15.82 28.13 11.37
N ALA A 22 -16.65 28.13 10.31
CA ALA A 22 -17.55 29.23 9.88
C ALA A 22 -18.54 29.56 11.00
N GLU A 23 -18.89 28.59 11.85
CA GLU A 23 -19.74 28.82 13.04
C GLU A 23 -18.87 29.44 14.14
N ARG A 24 -17.68 28.89 14.37
CA ARG A 24 -16.79 29.36 15.46
C ARG A 24 -16.40 30.81 15.18
N GLN A 25 -16.31 31.19 13.90
CA GLN A 25 -16.01 32.58 13.44
C GLN A 25 -17.32 33.37 13.35
N GLN A 26 -18.38 32.94 14.04
CA GLN A 26 -19.56 33.80 14.32
C GLN A 26 -19.67 33.93 15.83
N ASN A 27 -19.64 32.81 16.54
CA ASN A 27 -19.67 32.80 18.03
C ASN A 27 -18.43 33.52 18.60
N ASN A 28 -17.54 34.06 17.75
CA ASN A 28 -16.27 34.66 18.25
C ASN A 28 -16.23 36.18 18.08
N ILE A 29 -15.81 36.83 19.16
CA ILE A 29 -15.17 38.17 19.14
C ILE A 29 -13.70 37.96 18.80
N GLU A 30 -13.31 38.26 17.55
CA GLU A 30 -11.90 38.16 17.12
C GLU A 30 -11.20 39.53 17.27
N LEU A 31 -10.31 39.62 18.26
CA LEU A 31 -9.53 40.85 18.56
C LEU A 31 -8.06 40.57 18.25
N ILE A 32 -7.72 39.42 17.68
CA ILE A 32 -6.30 39.14 17.31
C ILE A 32 -5.96 40.18 16.22
N ALA A 33 -4.98 41.04 16.53
CA ALA A 33 -4.63 42.27 15.78
C ALA A 33 -4.34 41.94 14.30
N SER A 34 -3.75 40.77 14.06
CA SER A 34 -3.30 40.24 12.75
C SER A 34 -4.50 39.82 11.88
N GLU A 35 -5.63 39.45 12.47
CA GLU A 35 -6.73 38.81 11.72
C GLU A 35 -7.57 39.87 11.03
N ASN A 36 -8.25 39.43 9.98
CA ASN A 36 -9.33 40.17 9.32
C ASN A 36 -10.34 39.14 8.80
N VAL A 37 -11.25 39.62 7.97
CA VAL A 37 -12.45 38.92 7.45
C VAL A 37 -12.52 39.28 5.98
N VAL A 38 -11.89 38.48 5.12
CA VAL A 38 -11.81 38.79 3.68
C VAL A 38 -13.21 38.71 3.08
N SER A 39 -13.41 39.40 1.97
CA SER A 39 -14.69 39.38 1.21
C SER A 39 -14.98 37.96 0.68
N LYS A 40 -16.15 37.82 0.03
CA LYS A 40 -16.60 36.62 -0.71
C LYS A 40 -15.80 36.59 -2.03
N ALA A 41 -15.56 37.74 -2.65
CA ALA A 41 -14.72 37.85 -3.87
C ALA A 41 -13.32 37.26 -3.64
N VAL A 42 -12.78 37.34 -2.42
CA VAL A 42 -11.37 36.97 -2.17
C VAL A 42 -11.30 35.44 -1.97
N MET A 43 -12.12 34.88 -1.10
CA MET A 43 -12.27 33.41 -0.99
C MET A 43 -12.58 32.90 -2.41
N ALA A 44 -13.80 33.14 -2.90
CA ALA A 44 -14.19 32.72 -4.26
C ALA A 44 -12.99 32.68 -5.22
N ALA A 45 -12.12 33.70 -5.23
CA ALA A 45 -11.10 33.84 -6.32
C ALA A 45 -9.91 32.88 -6.13
N GLN A 46 -9.63 32.46 -4.90
CA GLN A 46 -8.49 31.55 -4.66
C GLN A 46 -9.00 30.11 -4.73
N GLY A 47 -10.33 29.94 -4.74
CA GLY A 47 -11.05 28.67 -4.97
C GLY A 47 -11.51 28.49 -6.43
N THR A 48 -10.81 29.14 -7.35
CA THR A 48 -10.91 29.00 -8.83
C THR A 48 -9.81 28.05 -9.32
N LEU A 49 -9.62 27.96 -10.64
CA LEU A 49 -8.88 26.87 -11.32
C LEU A 49 -7.60 27.45 -11.89
N LEU A 50 -7.16 28.62 -11.40
CA LEU A 50 -5.80 29.13 -11.78
C LEU A 50 -4.76 28.36 -10.97
N THR A 51 -5.22 27.57 -10.00
CA THR A 51 -4.40 26.60 -9.24
C THR A 51 -3.84 25.54 -10.21
N ASN A 52 -4.59 25.20 -11.28
CA ASN A 52 -4.19 24.16 -12.27
C ASN A 52 -2.92 24.64 -12.98
N LYS A 53 -2.66 25.93 -13.07
CA LYS A 53 -1.61 26.39 -14.01
C LYS A 53 -0.37 26.83 -13.24
N THR A 54 0.82 26.36 -13.66
CA THR A 54 2.15 26.76 -13.12
C THR A 54 2.82 27.71 -14.12
N ALA A 55 3.39 28.77 -13.55
CA ALA A 55 3.65 30.07 -14.16
C ALA A 55 5.05 30.50 -13.75
N GLU A 56 5.95 29.54 -13.62
CA GLU A 56 7.35 29.87 -13.33
C GLU A 56 7.72 31.11 -14.13
N GLY A 57 8.46 32.01 -13.50
CA GLY A 57 9.02 33.25 -14.06
C GLY A 57 8.04 34.40 -13.86
N TYR A 58 8.18 35.48 -14.65
CA TYR A 58 7.43 36.75 -14.50
C TYR A 58 6.81 37.19 -15.84
N PRO A 59 5.72 37.99 -15.83
CA PRO A 59 4.94 38.28 -17.05
C PRO A 59 5.75 38.57 -18.31
N GLY A 60 5.42 37.91 -19.43
CA GLY A 60 6.23 37.93 -20.67
C GLY A 60 7.67 37.47 -20.48
N LYS A 61 7.95 36.72 -19.42
CA LYS A 61 9.19 35.91 -19.29
C LYS A 61 8.83 34.64 -18.52
N ARG A 62 7.71 34.00 -18.89
CA ARG A 62 7.38 32.68 -18.35
C ARG A 62 8.38 31.66 -18.89
N TYR A 63 8.44 30.50 -18.23
CA TYR A 63 9.25 29.34 -18.64
C TYR A 63 8.44 28.61 -19.72
N TYR A 64 7.13 28.54 -19.49
CA TYR A 64 6.13 27.76 -20.23
C TYR A 64 5.18 28.72 -20.98
N GLY A 65 4.53 28.22 -22.04
CA GLY A 65 3.40 28.89 -22.70
C GLY A 65 2.12 28.55 -21.97
N GLY A 66 0.96 28.92 -22.55
CA GLY A 66 -0.38 28.71 -21.95
C GLY A 66 -0.62 29.67 -20.79
N THR A 67 0.17 30.73 -20.73
CA THR A 67 0.27 31.64 -19.56
C THR A 67 -0.58 32.87 -19.86
N ALA A 68 0.03 33.95 -20.39
CA ALA A 68 -0.58 35.04 -21.22
C ALA A 68 -1.83 35.66 -20.57
N VAL A 69 -2.83 34.84 -20.21
CA VAL A 69 -4.05 35.16 -19.41
C VAL A 69 -3.74 35.11 -17.90
N ILE A 70 -2.63 34.43 -17.54
CA ILE A 70 -1.98 34.46 -16.20
C ILE A 70 -1.22 35.77 -16.17
N ASP A 71 -0.48 36.07 -17.24
CA ASP A 71 0.36 37.29 -17.38
C ASP A 71 -0.51 38.54 -17.20
N VAL A 72 -1.82 38.40 -17.39
CA VAL A 72 -2.78 39.52 -17.28
C VAL A 72 -3.30 39.60 -15.84
N VAL A 73 -3.57 38.47 -15.19
CA VAL A 73 -4.06 38.47 -13.78
C VAL A 73 -2.94 38.97 -12.86
N GLU A 74 -1.70 38.57 -13.13
CA GLU A 74 -0.55 38.97 -12.29
C GLU A 74 -0.22 40.43 -12.58
N THR A 75 -0.35 40.85 -13.83
CA THR A 75 -0.01 42.24 -14.25
C THR A 75 -0.96 43.19 -13.52
N LEU A 76 -2.21 42.76 -13.38
CA LEU A 76 -3.28 43.45 -12.64
C LEU A 76 -2.82 43.68 -11.20
N ALA A 77 -2.49 42.61 -10.43
CA ALA A 77 -1.96 42.64 -9.03
C ALA A 77 -0.77 43.59 -8.96
N ILE A 78 0.19 43.37 -9.84
CA ILE A 78 1.40 44.22 -9.86
C ILE A 78 0.94 45.68 -9.97
N GLU A 79 0.13 46.01 -10.98
CA GLU A 79 -0.21 47.42 -11.30
C GLU A 79 -1.13 47.98 -10.21
N ARG A 80 -2.11 47.23 -9.69
CA ARG A 80 -2.91 47.67 -8.53
C ARG A 80 -2.00 47.99 -7.31
N ALA A 81 -1.03 47.13 -6.99
CA ALA A 81 -0.12 47.31 -5.84
C ALA A 81 0.69 48.59 -6.08
N LYS A 82 1.22 48.76 -7.28
CA LYS A 82 2.05 49.94 -7.63
C LYS A 82 1.22 51.23 -7.50
N LYS A 83 -0.05 51.20 -7.88
CA LYS A 83 -0.86 52.43 -7.83
C LYS A 83 -1.38 52.61 -6.39
N LEU A 84 -1.84 51.58 -5.73
CA LEU A 84 -2.30 51.74 -4.33
C LEU A 84 -1.19 52.33 -3.45
N PHE A 85 0.08 51.94 -3.59
CA PHE A 85 1.17 52.21 -2.62
C PHE A 85 2.11 53.28 -3.18
N GLY A 86 1.97 53.61 -4.45
CA GLY A 86 2.73 54.69 -5.07
C GLY A 86 4.14 54.24 -5.37
N ALA A 87 4.31 52.94 -5.57
CA ALA A 87 5.63 52.34 -5.87
C ALA A 87 5.74 52.06 -7.37
N LYS A 88 6.96 52.14 -7.89
CA LYS A 88 7.34 51.91 -9.30
C LYS A 88 7.44 50.41 -9.59
N PHE A 89 7.87 49.59 -8.62
CA PHE A 89 7.96 48.12 -8.82
C PHE A 89 7.20 47.39 -7.70
N ALA A 90 6.50 46.34 -8.09
CA ALA A 90 5.80 45.41 -7.21
C ALA A 90 6.11 43.98 -7.65
N ASN A 91 6.27 43.07 -6.66
CA ASN A 91 6.37 41.62 -6.88
C ASN A 91 5.30 41.00 -6.00
N VAL A 92 4.39 40.25 -6.59
CA VAL A 92 3.19 39.72 -5.89
C VAL A 92 3.35 38.23 -5.78
N GLN A 93 4.55 37.71 -6.03
CA GLN A 93 4.72 36.23 -5.99
C GLN A 93 4.99 35.66 -4.58
N PRO A 94 5.54 36.38 -3.57
CA PRO A 94 5.90 35.72 -2.30
C PRO A 94 4.71 34.97 -1.69
N HIS A 95 4.91 33.72 -1.27
CA HIS A 95 3.85 32.86 -0.69
C HIS A 95 3.38 33.43 0.66
N SER A 96 4.22 34.24 1.30
CA SER A 96 3.96 34.73 2.67
C SER A 96 4.78 35.98 2.97
N GLY A 97 4.46 36.62 4.09
CA GLY A 97 5.31 37.68 4.64
C GLY A 97 6.73 37.20 4.89
N SER A 98 6.88 35.98 5.39
CA SER A 98 8.19 35.37 5.68
C SER A 98 9.01 35.22 4.39
N GLN A 99 8.42 34.68 3.31
CA GLN A 99 9.16 34.58 2.02
C GLN A 99 9.43 35.98 1.46
N ALA A 100 8.47 36.92 1.55
CA ALA A 100 8.76 38.31 1.15
C ALA A 100 10.02 38.83 1.87
N ASN A 101 10.09 38.70 3.20
CA ASN A 101 11.26 39.21 3.96
C ASN A 101 12.53 38.45 3.54
N ALA A 102 12.47 37.12 3.44
CA ALA A 102 13.64 36.28 3.06
C ALA A 102 14.17 36.75 1.71
N ALA A 103 13.29 37.16 0.79
CA ALA A 103 13.69 37.62 -0.56
C ALA A 103 14.42 38.95 -0.48
N VAL A 104 14.05 39.86 0.42
CA VAL A 104 14.77 41.17 0.53
C VAL A 104 16.16 40.98 1.14
N TYR A 105 16.29 40.16 2.18
CA TYR A 105 17.64 39.85 2.77
C TYR A 105 18.53 39.32 1.64
N MET A 106 18.03 38.33 0.91
CA MET A 106 18.81 37.66 -0.15
C MET A 106 19.25 38.67 -1.22
N SER A 107 18.40 39.69 -1.54
CA SER A 107 18.70 40.77 -2.54
C SER A 107 19.67 41.83 -2.02
N LEU A 108 19.62 42.23 -0.75
CA LEU A 108 20.36 43.42 -0.27
C LEU A 108 21.66 43.09 0.47
N ILE A 109 21.77 41.96 1.19
CA ILE A 109 22.90 41.71 2.12
C ILE A 109 23.41 40.28 1.91
N GLN A 110 24.55 39.98 2.56
N GLN A 110 24.58 39.95 2.49
CA GLN A 110 25.26 38.68 2.53
CA GLN A 110 25.20 38.59 2.40
C GLN A 110 24.90 37.90 3.79
C GLN A 110 25.07 37.92 3.76
N PRO A 111 25.08 36.56 3.81
CA PRO A 111 25.10 35.85 5.10
C PRO A 111 26.17 36.44 6.03
N GLY A 112 25.83 36.55 7.30
CA GLY A 112 26.74 37.09 8.35
C GLY A 112 26.63 38.58 8.51
N ASP A 113 26.02 39.28 7.55
CA ASP A 113 25.88 40.75 7.58
C ASP A 113 25.05 41.16 8.80
N THR A 114 25.38 42.26 9.42
CA THR A 114 24.62 42.83 10.56
C THR A 114 23.31 43.50 10.11
N VAL A 115 22.20 43.23 10.81
CA VAL A 115 20.85 43.79 10.55
C VAL A 115 20.28 44.24 11.88
N MET A 116 19.79 45.48 11.97
CA MET A 116 19.04 45.91 13.16
C MET A 116 17.55 45.76 12.90
N GLY A 117 16.85 45.14 13.85
CA GLY A 117 15.41 44.87 13.80
C GLY A 117 14.80 45.30 15.09
N MET A 118 13.50 45.57 15.11
CA MET A 118 12.80 45.85 16.38
C MET A 118 12.73 44.56 17.22
N ASP A 119 13.05 44.67 18.51
CA ASP A 119 13.15 43.52 19.46
C ASP A 119 11.81 42.79 19.43
N LEU A 120 11.86 41.46 19.30
CA LEU A 120 10.74 40.48 19.39
C LEU A 120 9.78 40.86 20.55
N SER A 121 10.32 41.32 21.69
CA SER A 121 9.57 41.78 22.90
C SER A 121 8.76 43.05 22.63
N ALA A 122 9.20 43.95 21.73
CA ALA A 122 8.55 45.27 21.45
C ALA A 122 7.65 45.19 20.21
N GLY A 123 7.74 44.11 19.43
CA GLY A 123 6.97 43.98 18.17
C GLY A 123 7.74 43.34 17.03
N GLY A 124 9.03 43.06 17.19
CA GLY A 124 9.80 42.27 16.21
C GLY A 124 9.02 41.06 15.71
N HIS A 125 8.97 40.85 14.40
CA HIS A 125 8.47 39.58 13.79
C HIS A 125 9.59 38.54 13.92
N LEU A 126 9.23 37.25 13.83
CA LEU A 126 10.19 36.11 13.90
C LEU A 126 11.30 36.33 12.86
N THR A 127 10.90 36.86 11.69
CA THR A 127 11.73 36.98 10.46
C THR A 127 12.59 38.26 10.56
N HIS A 128 12.44 39.04 11.65
CA HIS A 128 13.27 40.22 11.99
C HIS A 128 14.35 39.83 13.02
N GLY A 129 14.77 38.54 13.03
CA GLY A 129 16.07 38.10 13.58
C GLY A 129 15.97 37.11 14.72
N ALA A 130 14.80 36.52 14.99
CA ALA A 130 14.63 35.52 16.06
C ALA A 130 15.61 34.37 15.81
N PRO A 131 16.33 33.87 16.85
CA PRO A 131 17.32 32.80 16.65
C PRO A 131 16.73 31.50 16.10
N VAL A 132 15.43 31.26 16.34
CA VAL A 132 14.68 30.06 15.86
C VAL A 132 14.33 30.18 14.36
N SER A 133 14.51 31.37 13.74
CA SER A 133 14.15 31.71 12.33
C SER A 133 15.44 31.72 11.49
N PHE A 134 15.36 31.32 10.21
CA PHE A 134 16.40 31.48 9.15
C PHE A 134 17.00 32.89 9.22
N SER A 135 16.19 33.87 9.62
CA SER A 135 16.62 35.28 9.74
C SER A 135 17.80 35.30 10.75
N GLY A 136 17.52 34.88 11.98
CA GLY A 136 18.50 34.78 13.09
C GLY A 136 19.72 33.93 12.73
N LYS A 137 19.53 32.85 11.97
CA LYS A 137 20.62 31.86 11.76
C LYS A 137 21.58 32.35 10.67
N THR A 138 21.09 33.08 9.65
CA THR A 138 21.85 33.42 8.42
C THR A 138 22.54 34.79 8.56
N TYR A 139 21.98 35.69 9.37
CA TYR A 139 22.46 37.10 9.48
C TYR A 139 22.71 37.42 10.95
N ASN A 140 23.54 38.42 11.19
CA ASN A 140 23.83 38.94 12.55
C ASN A 140 22.79 39.98 12.95
N PHE A 141 21.68 39.56 13.56
CA PHE A 141 20.62 40.45 14.03
C PHE A 141 20.93 41.07 15.39
N VAL A 142 20.65 42.36 15.50
CA VAL A 142 20.89 43.20 16.70
C VAL A 142 19.63 44.01 16.86
N SER A 143 18.89 43.87 17.96
CA SER A 143 17.57 44.51 18.06
C SER A 143 17.70 45.90 18.69
N TYR A 144 16.76 46.80 18.37
CA TYR A 144 16.50 48.06 19.09
C TYR A 144 15.12 47.87 19.70
N ASN A 145 14.80 48.71 20.66
CA ASN A 145 13.59 48.55 21.52
C ASN A 145 12.97 49.95 21.59
N VAL A 146 11.79 50.09 22.18
CA VAL A 146 11.24 51.39 22.57
C VAL A 146 11.99 51.88 23.81
N ASP A 147 11.90 53.18 24.03
CA ASP A 147 12.30 53.83 25.30
C ASP A 147 11.54 53.15 26.45
N LYS A 148 12.26 52.80 27.51
CA LYS A 148 11.76 52.16 28.76
C LYS A 148 10.64 53.01 29.40
N GLU A 149 10.82 54.32 29.49
CA GLU A 149 9.89 55.23 30.20
C GLU A 149 8.68 55.55 29.33
N SER A 150 8.89 56.05 28.11
CA SER A 150 7.77 56.54 27.23
C SER A 150 7.12 55.39 26.47
N GLU A 151 7.84 54.27 26.29
CA GLU A 151 7.44 53.12 25.44
C GLU A 151 7.32 53.58 23.97
N LEU A 152 8.12 54.57 23.56
CA LEU A 152 8.07 55.14 22.20
C LEU A 152 9.38 54.82 21.53
N LEU A 153 9.38 54.63 20.22
CA LEU A 153 10.66 54.59 19.47
C LEU A 153 11.40 55.87 19.81
N ASP A 154 12.71 55.78 20.03
CA ASP A 154 13.58 56.94 20.34
C ASP A 154 14.67 56.97 19.28
N TYR A 155 14.53 57.87 18.29
CA TYR A 155 15.29 57.85 17.02
C TYR A 155 16.73 58.28 17.27
N ASP A 156 16.98 59.12 18.29
CA ASP A 156 18.35 59.48 18.77
C ASP A 156 19.09 58.24 19.33
N ALA A 157 18.38 57.45 20.14
CA ALA A 157 18.90 56.17 20.69
C ALA A 157 19.16 55.16 19.55
N ILE A 158 18.27 55.05 18.55
CA ILE A 158 18.45 54.04 17.47
C ILE A 158 19.68 54.48 16.65
N LEU A 159 19.87 55.79 16.43
CA LEU A 159 21.02 56.27 15.61
C LEU A 159 22.33 55.94 16.36
N ALA A 160 22.35 56.14 17.67
CA ALA A 160 23.54 55.94 18.54
C ALA A 160 23.93 54.47 18.45
N GLN A 161 22.94 53.57 18.55
CA GLN A 161 23.18 52.10 18.38
C GLN A 161 23.60 51.77 16.95
N ALA A 162 22.95 52.36 15.93
CA ALA A 162 23.32 52.11 14.51
C ALA A 162 24.77 52.51 14.26
N LYS A 163 25.26 53.55 14.93
CA LYS A 163 26.64 54.08 14.75
C LYS A 163 27.63 53.09 15.40
N GLU A 164 27.24 52.46 16.50
CA GLU A 164 28.07 51.40 17.17
C GLU A 164 28.11 50.14 16.28
N VAL A 165 26.94 49.71 15.82
CA VAL A 165 26.73 48.36 15.20
C VAL A 165 27.01 48.38 13.71
N ARG A 166 26.90 49.56 13.08
CA ARG A 166 27.11 49.77 11.63
C ARG A 166 26.41 48.71 10.81
N PRO A 167 25.07 48.59 10.91
CA PRO A 167 24.36 47.56 10.16
C PRO A 167 24.38 47.83 8.65
N LYS A 168 24.25 46.78 7.87
CA LYS A 168 24.12 46.87 6.41
C LYS A 168 22.65 47.12 6.04
N LEU A 169 21.71 46.74 6.91
CA LEU A 169 20.25 46.84 6.68
C LEU A 169 19.61 47.13 8.03
N ILE A 170 18.77 48.17 8.08
CA ILE A 170 17.82 48.42 9.19
C ILE A 170 16.43 48.00 8.74
N VAL A 171 15.72 47.27 9.60
CA VAL A 171 14.33 46.80 9.42
C VAL A 171 13.48 47.52 10.46
N ALA A 172 12.55 48.33 9.99
CA ALA A 172 11.53 49.00 10.81
C ALA A 172 10.19 48.34 10.52
N GLY A 173 9.30 48.37 11.49
CA GLY A 173 7.97 47.73 11.42
C GLY A 173 7.84 46.71 12.50
N ALA A 174 6.60 46.42 12.91
CA ALA A 174 6.30 45.77 14.20
C ALA A 174 4.93 45.11 14.16
N SER A 175 4.73 44.21 15.11
CA SER A 175 3.49 43.44 15.34
C SER A 175 2.74 43.95 16.58
N ALA A 176 3.36 44.78 17.43
CA ALA A 176 2.76 45.18 18.73
C ALA A 176 3.04 46.66 19.09
N TYR A 177 3.30 47.52 18.12
CA TYR A 177 3.55 48.96 18.36
C TYR A 177 2.32 49.77 17.94
N SER A 178 1.80 50.59 18.86
CA SER A 178 0.53 51.34 18.72
C SER A 178 0.75 52.69 18.05
N ARG A 179 1.97 53.17 17.86
CA ARG A 179 2.17 54.60 17.49
C ARG A 179 2.68 54.77 16.07
N ILE A 180 2.54 55.99 15.58
CA ILE A 180 2.91 56.35 14.20
C ILE A 180 4.41 56.16 14.09
N ILE A 181 4.89 55.35 13.15
CA ILE A 181 6.35 55.27 12.87
C ILE A 181 6.76 56.43 11.96
N ASP A 182 7.87 57.09 12.26
CA ASP A 182 8.45 58.19 11.44
C ASP A 182 9.44 57.57 10.47
N PHE A 183 8.94 57.17 9.29
CA PHE A 183 9.71 56.43 8.27
C PHE A 183 10.84 57.31 7.73
N ALA A 184 10.65 58.62 7.70
CA ALA A 184 11.68 59.61 7.29
C ALA A 184 12.85 59.64 8.29
N LYS A 185 12.60 59.54 9.59
CA LYS A 185 13.68 59.45 10.60
C LYS A 185 14.42 58.12 10.35
N PHE A 186 13.70 57.02 10.10
CA PHE A 186 14.36 55.70 9.88
C PHE A 186 15.32 55.79 8.71
N ARG A 187 14.93 56.39 7.60
CA ARG A 187 15.78 56.49 6.39
C ARG A 187 16.94 57.48 6.65
N GLU A 188 16.71 58.57 7.40
CA GLU A 188 17.77 59.49 7.89
C GLU A 188 18.84 58.68 8.66
N ILE A 189 18.40 57.82 9.57
CA ILE A 189 19.33 56.98 10.38
C ILE A 189 20.08 56.04 9.43
N ALA A 190 19.35 55.39 8.53
CA ALA A 190 19.95 54.40 7.63
C ALA A 190 21.04 55.12 6.82
N ASP A 191 20.73 56.33 6.36
CA ASP A 191 21.59 57.11 5.44
C ASP A 191 22.84 57.53 6.21
N ALA A 192 22.70 57.88 7.49
CA ALA A 192 23.79 58.33 8.40
C ALA A 192 24.87 57.24 8.57
N VAL A 193 24.55 55.96 8.42
CA VAL A 193 25.50 54.84 8.69
C VAL A 193 25.66 54.00 7.43
N GLY A 194 25.07 54.42 6.30
CA GLY A 194 25.32 53.81 4.99
C GLY A 194 24.56 52.51 4.79
N ALA A 195 23.42 52.35 5.47
CA ALA A 195 22.62 51.11 5.52
C ALA A 195 21.41 51.20 4.60
N TYR A 196 20.94 50.07 4.07
CA TYR A 196 19.62 49.99 3.42
C TYR A 196 18.56 50.09 4.51
N LEU A 197 17.36 50.56 4.16
CA LEU A 197 16.20 50.55 5.05
C LEU A 197 15.15 49.66 4.41
N MET A 198 14.74 48.64 5.14
CA MET A 198 13.58 47.82 4.73
C MET A 198 12.48 48.04 5.75
N VAL A 199 11.26 48.23 5.28
CA VAL A 199 10.10 48.37 6.18
C VAL A 199 9.16 47.22 5.90
N ASP A 200 8.79 46.51 6.96
CA ASP A 200 7.80 45.43 6.89
C ASP A 200 6.50 46.02 7.44
N MET A 201 5.57 46.37 6.55
CA MET A 201 4.36 47.14 6.92
C MET A 201 3.16 46.21 7.07
N ALA A 202 3.41 44.92 7.24
CA ALA A 202 2.38 43.88 7.32
C ALA A 202 1.21 44.34 8.18
N HIS A 203 1.45 44.76 9.41
CA HIS A 203 0.34 45.06 10.36
C HIS A 203 -0.43 46.31 9.92
N ILE A 204 0.25 47.29 9.33
CA ILE A 204 -0.29 48.65 9.06
C ILE A 204 -0.66 48.82 7.59
N ALA A 205 -0.44 47.82 6.74
CA ALA A 205 -0.51 48.02 5.26
C ALA A 205 -1.87 48.61 4.88
N GLY A 206 -2.97 48.18 5.51
CA GLY A 206 -4.32 48.69 5.19
C GLY A 206 -4.53 50.12 5.71
N LEU A 207 -3.87 50.51 6.80
CA LEU A 207 -3.87 51.93 7.26
C LEU A 207 -2.95 52.74 6.34
N VAL A 208 -1.85 52.19 5.83
CA VAL A 208 -1.10 52.95 4.79
C VAL A 208 -2.02 53.13 3.56
N ALA A 209 -2.77 52.09 3.20
CA ALA A 209 -3.65 52.12 2.00
C ALA A 209 -4.82 53.09 2.21
N SER A 210 -5.39 53.12 3.41
CA SER A 210 -6.53 53.98 3.79
C SER A 210 -6.10 55.45 3.96
N GLY A 211 -4.79 55.73 4.07
CA GLY A 211 -4.22 57.08 4.28
C GLY A 211 -4.07 57.45 5.76
N HIS A 212 -4.38 56.54 6.67
CA HIS A 212 -4.38 56.75 8.14
C HIS A 212 -3.01 56.51 8.76
N HIS A 213 -2.04 55.99 8.00
CA HIS A 213 -0.65 55.78 8.47
C HIS A 213 0.30 56.28 7.40
N PRO A 214 1.27 57.15 7.74
CA PRO A 214 2.25 57.60 6.76
C PRO A 214 2.86 56.38 6.05
N SER A 215 3.23 56.53 4.81
CA SER A 215 3.71 55.40 3.98
C SER A 215 5.21 55.22 4.13
N PRO A 216 5.70 53.98 4.27
CA PRO A 216 7.13 53.75 4.15
C PRO A 216 7.71 53.90 2.74
N VAL A 217 6.87 53.88 1.69
CA VAL A 217 7.26 53.59 0.28
C VAL A 217 8.25 54.64 -0.24
N PRO A 218 8.06 55.96 0.04
CA PRO A 218 9.07 56.95 -0.32
C PRO A 218 10.37 56.86 0.48
N TYR A 219 10.43 56.13 1.60
CA TYR A 219 11.59 56.21 2.53
C TYR A 219 12.33 54.88 2.63
N ALA A 220 11.63 53.76 2.46
CA ALA A 220 12.25 52.41 2.52
C ALA A 220 12.83 52.12 1.15
N HIS A 221 14.08 51.73 1.08
CA HIS A 221 14.64 51.10 -0.15
C HIS A 221 13.71 50.00 -0.66
N VAL A 222 13.20 49.18 0.24
CA VAL A 222 12.24 48.10 -0.09
C VAL A 222 11.20 48.06 1.01
N THR A 223 9.93 47.78 0.66
CA THR A 223 8.80 47.60 1.59
C THR A 223 8.19 46.23 1.37
N THR A 224 7.91 45.49 2.44
CA THR A 224 7.33 44.13 2.34
C THR A 224 6.03 44.23 3.10
N THR A 225 5.16 43.25 2.94
CA THR A 225 3.89 43.20 3.68
C THR A 225 3.30 41.85 3.36
N THR A 226 2.44 41.41 4.25
CA THR A 226 1.40 40.43 3.97
C THR A 226 0.31 41.17 3.18
N THR A 227 -0.42 40.43 2.36
CA THR A 227 -1.64 40.88 1.68
C THR A 227 -2.76 40.69 2.72
N HIS A 228 -2.54 39.83 3.70
CA HIS A 228 -3.54 39.67 4.79
C HIS A 228 -3.26 40.69 5.92
N LYS A 229 -4.14 40.75 6.90
CA LYS A 229 -4.07 41.67 8.07
C LYS A 229 -4.89 42.90 7.70
N THR A 230 -4.38 44.12 7.88
CA THR A 230 -5.23 45.33 7.77
C THR A 230 -5.59 45.49 6.30
N LEU A 231 -4.75 45.00 5.39
CA LEU A 231 -4.98 45.18 3.92
C LEU A 231 -6.16 44.30 3.51
N ARG A 232 -6.45 43.30 4.33
CA ARG A 232 -7.67 42.47 4.28
C ARG A 232 -7.67 41.64 2.99
N GLY A 233 -6.49 41.19 2.55
CA GLY A 233 -6.35 40.31 1.38
C GLY A 233 -6.21 38.84 1.74
N PRO A 234 -5.94 37.98 0.74
CA PRO A 234 -5.65 36.58 1.02
C PRO A 234 -4.29 36.51 1.74
N ARG A 235 -3.98 35.36 2.33
CA ARG A 235 -2.65 35.08 2.94
C ARG A 235 -1.58 35.00 1.85
N GLY A 236 -0.60 35.89 1.94
CA GLY A 236 0.52 35.95 1.01
C GLY A 236 1.37 37.15 1.32
N GLY A 237 2.34 37.40 0.46
CA GLY A 237 3.31 38.47 0.57
C GLY A 237 3.31 39.36 -0.64
N LEU A 238 4.10 40.42 -0.57
CA LEU A 238 4.17 41.51 -1.57
C LEU A 238 5.47 42.26 -1.29
N ILE A 239 6.19 42.67 -2.32
CA ILE A 239 7.43 43.51 -2.21
C ILE A 239 7.27 44.73 -3.12
N LEU A 240 7.58 45.94 -2.63
CA LEU A 240 7.55 47.25 -3.33
C LEU A 240 8.92 47.86 -3.24
N THR A 241 9.35 48.54 -4.32
CA THR A 241 10.60 49.33 -4.41
C THR A 241 10.41 50.38 -5.52
N ASP A 242 11.24 51.42 -5.54
CA ASP A 242 11.26 52.48 -6.57
C ASP A 242 12.61 52.43 -7.30
N ASP A 243 13.55 51.63 -6.81
CA ASP A 243 14.87 51.44 -7.43
C ASP A 243 14.80 50.22 -8.38
N GLU A 244 15.06 50.41 -9.68
CA GLU A 244 14.92 49.35 -10.71
C GLU A 244 15.98 48.25 -10.52
N ASP A 245 17.20 48.62 -10.13
CA ASP A 245 18.31 47.66 -9.86
C ASP A 245 17.87 46.74 -8.72
N ILE A 246 17.29 47.31 -7.67
CA ILE A 246 16.84 46.51 -6.52
C ILE A 246 15.70 45.63 -6.99
N ALA A 247 14.77 46.14 -7.77
CA ALA A 247 13.60 45.35 -8.20
C ALA A 247 14.09 44.12 -8.98
N LYS A 248 15.16 44.23 -9.76
CA LYS A 248 15.66 43.09 -10.59
C LYS A 248 16.18 42.00 -9.64
N LYS A 249 16.99 42.37 -8.65
CA LYS A 249 17.55 41.48 -7.59
C LYS A 249 16.37 40.87 -6.81
N LEU A 250 15.40 41.66 -6.39
CA LEU A 250 14.23 41.12 -5.64
C LEU A 250 13.60 40.00 -6.44
N ASN A 251 13.40 40.25 -7.73
CA ASN A 251 12.64 39.36 -8.64
C ASN A 251 13.39 38.02 -8.81
N SER A 252 14.72 38.04 -8.97
CA SER A 252 15.58 36.82 -9.00
C SER A 252 15.44 36.09 -7.66
N ALA A 253 15.55 36.83 -6.55
CA ALA A 253 15.54 36.32 -5.17
C ALA A 253 14.26 35.56 -4.92
N VAL A 254 13.10 36.05 -5.39
CA VAL A 254 11.82 35.35 -5.10
C VAL A 254 11.77 34.10 -5.98
N PHE A 255 12.21 34.23 -7.22
CA PHE A 255 12.21 33.14 -8.22
C PHE A 255 13.33 33.39 -9.20
N PRO A 256 14.27 32.42 -9.36
CA PRO A 256 14.14 31.10 -8.72
C PRO A 256 14.91 30.93 -7.38
N GLY A 257 15.37 32.05 -6.81
CA GLY A 257 16.12 32.12 -5.54
C GLY A 257 15.47 31.31 -4.43
N LEU A 258 14.17 31.47 -4.17
CA LEU A 258 13.50 31.05 -2.91
C LEU A 258 12.30 30.16 -3.23
N GLN A 259 11.57 30.45 -4.30
CA GLN A 259 10.28 29.77 -4.60
C GLN A 259 10.38 29.05 -5.96
N GLY A 260 9.36 28.26 -6.28
CA GLY A 260 9.13 27.79 -7.65
C GLY A 260 8.05 28.60 -8.33
N GLY A 261 6.95 27.94 -8.66
CA GLY A 261 5.79 28.59 -9.27
C GLY A 261 4.89 29.22 -8.21
N PRO A 262 4.30 30.39 -8.52
CA PRO A 262 3.45 31.07 -7.56
C PRO A 262 2.07 30.41 -7.46
N LEU A 263 1.33 30.84 -6.46
CA LEU A 263 -0.09 30.51 -6.29
C LEU A 263 -0.91 31.53 -7.11
N GLU A 264 -0.96 31.40 -8.46
CA GLU A 264 -1.62 32.38 -9.37
C GLU A 264 -3.09 32.64 -8.93
N HIS A 265 -3.76 31.68 -8.33
CA HIS A 265 -5.10 31.81 -7.73
C HIS A 265 -5.11 32.65 -6.44
N VAL A 266 -4.01 32.66 -5.69
CA VAL A 266 -3.88 33.53 -4.50
C VAL A 266 -3.59 34.90 -5.05
N ILE A 267 -2.78 34.97 -6.10
CA ILE A 267 -2.40 36.24 -6.76
C ILE A 267 -3.66 36.89 -7.35
N ALA A 268 -4.58 36.09 -7.90
CA ALA A 268 -5.86 36.59 -8.43
C ALA A 268 -6.55 37.31 -7.29
N ALA A 269 -6.52 36.70 -6.12
CA ALA A 269 -7.29 37.12 -4.95
C ALA A 269 -6.59 38.32 -4.28
N LYS A 270 -5.33 38.60 -4.66
CA LYS A 270 -4.53 39.80 -4.30
C LYS A 270 -4.95 40.96 -5.21
N ALA A 271 -5.23 40.69 -6.48
CA ALA A 271 -5.81 41.69 -7.40
C ALA A 271 -7.20 42.08 -6.86
N VAL A 272 -8.00 41.12 -6.46
CA VAL A 272 -9.33 41.41 -5.87
C VAL A 272 -9.10 42.43 -4.76
N ALA A 273 -8.47 42.02 -3.65
CA ALA A 273 -8.27 42.80 -2.41
C ALA A 273 -7.66 44.16 -2.72
N LEU A 274 -6.72 44.25 -3.68
CA LEU A 274 -6.00 45.50 -3.98
C LEU A 274 -6.99 46.50 -4.59
N LYS A 275 -8.00 46.02 -5.35
CA LYS A 275 -9.12 46.83 -5.88
C LYS A 275 -10.09 47.16 -4.75
N GLU A 276 -10.38 46.24 -3.85
CA GLU A 276 -11.27 46.56 -2.70
C GLU A 276 -10.67 47.73 -1.87
N ALA A 277 -9.34 47.94 -1.94
CA ALA A 277 -8.57 48.89 -1.10
C ALA A 277 -8.21 50.15 -1.90
N LEU A 278 -8.31 50.12 -3.23
CA LEU A 278 -8.26 51.37 -4.04
C LEU A 278 -9.60 52.10 -3.99
N ASP A 279 -10.62 51.52 -3.34
CA ASP A 279 -12.01 52.03 -3.35
C ASP A 279 -12.22 53.02 -2.21
N PRO A 280 -12.86 54.18 -2.52
CA PRO A 280 -13.34 55.11 -1.50
C PRO A 280 -13.72 54.47 -0.16
N ALA A 281 -14.58 53.46 -0.20
CA ALA A 281 -15.07 52.78 1.02
C ALA A 281 -13.89 52.34 1.91
N PHE A 282 -12.70 52.10 1.35
CA PHE A 282 -11.58 51.53 2.16
C PHE A 282 -11.05 52.58 3.16
N LYS A 283 -11.02 53.84 2.73
CA LYS A 283 -10.74 55.00 3.63
C LYS A 283 -11.65 54.97 4.85
N GLU A 284 -12.96 54.81 4.63
CA GLU A 284 -13.95 54.74 5.75
C GLU A 284 -13.61 53.57 6.65
N TYR A 285 -13.20 52.44 6.07
CA TYR A 285 -12.84 51.21 6.83
C TYR A 285 -11.72 51.56 7.83
N GLY A 286 -10.63 52.12 7.32
CA GLY A 286 -9.44 52.50 8.12
C GLY A 286 -9.77 53.52 9.21
N GLU A 287 -10.66 54.46 8.92
CA GLU A 287 -11.13 55.47 9.90
C GLU A 287 -11.84 54.71 11.02
N ASN A 288 -12.70 53.78 10.63
CA ASN A 288 -13.45 52.98 11.63
C ASN A 288 -12.49 52.08 12.36
N VAL A 289 -11.39 51.66 11.72
CA VAL A 289 -10.41 50.81 12.43
C VAL A 289 -9.79 51.66 13.53
N ILE A 290 -9.42 52.91 13.19
CA ILE A 290 -8.70 53.85 14.13
C ILE A 290 -9.63 54.13 15.31
N LYS A 291 -10.85 54.60 15.02
CA LYS A 291 -11.86 54.96 16.07
C LYS A 291 -12.14 53.74 16.96
N ASN A 292 -12.31 52.57 16.33
CA ASN A 292 -12.71 51.31 17.02
C ASN A 292 -11.66 50.90 18.04
N ALA A 293 -10.37 50.94 17.68
CA ALA A 293 -9.28 50.56 18.61
C ALA A 293 -9.17 51.62 19.71
N ALA A 294 -9.44 52.88 19.37
CA ALA A 294 -9.31 54.02 20.31
C ALA A 294 -10.33 53.82 21.43
N ALA A 295 -11.60 53.68 21.03
CA ALA A 295 -12.74 53.34 21.90
C ALA A 295 -12.32 52.25 22.89
N MET A 296 -11.68 51.20 22.39
CA MET A 296 -11.32 50.01 23.20
C MET A 296 -10.18 50.36 24.15
N ALA A 297 -9.23 51.17 23.70
CA ALA A 297 -8.06 51.55 24.53
C ALA A 297 -8.51 52.53 25.62
N ASP A 298 -9.57 53.30 25.37
CA ASP A 298 -10.13 54.27 26.36
C ASP A 298 -10.34 53.52 27.68
N VAL A 299 -11.25 52.54 27.63
CA VAL A 299 -11.70 51.68 28.76
C VAL A 299 -10.51 51.24 29.62
N PHE A 300 -9.39 50.79 29.03
CA PHE A 300 -8.24 50.27 29.81
C PHE A 300 -7.44 51.45 30.41
N ASN A 301 -7.51 52.60 29.75
CA ASN A 301 -6.84 53.84 30.27
C ASN A 301 -7.55 54.14 31.61
N GLN A 302 -8.82 54.58 31.56
CA GLN A 302 -9.69 54.88 32.73
C GLN A 302 -9.33 54.00 33.93
N HIS A 303 -9.52 52.69 33.79
CA HIS A 303 -9.55 51.76 34.94
C HIS A 303 -8.18 51.72 35.61
N PRO A 304 -8.10 51.94 36.93
CA PRO A 304 -6.83 52.09 37.64
C PRO A 304 -5.86 50.90 37.66
N ASP A 305 -6.39 49.68 37.66
CA ASP A 305 -5.59 48.42 37.74
C ASP A 305 -4.91 48.14 36.40
N PHE A 306 -5.42 48.71 35.30
CA PHE A 306 -4.98 48.45 33.89
C PHE A 306 -4.31 49.67 33.24
N ARG A 307 -3.24 49.38 32.49
CA ARG A 307 -2.40 50.34 31.74
C ARG A 307 -2.25 49.91 30.27
N VAL A 308 -2.78 50.73 29.34
CA VAL A 308 -2.48 50.67 27.88
C VAL A 308 -1.00 51.06 27.64
N ILE A 309 -0.20 50.22 26.99
CA ILE A 309 1.22 50.50 26.62
C ILE A 309 1.32 51.75 25.72
N SER A 310 2.32 52.61 25.96
CA SER A 310 2.49 53.93 25.30
C SER A 310 1.33 54.89 25.65
N GLY A 311 0.38 54.46 26.49
CA GLY A 311 -0.70 55.35 26.98
C GLY A 311 -1.88 55.37 26.07
N GLY A 312 -1.78 54.76 24.88
CA GLY A 312 -2.84 54.78 23.84
C GLY A 312 -2.39 54.15 22.53
N THR A 313 -3.06 54.49 21.43
CA THR A 313 -2.78 53.97 20.08
C THR A 313 -3.19 54.99 19.03
N ASN A 314 -2.43 55.05 17.92
CA ASN A 314 -2.81 55.78 16.68
C ASN A 314 -2.94 54.79 15.51
N ASN A 315 -3.12 53.51 15.77
CA ASN A 315 -3.39 52.52 14.70
C ASN A 315 -4.52 51.58 15.14
N HIS A 316 -4.39 50.28 14.84
CA HIS A 316 -5.50 49.30 14.85
C HIS A 316 -5.39 48.43 16.09
N LEU A 317 -4.21 48.41 16.71
CA LEU A 317 -3.91 47.58 17.89
C LEU A 317 -3.47 48.46 19.05
N PHE A 318 -3.38 47.86 20.22
CA PHE A 318 -2.68 48.34 21.44
C PHE A 318 -2.49 47.15 22.35
N LEU A 319 -1.52 47.25 23.24
CA LEU A 319 -1.21 46.31 24.34
C LEU A 319 -1.78 46.86 25.66
N VAL A 320 -2.41 45.99 26.47
CA VAL A 320 -2.83 46.27 27.86
C VAL A 320 -2.00 45.40 28.82
N ASP A 321 -1.46 45.98 29.90
CA ASP A 321 -0.83 45.20 31.01
C ASP A 321 -1.97 44.66 31.89
N VAL A 322 -1.69 43.56 32.59
CA VAL A 322 -2.69 42.77 33.39
C VAL A 322 -2.07 42.34 34.73
N THR A 323 -0.74 42.38 34.93
CA THR A 323 -0.03 41.75 36.08
C THR A 323 -0.38 42.45 37.41
N LYS A 324 -1.35 43.39 37.38
CA LYS A 324 -2.19 43.77 38.54
C LYS A 324 -3.65 43.44 38.16
N VAL A 325 -3.94 42.14 38.04
CA VAL A 325 -5.32 41.57 37.96
C VAL A 325 -5.31 40.18 37.28
N VAL A 326 -4.14 39.54 37.11
CA VAL A 326 -3.93 38.06 36.91
C VAL A 326 -2.43 37.76 36.90
N GLU A 327 -2.05 36.49 37.11
CA GLU A 327 -0.61 36.11 37.19
C GLU A 327 0.15 36.68 35.98
N ASN A 328 -0.46 36.59 34.79
CA ASN A 328 0.22 36.74 33.47
C ASN A 328 -0.81 36.81 32.34
N GLY A 329 -0.33 37.10 31.12
CA GLY A 329 -1.18 37.29 29.92
C GLY A 329 -1.73 35.98 29.40
N LYS A 330 -0.96 34.90 29.53
CA LYS A 330 -1.49 33.54 29.24
C LYS A 330 -2.85 33.41 29.93
N VAL A 331 -2.85 33.57 31.26
CA VAL A 331 -4.08 33.42 32.11
C VAL A 331 -5.12 34.39 31.55
N ALA A 332 -4.73 35.65 31.37
CA ALA A 332 -5.57 36.70 30.74
C ALA A 332 -6.32 36.10 29.55
N GLN A 333 -5.60 35.62 28.53
CA GLN A 333 -6.20 35.07 27.27
C GLN A 333 -7.01 33.79 27.54
N ASN A 334 -6.47 32.85 28.33
CA ASN A 334 -7.24 31.63 28.73
C ASN A 334 -8.62 32.10 29.23
N VAL A 335 -8.64 33.01 30.23
CA VAL A 335 -9.91 33.50 30.83
C VAL A 335 -10.79 34.04 29.71
N LEU A 336 -10.21 34.81 28.81
CA LEU A 336 -10.98 35.61 27.82
C LEU A 336 -11.57 34.69 26.76
N GLU A 337 -10.83 33.64 26.40
CA GLU A 337 -11.30 32.60 25.44
C GLU A 337 -12.55 31.94 26.03
N GLU A 338 -12.55 31.70 27.35
CA GLU A 338 -13.69 31.07 28.09
C GLU A 338 -14.97 31.89 27.89
N VAL A 339 -14.91 33.08 27.26
CA VAL A 339 -16.07 34.01 27.14
C VAL A 339 -16.42 34.26 25.68
N ASN A 340 -15.71 33.62 24.73
CA ASN A 340 -15.90 33.77 23.25
C ASN A 340 -15.24 35.07 22.76
N ILE A 341 -14.13 35.46 23.39
CA ILE A 341 -13.30 36.62 22.96
C ILE A 341 -11.89 36.08 22.69
N THR A 342 -11.48 36.03 21.43
CA THR A 342 -10.10 35.59 21.10
C THR A 342 -9.22 36.83 20.95
N LEU A 343 -8.10 36.77 21.63
CA LEU A 343 -6.94 37.67 21.39
C LEU A 343 -5.75 36.85 21.83
N ASN A 344 -4.58 37.47 21.99
CA ASN A 344 -3.34 36.77 22.36
C ASN A 344 -2.68 37.49 23.53
N LYS A 345 -2.12 36.70 24.44
CA LYS A 345 -1.03 37.13 25.34
C LYS A 345 -0.02 37.85 24.47
N ASN A 346 0.82 38.68 25.08
CA ASN A 346 1.88 39.44 24.38
C ASN A 346 2.86 39.99 25.40
N SER A 347 4.15 39.68 25.22
CA SER A 347 5.26 40.49 25.79
C SER A 347 4.89 41.97 25.70
N ILE A 348 5.18 42.73 26.75
CA ILE A 348 5.11 44.22 26.76
C ILE A 348 6.55 44.67 26.84
N PRO A 349 6.90 45.93 26.53
CA PRO A 349 8.30 46.36 26.48
C PRO A 349 8.95 45.99 27.82
N TYR A 350 10.19 45.54 27.83
CA TYR A 350 10.94 45.16 29.06
C TYR A 350 10.06 44.19 29.84
N GLU A 351 9.73 43.07 29.20
CA GLU A 351 8.86 42.02 29.75
C GLU A 351 9.55 41.46 31.00
N GLN A 352 8.79 41.32 32.10
CA GLN A 352 9.29 40.68 33.35
C GLN A 352 9.19 39.15 33.20
N LEU A 353 7.97 38.69 32.96
CA LEU A 353 7.53 37.28 33.06
C LEU A 353 8.18 36.44 31.95
N SER A 354 7.66 35.23 31.72
CA SER A 354 8.19 34.30 30.69
C SER A 354 7.46 34.60 29.39
N PRO A 355 8.18 34.47 28.24
CA PRO A 355 7.57 34.47 26.92
C PRO A 355 6.23 33.74 26.86
N PHE A 356 6.12 32.60 27.56
CA PHE A 356 4.96 31.67 27.48
C PHE A 356 3.82 32.22 28.35
N LYS A 357 4.11 33.18 29.22
CA LYS A 357 3.14 33.73 30.20
C LYS A 357 2.84 35.19 29.88
N THR A 358 3.87 36.04 29.94
CA THR A 358 3.86 37.49 29.59
C THR A 358 2.91 38.31 30.48
N SER A 359 3.27 39.60 30.66
CA SER A 359 2.52 40.61 31.45
C SER A 359 1.35 41.23 30.69
N GLY A 360 1.07 40.86 29.42
CA GLY A 360 0.14 41.65 28.58
C GLY A 360 -0.77 40.84 27.67
N ILE A 361 -1.88 41.45 27.25
CA ILE A 361 -2.75 41.05 26.10
C ILE A 361 -2.48 42.00 24.92
N ARG A 362 -2.77 41.59 23.68
CA ARG A 362 -2.75 42.51 22.52
C ARG A 362 -4.13 42.51 21.92
N VAL A 363 -4.66 43.67 21.53
CA VAL A 363 -6.07 43.85 21.08
C VAL A 363 -6.08 44.56 19.73
N GLY A 364 -6.90 44.13 18.79
CA GLY A 364 -7.01 44.79 17.48
C GLY A 364 -8.44 45.02 17.12
N SER A 365 -8.69 46.02 16.30
CA SER A 365 -10.02 46.44 15.84
C SER A 365 -10.35 45.96 14.44
N PRO A 366 -9.41 45.44 13.62
CA PRO A 366 -9.72 45.25 12.20
C PRO A 366 -10.77 44.18 11.86
N ALA A 367 -10.77 43.03 12.54
CA ALA A 367 -11.80 41.99 12.29
C ALA A 367 -13.18 42.56 12.64
N ILE A 368 -13.37 42.97 13.92
CA ILE A 368 -14.69 43.44 14.44
C ILE A 368 -15.16 44.63 13.59
N THR A 369 -14.24 45.42 13.03
CA THR A 369 -14.57 46.59 12.18
C THR A 369 -15.10 46.10 10.84
N SER A 370 -14.56 44.97 10.37
CA SER A 370 -14.92 44.38 9.07
C SER A 370 -16.35 43.78 9.19
N ARG A 371 -16.76 43.34 10.39
CA ARG A 371 -18.14 42.87 10.70
C ARG A 371 -19.12 44.05 10.90
N GLY A 372 -18.74 45.28 10.49
CA GLY A 372 -19.58 46.50 10.47
C GLY A 372 -19.79 47.15 11.85
N MET A 373 -19.14 46.65 12.90
CA MET A 373 -19.17 47.19 14.29
C MET A 373 -18.57 48.62 14.34
N GLY A 374 -18.72 49.26 15.51
CA GLY A 374 -18.47 50.69 15.80
C GLY A 374 -18.05 50.88 17.24
N GLU A 375 -18.09 52.11 17.78
CA GLU A 375 -17.38 52.46 19.04
C GLU A 375 -18.09 51.91 20.29
N ALA A 376 -19.42 51.92 20.36
CA ALA A 376 -20.15 51.42 21.56
C ALA A 376 -19.77 49.96 21.82
N GLU A 377 -19.94 49.14 20.77
CA GLU A 377 -19.63 47.69 20.72
C GLU A 377 -18.23 47.47 21.30
N SER A 378 -17.27 48.21 20.74
CA SER A 378 -15.83 48.11 21.08
C SER A 378 -15.64 48.36 22.58
N ARG A 379 -16.30 49.41 23.09
CA ARG A 379 -16.27 49.74 24.54
C ARG A 379 -16.78 48.53 25.34
N GLN A 380 -17.98 48.03 25.00
CA GLN A 380 -18.60 46.87 25.73
C GLN A 380 -17.57 45.75 25.90
N ILE A 381 -16.94 45.37 24.78
CA ILE A 381 -15.95 44.25 24.69
C ILE A 381 -14.88 44.50 25.75
N ALA A 382 -14.30 45.70 25.74
CA ALA A 382 -13.28 46.16 26.71
C ALA A 382 -13.87 46.14 28.13
N GLU A 383 -15.12 46.54 28.30
CA GLU A 383 -15.78 46.43 29.64
C GLU A 383 -15.72 44.95 30.06
N TRP A 384 -16.25 44.08 29.21
CA TRP A 384 -16.33 42.60 29.36
C TRP A 384 -14.93 42.05 29.68
N MET A 385 -13.90 42.57 29.02
CA MET A 385 -12.53 42.01 29.14
C MET A 385 -11.98 42.44 30.51
N VAL A 386 -12.41 43.62 31.00
CA VAL A 386 -12.14 44.10 32.39
C VAL A 386 -12.97 43.23 33.36
N GLU A 387 -14.30 43.18 33.20
CA GLU A 387 -15.17 42.33 34.09
C GLU A 387 -14.44 40.99 34.33
N ALA A 388 -14.31 40.19 33.27
CA ALA A 388 -13.83 38.79 33.26
C ALA A 388 -12.45 38.67 33.92
N LEU A 389 -11.55 39.61 33.65
CA LEU A 389 -10.11 39.50 34.05
C LEU A 389 -9.96 39.76 35.56
N GLU A 390 -10.90 40.50 36.16
CA GLU A 390 -10.91 40.81 37.62
C GLU A 390 -11.59 39.66 38.36
N ASN A 391 -12.58 39.03 37.72
CA ASN A 391 -13.43 37.91 38.24
C ASN A 391 -12.93 36.60 37.62
N HIS A 392 -11.59 36.46 37.58
CA HIS A 392 -10.83 35.50 36.74
C HIS A 392 -11.21 34.09 37.16
N ASP A 393 -11.57 33.90 38.43
CA ASP A 393 -12.17 32.63 38.95
C ASP A 393 -13.45 32.94 39.73
N LYS A 394 -14.45 33.52 39.05
CA LYS A 394 -15.86 33.61 39.53
C LYS A 394 -16.79 33.18 38.39
N PRO A 395 -16.81 31.87 38.06
CA PRO A 395 -17.47 31.36 36.83
C PRO A 395 -18.96 31.69 36.64
N GLU A 396 -19.67 32.06 37.70
CA GLU A 396 -21.00 32.70 37.60
C GLU A 396 -20.89 33.90 36.64
N VAL A 397 -19.89 34.75 36.90
CA VAL A 397 -19.53 35.99 36.13
C VAL A 397 -19.28 35.57 34.67
N LEU A 398 -18.18 34.83 34.43
CA LEU A 398 -17.60 34.51 33.09
C LEU A 398 -18.73 34.05 32.16
N GLU A 399 -19.73 33.33 32.68
CA GLU A 399 -20.85 32.73 31.89
C GLU A 399 -21.92 33.78 31.57
N ARG A 400 -22.20 34.67 32.52
CA ARG A 400 -23.13 35.81 32.30
C ARG A 400 -22.58 36.61 31.10
N ILE A 401 -21.26 36.87 31.11
CA ILE A 401 -20.55 37.60 30.02
C ILE A 401 -20.75 36.81 28.71
N ARG A 402 -20.47 35.49 28.73
CA ARG A 402 -20.52 34.58 27.54
C ARG A 402 -21.82 34.78 26.77
N GLY A 403 -22.95 34.75 27.50
CA GLY A 403 -24.30 34.97 26.98
C GLY A 403 -24.43 36.33 26.34
N ASP A 404 -23.85 37.35 26.99
CA ASP A 404 -23.80 38.72 26.43
C ASP A 404 -22.93 38.74 25.18
N VAL A 405 -21.69 38.26 25.30
CA VAL A 405 -20.77 38.11 24.13
C VAL A 405 -21.61 37.57 22.98
N LYS A 406 -22.32 36.46 23.22
CA LYS A 406 -23.21 35.77 22.23
C LYS A 406 -24.28 36.74 21.73
N VAL A 407 -24.99 37.44 22.62
CA VAL A 407 -26.03 38.44 22.24
C VAL A 407 -25.45 39.31 21.12
N LEU A 408 -24.20 39.76 21.32
CA LEU A 408 -23.49 40.69 20.38
C LEU A 408 -23.00 39.94 19.12
N THR A 409 -22.32 38.78 19.29
CA THR A 409 -21.77 38.00 18.14
C THR A 409 -22.94 37.65 17.21
N ASP A 410 -24.07 37.22 17.82
CA ASP A 410 -25.39 36.99 17.18
C ASP A 410 -25.84 38.28 16.49
N ALA A 411 -25.92 39.37 17.26
CA ALA A 411 -26.37 40.73 16.87
C ALA A 411 -25.64 41.20 15.60
N PHE A 412 -24.33 41.01 15.55
CA PHE A 412 -23.53 41.29 14.32
C PHE A 412 -23.31 40.02 13.50
N PRO A 413 -23.31 40.12 12.15
CA PRO A 413 -23.17 38.95 11.28
C PRO A 413 -21.68 38.76 10.99
N LEU A 414 -21.33 37.89 10.02
CA LEU A 414 -19.96 37.75 9.44
C LEU A 414 -20.06 37.78 7.90
N TYR A 415 -20.85 36.88 7.31
CA TYR A 415 -21.12 36.87 5.85
C TYR A 415 -22.61 36.62 5.64
N ASP B 6 -23.64 40.96 -6.44
CA ASP B 6 -22.70 40.23 -7.33
C ASP B 6 -21.32 40.88 -7.27
N TYR B 7 -20.40 40.28 -6.50
CA TYR B 7 -18.99 40.72 -6.33
C TYR B 7 -18.28 40.80 -7.70
N LYS B 8 -18.73 40.00 -8.67
CA LYS B 8 -18.12 39.95 -10.03
C LYS B 8 -18.27 41.32 -10.71
N ALA B 9 -19.38 42.02 -10.44
CA ALA B 9 -19.75 43.36 -10.97
C ALA B 9 -18.70 44.39 -10.55
N PHE B 10 -18.44 44.48 -9.24
CA PHE B 10 -17.37 45.29 -8.61
C PHE B 10 -16.09 45.19 -9.46
N ASP B 11 -15.53 43.99 -9.67
CA ASP B 11 -14.20 43.84 -10.34
C ASP B 11 -14.39 43.11 -11.67
N PRO B 12 -14.85 43.82 -12.73
CA PRO B 12 -15.17 43.14 -13.97
C PRO B 12 -13.91 42.58 -14.64
N GLU B 13 -12.83 43.35 -14.74
CA GLU B 13 -11.70 43.02 -15.65
C GLU B 13 -10.73 42.00 -14.99
N LEU B 14 -10.98 41.61 -13.74
CA LEU B 14 -10.26 40.53 -13.04
C LEU B 14 -10.97 39.23 -13.38
N TRP B 15 -12.26 39.13 -13.05
CA TRP B 15 -13.12 37.93 -13.25
C TRP B 15 -13.31 37.56 -14.75
N ASN B 16 -12.95 38.46 -15.69
CA ASN B 16 -12.94 38.21 -17.15
C ASN B 16 -11.50 37.94 -17.64
N ALA B 17 -10.51 37.89 -16.75
CA ALA B 17 -9.22 37.26 -17.07
C ALA B 17 -9.31 35.82 -16.54
N ILE B 18 -10.08 35.65 -15.45
CA ILE B 18 -10.44 34.35 -14.83
C ILE B 18 -11.38 33.62 -15.77
N ASP B 19 -11.70 34.22 -16.92
CA ASP B 19 -12.57 33.57 -17.93
C ASP B 19 -11.72 33.30 -19.17
N ALA B 20 -10.95 34.27 -19.66
CA ALA B 20 -9.97 33.96 -20.71
C ALA B 20 -9.11 32.73 -20.29
N GLU B 21 -9.09 32.34 -18.99
CA GLU B 21 -8.21 31.26 -18.47
C GLU B 21 -8.98 29.94 -18.37
N ALA B 22 -10.15 29.93 -17.74
CA ALA B 22 -11.06 28.77 -17.71
C ALA B 22 -11.45 28.31 -19.13
N GLU B 23 -11.12 29.12 -20.17
CA GLU B 23 -11.31 28.84 -21.61
C GLU B 23 -9.97 28.55 -22.27
N ARG B 24 -8.87 29.18 -21.83
CA ARG B 24 -7.53 28.84 -22.36
C ARG B 24 -7.19 27.42 -21.89
N GLN B 25 -7.73 27.01 -20.74
CA GLN B 25 -7.57 25.64 -20.17
C GLN B 25 -8.44 24.67 -20.98
N GLN B 26 -9.61 25.12 -21.43
CA GLN B 26 -10.47 24.33 -22.36
C GLN B 26 -9.74 24.06 -23.68
N ASN B 27 -9.53 25.06 -24.52
CA ASN B 27 -9.12 24.83 -25.93
C ASN B 27 -7.60 24.53 -25.99
N ASN B 28 -6.95 24.26 -24.84
CA ASN B 28 -5.53 23.82 -24.75
C ASN B 28 -5.48 22.30 -24.52
C ASN B 28 -5.48 22.30 -24.52
N ILE B 29 -4.52 21.66 -25.19
CA ILE B 29 -4.07 20.27 -24.90
C ILE B 29 -2.90 20.45 -23.95
N GLU B 30 -3.13 20.12 -22.67
CA GLU B 30 -2.08 20.34 -21.63
C GLU B 30 -1.27 19.04 -21.48
N LEU B 31 -0.03 19.04 -21.94
CA LEU B 31 0.89 17.88 -21.82
C LEU B 31 2.12 18.26 -21.00
N ILE B 32 2.06 19.39 -20.32
CA ILE B 32 3.10 19.79 -19.33
C ILE B 32 3.00 18.77 -18.19
N ALA B 33 4.09 18.00 -18.03
CA ALA B 33 4.16 16.79 -17.17
C ALA B 33 3.68 17.13 -15.75
N SER B 34 4.02 18.32 -15.26
CA SER B 34 3.72 18.84 -13.89
C SER B 34 2.25 19.13 -13.68
N GLU B 35 1.46 19.33 -14.73
CA GLU B 35 0.12 19.97 -14.58
C GLU B 35 -0.92 18.94 -14.23
N ASN B 36 -2.09 19.36 -13.77
CA ASN B 36 -3.23 18.45 -13.53
C ASN B 36 -4.50 19.32 -13.48
N VAL B 37 -5.60 18.70 -13.08
CA VAL B 37 -6.96 19.29 -13.06
C VAL B 37 -7.60 18.80 -11.75
N VAL B 38 -7.69 19.64 -10.72
CA VAL B 38 -8.10 19.21 -9.36
C VAL B 38 -9.62 19.15 -9.29
N SER B 39 -10.19 18.43 -8.32
CA SER B 39 -11.67 18.29 -8.21
C SER B 39 -12.26 19.69 -7.97
N LYS B 40 -13.59 19.78 -7.85
CA LYS B 40 -14.27 21.00 -7.36
C LYS B 40 -14.12 21.05 -5.84
N ALA B 41 -14.17 19.90 -5.18
CA ALA B 41 -13.94 19.75 -3.72
C ALA B 41 -12.63 20.45 -3.33
N VAL B 42 -11.57 20.29 -4.11
CA VAL B 42 -10.24 20.82 -3.76
C VAL B 42 -10.32 22.34 -3.93
N MET B 43 -10.68 22.81 -5.12
CA MET B 43 -10.81 24.25 -5.46
C MET B 43 -11.73 24.96 -4.45
N ALA B 44 -12.75 24.29 -3.93
CA ALA B 44 -13.75 24.90 -3.02
C ALA B 44 -13.11 25.08 -1.65
N ALA B 45 -12.39 24.06 -1.18
CA ALA B 45 -11.72 24.03 0.13
C ALA B 45 -10.72 25.21 0.24
N GLN B 46 -10.04 25.54 -0.85
CA GLN B 46 -8.98 26.57 -0.91
C GLN B 46 -9.64 27.95 -0.88
N GLY B 47 -10.95 27.99 -1.14
CA GLY B 47 -11.77 29.21 -1.19
C GLY B 47 -12.72 29.23 -0.02
N THR B 48 -12.34 28.67 1.14
CA THR B 48 -13.08 28.82 2.43
C THR B 48 -12.46 29.97 3.24
N LEU B 49 -13.11 30.25 4.37
CA LEU B 49 -12.78 31.34 5.33
C LEU B 49 -11.85 30.79 6.42
N LEU B 50 -11.19 29.67 6.13
CA LEU B 50 -9.97 29.24 6.85
C LEU B 50 -8.81 30.19 6.48
N THR B 51 -8.89 30.94 5.39
CA THR B 51 -7.90 32.01 5.02
C THR B 51 -7.97 33.20 6.01
N ASN B 52 -8.97 33.26 6.89
CA ASN B 52 -9.07 34.36 7.89
C ASN B 52 -8.29 33.97 9.15
N LYS B 53 -8.01 32.68 9.37
CA LYS B 53 -7.47 32.21 10.67
C LYS B 53 -5.96 31.91 10.62
N THR B 54 -5.20 32.60 11.48
CA THR B 54 -3.74 32.43 11.67
C THR B 54 -3.53 31.41 12.77
N ALA B 55 -2.80 30.36 12.46
CA ALA B 55 -2.66 29.13 13.26
C ALA B 55 -1.18 28.80 13.43
N GLU B 56 -0.35 29.77 13.81
CA GLU B 56 1.10 29.50 13.97
C GLU B 56 1.25 28.37 14.96
N GLY B 57 2.25 27.51 14.72
CA GLY B 57 2.52 26.27 15.45
C GLY B 57 1.88 25.06 14.80
N TYR B 58 1.61 24.04 15.61
CA TYR B 58 1.20 22.68 15.21
C TYR B 58 0.01 22.27 16.07
N PRO B 59 -0.83 21.31 15.62
CA PRO B 59 -2.05 20.94 16.34
C PRO B 59 -1.82 20.65 17.82
N GLY B 60 -2.68 21.24 18.67
CA GLY B 60 -2.56 21.29 20.14
C GLY B 60 -1.27 21.94 20.61
N LYS B 61 -0.67 22.82 19.80
CA LYS B 61 0.61 23.49 20.13
C LYS B 61 0.62 24.81 19.39
N ARG B 62 -0.54 25.47 19.34
CA ARG B 62 -0.73 26.74 18.60
C ARG B 62 -0.19 27.87 19.47
N TYR B 63 0.17 29.00 18.83
CA TYR B 63 0.59 30.24 19.52
C TYR B 63 -0.67 30.85 20.15
N TYR B 64 -1.80 30.75 19.45
CA TYR B 64 -3.10 31.36 19.83
C TYR B 64 -4.23 30.32 19.97
N GLY B 65 -5.32 30.74 20.61
CA GLY B 65 -6.59 29.99 20.70
C GLY B 65 -7.49 30.25 19.49
N GLY B 66 -8.76 29.84 19.59
CA GLY B 66 -9.68 29.77 18.44
C GLY B 66 -9.18 28.80 17.36
N THR B 67 -8.26 27.89 17.70
CA THR B 67 -7.61 26.96 16.73
C THR B 67 -8.00 25.49 16.95
N ALA B 68 -9.12 25.21 17.61
CA ALA B 68 -9.63 23.84 17.90
C ALA B 68 -10.03 23.15 16.60
N VAL B 69 -10.83 23.85 15.80
CA VAL B 69 -11.43 23.37 14.54
C VAL B 69 -10.34 23.35 13.45
N ILE B 70 -9.39 24.28 13.52
CA ILE B 70 -8.20 24.30 12.62
C ILE B 70 -7.42 23.01 12.87
N ASP B 71 -7.30 22.62 14.14
CA ASP B 71 -6.50 21.45 14.60
C ASP B 71 -7.11 20.15 14.02
N VAL B 72 -8.44 20.09 13.92
CA VAL B 72 -9.20 18.92 13.38
C VAL B 72 -8.85 18.77 11.89
N VAL B 73 -8.93 19.87 11.14
CA VAL B 73 -8.68 19.94 9.68
C VAL B 73 -7.23 19.62 9.34
N GLU B 74 -6.27 20.19 10.07
CA GLU B 74 -4.83 19.93 9.83
C GLU B 74 -4.56 18.47 10.19
N THR B 75 -5.09 18.00 11.32
CA THR B 75 -4.89 16.62 11.83
C THR B 75 -5.38 15.61 10.78
N LEU B 76 -6.46 15.93 10.06
CA LEU B 76 -6.99 15.10 8.95
C LEU B 76 -5.93 15.02 7.86
N ALA B 77 -5.48 16.17 7.34
CA ALA B 77 -4.44 16.21 6.28
C ALA B 77 -3.27 15.34 6.71
N ILE B 78 -2.84 15.51 7.95
CA ILE B 78 -1.60 14.85 8.48
C ILE B 78 -1.83 13.34 8.48
N GLU B 79 -3.01 12.89 8.95
CA GLU B 79 -3.34 11.45 9.17
C GLU B 79 -3.61 10.78 7.82
N ARG B 80 -4.35 11.45 6.95
CA ARG B 80 -4.61 10.98 5.56
C ARG B 80 -3.26 10.85 4.83
N ALA B 81 -2.29 11.73 5.05
CA ALA B 81 -0.96 11.62 4.41
C ALA B 81 -0.22 10.38 4.96
N LYS B 82 -0.21 10.18 6.27
CA LYS B 82 0.50 9.06 6.93
C LYS B 82 -0.06 7.76 6.38
N LYS B 83 -1.39 7.69 6.35
CA LYS B 83 -2.22 6.55 5.90
C LYS B 83 -1.92 6.24 4.44
N LEU B 84 -2.14 7.21 3.56
CA LEU B 84 -1.94 7.06 2.10
C LEU B 84 -0.52 6.62 1.82
N PHE B 85 0.49 7.20 2.48
CA PHE B 85 1.89 6.98 2.07
C PHE B 85 2.60 6.04 3.02
N GLY B 86 1.93 5.61 4.08
CA GLY B 86 2.52 4.66 5.05
C GLY B 86 3.65 5.26 5.87
N ALA B 87 3.54 6.53 6.23
CA ALA B 87 4.58 7.21 7.02
C ALA B 87 4.07 7.38 8.46
N LYS B 88 4.99 7.36 9.43
CA LYS B 88 4.69 7.57 10.87
C LYS B 88 4.51 9.05 11.17
N PHE B 89 5.18 9.95 10.43
CA PHE B 89 5.03 11.42 10.59
C PHE B 89 4.82 12.10 9.24
N ALA B 90 3.82 13.00 9.20
CA ALA B 90 3.61 13.98 8.10
C ALA B 90 3.57 15.41 8.63
N ASN B 91 4.17 16.31 7.85
CA ASN B 91 4.03 17.78 8.00
C ASN B 91 3.37 18.32 6.72
N VAL B 92 2.22 18.95 6.87
CA VAL B 92 1.35 19.44 5.76
C VAL B 92 1.45 20.94 5.57
N GLN B 93 2.28 21.66 6.35
CA GLN B 93 2.27 23.16 6.30
C GLN B 93 3.12 23.74 5.18
N PRO B 94 4.14 23.06 4.62
CA PRO B 94 5.00 23.74 3.64
C PRO B 94 4.17 24.34 2.49
N HIS B 95 4.49 25.56 2.07
CA HIS B 95 3.69 26.37 1.12
C HIS B 95 3.90 25.84 -0.30
N SER B 96 5.00 25.15 -0.52
CA SER B 96 5.44 24.76 -1.88
C SER B 96 6.35 23.53 -1.78
N GLY B 97 6.69 22.91 -2.91
CA GLY B 97 7.71 21.86 -2.89
C GLY B 97 9.04 22.43 -2.50
N SER B 98 9.36 23.63 -3.00
CA SER B 98 10.60 24.39 -2.73
C SER B 98 10.77 24.64 -1.22
N GLN B 99 9.70 25.03 -0.52
CA GLN B 99 9.76 25.20 0.95
C GLN B 99 9.92 23.82 1.61
N ALA B 100 9.14 22.81 1.21
CA ALA B 100 9.26 21.42 1.74
C ALA B 100 10.74 21.00 1.71
N ASN B 101 11.40 21.19 0.58
CA ASN B 101 12.80 20.74 0.41
C ASN B 101 13.73 21.60 1.27
N ALA B 102 13.50 22.92 1.33
CA ALA B 102 14.33 23.85 2.12
C ALA B 102 14.37 23.38 3.58
N ALA B 103 13.23 23.01 4.13
CA ALA B 103 13.02 22.49 5.49
C ALA B 103 13.83 21.21 5.72
N VAL B 104 13.95 20.35 4.73
CA VAL B 104 14.73 19.09 4.89
C VAL B 104 16.22 19.41 4.92
N TYR B 105 16.71 20.23 3.99
CA TYR B 105 18.15 20.60 3.99
C TYR B 105 18.50 21.22 5.35
N MET B 106 17.64 22.12 5.82
CA MET B 106 17.81 22.90 7.09
C MET B 106 17.81 21.92 8.28
N SER B 107 17.22 20.72 8.13
CA SER B 107 17.00 19.75 9.23
C SER B 107 18.15 18.74 9.30
N LEU B 108 18.77 18.41 8.18
CA LEU B 108 19.69 17.24 8.09
C LEU B 108 21.14 17.69 7.91
N ILE B 109 21.37 18.80 7.22
CA ILE B 109 22.75 19.20 6.85
C ILE B 109 22.99 20.65 7.30
N GLN B 110 24.17 21.15 6.97
CA GLN B 110 24.70 22.46 7.41
C GLN B 110 25.06 23.24 6.16
N PRO B 111 24.93 24.58 6.21
CA PRO B 111 25.43 25.45 5.17
C PRO B 111 26.79 24.92 4.75
N GLY B 112 26.98 24.68 3.47
CA GLY B 112 28.29 24.32 2.93
C GLY B 112 28.53 22.82 2.81
N ASP B 113 27.70 21.95 3.42
CA ASP B 113 27.88 20.46 3.31
C ASP B 113 27.73 20.02 1.83
N THR B 114 28.26 18.85 1.45
CA THR B 114 28.11 18.30 0.09
C THR B 114 26.80 17.49 -0.06
N VAL B 115 26.11 17.68 -1.19
CA VAL B 115 24.77 17.11 -1.52
C VAL B 115 24.87 16.57 -2.94
N MET B 116 24.49 15.33 -3.13
CA MET B 116 24.37 14.81 -4.52
C MET B 116 22.92 14.88 -4.94
N GLY B 117 22.67 15.40 -6.15
CA GLY B 117 21.33 15.59 -6.73
C GLY B 117 21.30 15.15 -8.19
N MET B 118 20.16 14.71 -8.69
CA MET B 118 20.02 14.33 -10.12
C MET B 118 20.17 15.60 -10.98
N ASP B 119 21.08 15.59 -11.96
CA ASP B 119 21.43 16.80 -12.76
C ASP B 119 20.16 17.33 -13.44
N LEU B 120 20.11 18.65 -13.64
CA LEU B 120 18.94 19.41 -14.19
C LEU B 120 18.84 19.20 -15.72
N SER B 121 19.86 18.54 -16.33
CA SER B 121 19.80 17.87 -17.66
C SER B 121 18.90 16.62 -17.59
N ALA B 122 19.14 15.79 -16.57
CA ALA B 122 18.55 14.44 -16.38
C ALA B 122 17.19 14.54 -15.69
N GLY B 123 16.86 15.70 -15.10
CA GLY B 123 15.52 15.99 -14.56
C GLY B 123 15.50 16.31 -13.08
N GLY B 124 16.58 16.88 -12.52
CA GLY B 124 16.55 17.42 -11.16
C GLY B 124 15.65 18.65 -11.10
N HIS B 125 15.08 18.94 -9.94
CA HIS B 125 14.41 20.24 -9.66
C HIS B 125 15.50 21.30 -9.44
N LEU B 126 15.13 22.57 -9.62
CA LEU B 126 15.92 23.79 -9.28
C LEU B 126 16.43 23.69 -7.84
N THR B 127 15.62 23.15 -6.91
CA THR B 127 15.89 23.14 -5.44
C THR B 127 16.70 21.89 -5.08
N HIS B 128 17.13 21.12 -6.09
CA HIS B 128 18.12 20.02 -5.96
C HIS B 128 19.47 20.50 -6.50
N GLY B 129 19.74 21.83 -6.43
CA GLY B 129 21.10 22.41 -6.47
C GLY B 129 21.41 23.33 -7.65
N ALA B 130 20.42 24.00 -8.24
CA ALA B 130 20.68 25.05 -9.25
C ALA B 130 21.39 26.23 -8.56
N PRO B 131 22.48 26.81 -9.13
CA PRO B 131 23.18 27.91 -8.47
C PRO B 131 22.32 29.18 -8.33
N VAL B 132 21.30 29.30 -9.19
CA VAL B 132 20.24 30.36 -9.14
C VAL B 132 19.41 30.18 -7.86
N SER B 133 19.17 28.94 -7.42
CA SER B 133 18.33 28.54 -6.25
C SER B 133 19.14 28.69 -4.95
N PHE B 134 18.45 28.92 -3.81
CA PHE B 134 19.05 28.90 -2.44
C PHE B 134 19.79 27.57 -2.21
N SER B 135 19.18 26.45 -2.58
CA SER B 135 19.80 25.10 -2.58
C SER B 135 21.24 25.21 -3.12
N GLY B 136 21.42 25.75 -4.33
CA GLY B 136 22.74 25.88 -5.00
C GLY B 136 23.71 26.78 -4.26
N LYS B 137 23.22 27.86 -3.64
CA LYS B 137 24.06 28.88 -2.96
C LYS B 137 24.43 28.46 -1.53
N THR B 138 23.52 27.80 -0.79
CA THR B 138 23.66 27.46 0.66
C THR B 138 24.57 26.21 0.81
N TYR B 139 24.44 25.22 -0.09
CA TYR B 139 25.14 23.90 0.01
C TYR B 139 25.97 23.64 -1.26
N ASN B 140 26.91 22.72 -1.19
CA ASN B 140 27.83 22.35 -2.32
C ASN B 140 27.26 21.16 -3.09
N PHE B 141 26.40 21.41 -4.09
CA PHE B 141 25.63 20.41 -4.85
C PHE B 141 26.52 19.80 -5.92
N VAL B 142 26.55 18.47 -6.00
CA VAL B 142 27.31 17.71 -7.03
C VAL B 142 26.28 16.86 -7.76
N SER B 143 26.19 16.94 -9.08
CA SER B 143 25.11 16.18 -9.77
C SER B 143 25.62 14.78 -10.14
N TYR B 144 24.71 13.82 -10.16
CA TYR B 144 24.87 12.52 -10.85
C TYR B 144 23.96 12.58 -12.07
N ASN B 145 24.33 11.82 -13.09
CA ASN B 145 23.56 11.75 -14.35
C ASN B 145 23.01 10.32 -14.51
N VAL B 146 22.34 10.06 -15.64
CA VAL B 146 22.01 8.70 -16.14
C VAL B 146 23.20 8.21 -16.97
N ASP B 147 23.24 6.92 -17.32
CA ASP B 147 24.25 6.33 -18.22
C ASP B 147 24.10 6.98 -19.60
N LYS B 148 25.21 7.31 -20.25
CA LYS B 148 25.18 7.99 -21.58
C LYS B 148 24.39 7.18 -22.63
N GLU B 149 24.57 5.87 -22.77
CA GLU B 149 23.86 5.12 -23.86
C GLU B 149 22.52 4.54 -23.42
N SER B 150 22.35 4.02 -22.19
CA SER B 150 21.06 3.40 -21.78
C SER B 150 20.08 4.50 -21.45
N GLU B 151 20.59 5.63 -20.92
CA GLU B 151 19.79 6.74 -20.32
C GLU B 151 19.03 6.21 -19.08
N LEU B 152 19.60 5.22 -18.41
CA LEU B 152 19.01 4.69 -17.17
C LEU B 152 19.87 5.16 -16.01
N LEU B 153 19.32 5.20 -14.81
CA LEU B 153 20.13 5.34 -13.58
C LEU B 153 21.10 4.15 -13.56
N ASP B 154 22.39 4.40 -13.38
CA ASP B 154 23.43 3.36 -13.16
C ASP B 154 23.85 3.44 -11.69
N TYR B 155 23.26 2.58 -10.85
CA TYR B 155 23.47 2.57 -9.39
C TYR B 155 24.94 2.28 -9.07
N ASP B 156 25.64 1.50 -9.89
CA ASP B 156 27.07 1.21 -9.67
C ASP B 156 27.88 2.49 -9.89
N ALA B 157 27.54 3.25 -10.93
CA ALA B 157 28.16 4.53 -11.31
C ALA B 157 28.01 5.53 -10.16
N ILE B 158 26.78 5.70 -9.70
CA ILE B 158 26.35 6.64 -8.63
C ILE B 158 27.10 6.29 -7.33
N LEU B 159 27.27 5.00 -7.01
CA LEU B 159 28.01 4.55 -5.80
C LEU B 159 29.47 5.02 -5.90
N ALA B 160 30.15 4.68 -6.98
CA ALA B 160 31.58 5.06 -7.19
C ALA B 160 31.72 6.57 -6.96
N GLN B 161 30.86 7.38 -7.60
CA GLN B 161 30.84 8.86 -7.47
C GLN B 161 30.62 9.27 -6.01
N ALA B 162 29.61 8.70 -5.35
CA ALA B 162 29.30 8.98 -3.94
C ALA B 162 30.51 8.66 -3.06
N LYS B 163 31.18 7.53 -3.30
CA LYS B 163 32.42 7.15 -2.57
C LYS B 163 33.51 8.23 -2.75
N GLU B 164 33.69 8.82 -3.94
CA GLU B 164 34.69 9.90 -4.13
C GLU B 164 34.21 11.21 -3.47
N VAL B 165 32.95 11.59 -3.70
CA VAL B 165 32.38 12.89 -3.27
C VAL B 165 32.03 12.88 -1.78
N ARG B 166 31.56 11.76 -1.24
CA ARG B 166 31.29 11.59 0.21
C ARG B 166 30.30 12.66 0.62
N PRO B 167 29.10 12.62 0.01
CA PRO B 167 28.05 13.59 0.30
C PRO B 167 27.49 13.32 1.69
N LYS B 168 26.91 14.35 2.31
CA LYS B 168 26.15 14.17 3.57
C LYS B 168 24.70 13.83 3.22
N LEU B 169 24.22 14.29 2.08
CA LEU B 169 22.81 14.05 1.68
C LEU B 169 22.84 13.63 0.21
N ILE B 170 22.09 12.58 -0.10
CA ILE B 170 21.75 12.19 -1.49
C ILE B 170 20.27 12.46 -1.67
N VAL B 171 19.97 13.33 -2.63
CA VAL B 171 18.63 13.58 -3.19
C VAL B 171 18.46 12.70 -4.43
N ALA B 172 17.38 11.93 -4.43
CA ALA B 172 16.85 11.21 -5.60
C ALA B 172 15.43 11.74 -5.88
N GLY B 173 14.97 11.57 -7.11
CA GLY B 173 13.70 12.14 -7.63
C GLY B 173 14.02 13.03 -8.81
N ALA B 174 13.10 13.14 -9.78
CA ALA B 174 13.36 13.89 -11.03
C ALA B 174 12.06 14.42 -11.64
N SER B 175 12.22 15.34 -12.57
CA SER B 175 11.13 15.98 -13.36
C SER B 175 11.11 15.46 -14.80
N ALA B 176 12.17 14.78 -15.25
CA ALA B 176 12.33 14.33 -16.65
C ALA B 176 12.79 12.86 -16.74
N TYR B 177 12.50 11.99 -15.78
CA TYR B 177 12.98 10.59 -15.79
C TYR B 177 11.78 9.66 -15.96
N SER B 178 11.83 8.84 -17.01
CA SER B 178 10.69 7.99 -17.51
C SER B 178 10.52 6.69 -16.70
N ARG B 179 11.62 6.17 -16.12
CA ARG B 179 11.72 4.77 -15.61
C ARG B 179 11.61 4.68 -14.08
N ILE B 180 11.28 3.47 -13.59
CA ILE B 180 11.11 3.14 -12.16
C ILE B 180 12.43 3.37 -11.44
N ILE B 181 12.44 4.23 -10.42
CA ILE B 181 13.64 4.46 -9.55
C ILE B 181 13.67 3.35 -8.49
N ASP B 182 14.82 2.72 -8.31
CA ASP B 182 15.03 1.65 -7.30
C ASP B 182 15.47 2.35 -6.00
N PHE B 183 14.52 2.69 -5.14
CA PHE B 183 14.80 3.48 -3.92
C PHE B 183 15.60 2.63 -2.93
N ALA B 184 15.35 1.33 -2.88
CA ALA B 184 16.17 0.41 -2.09
C ALA B 184 17.63 0.56 -2.52
N LYS B 185 17.93 0.75 -3.79
CA LYS B 185 19.35 0.89 -4.18
C LYS B 185 19.85 2.26 -3.74
N PHE B 186 19.03 3.31 -3.79
CA PHE B 186 19.45 4.65 -3.35
C PHE B 186 19.82 4.62 -1.85
N ARG B 187 18.97 4.03 -1.02
CA ARG B 187 19.22 3.95 0.42
C ARG B 187 20.47 3.10 0.69
N GLU B 188 20.71 2.07 -0.10
CA GLU B 188 21.90 1.19 0.02
C GLU B 188 23.13 2.04 -0.32
N ILE B 189 23.05 2.92 -1.32
CA ILE B 189 24.20 3.80 -1.68
C ILE B 189 24.42 4.81 -0.56
N ALA B 190 23.35 5.42 -0.06
CA ALA B 190 23.44 6.40 1.04
C ALA B 190 24.15 5.72 2.22
N ASP B 191 23.61 4.59 2.69
CA ASP B 191 24.14 3.74 3.79
C ASP B 191 25.62 3.45 3.53
N ALA B 192 26.04 3.13 2.30
CA ALA B 192 27.45 2.75 2.00
C ALA B 192 28.41 3.91 2.24
N VAL B 193 27.93 5.16 2.23
CA VAL B 193 28.86 6.35 2.30
C VAL B 193 28.53 7.23 3.50
N GLY B 194 27.53 6.89 4.32
CA GLY B 194 27.18 7.64 5.54
C GLY B 194 26.28 8.83 5.25
N ALA B 195 25.61 8.85 4.10
CA ALA B 195 24.69 9.95 3.70
C ALA B 195 23.25 9.69 4.14
N TYR B 196 22.52 10.75 4.44
CA TYR B 196 21.05 10.76 4.44
C TYR B 196 20.57 10.57 3.00
N LEU B 197 19.37 10.01 2.84
CA LEU B 197 18.70 9.97 1.53
C LEU B 197 17.41 10.77 1.66
N MET B 198 17.24 11.73 0.78
CA MET B 198 15.98 12.51 0.65
C MET B 198 15.40 12.15 -0.71
N VAL B 199 14.17 11.70 -0.75
CA VAL B 199 13.50 11.52 -2.04
C VAL B 199 12.46 12.63 -2.21
N ASP B 200 12.66 13.46 -3.24
CA ASP B 200 11.62 14.39 -3.76
C ASP B 200 10.74 13.60 -4.72
N MET B 201 9.57 13.13 -4.30
CA MET B 201 8.67 12.30 -5.14
C MET B 201 7.57 13.16 -5.79
N ALA B 202 7.83 14.45 -5.99
CA ALA B 202 6.79 15.45 -6.39
C ALA B 202 6.15 14.98 -7.70
N HIS B 203 6.96 14.67 -8.69
CA HIS B 203 6.42 14.17 -9.98
C HIS B 203 5.64 12.86 -9.84
N ILE B 204 6.07 11.89 -9.00
CA ILE B 204 5.53 10.51 -9.12
C ILE B 204 4.55 10.20 -8.00
N ALA B 205 4.24 11.17 -7.16
CA ALA B 205 3.58 10.96 -5.85
C ALA B 205 2.19 10.38 -6.03
N GLY B 206 1.47 10.80 -7.08
CA GLY B 206 0.16 10.16 -7.37
C GLY B 206 0.35 8.74 -7.87
N LEU B 207 1.43 8.47 -8.61
CA LEU B 207 1.80 7.08 -9.03
C LEU B 207 2.19 6.28 -7.77
N VAL B 208 2.92 6.90 -6.83
CA VAL B 208 3.25 6.17 -5.58
C VAL B 208 1.93 5.89 -4.87
N ALA B 209 1.01 6.83 -4.87
CA ALA B 209 -0.29 6.68 -4.20
C ALA B 209 -1.22 5.68 -4.90
N SER B 210 -1.16 5.57 -6.24
CA SER B 210 -2.01 4.64 -7.05
C SER B 210 -1.45 3.22 -7.00
N GLY B 211 -0.21 3.04 -6.54
CA GLY B 211 0.43 1.73 -6.33
C GLY B 211 1.28 1.36 -7.53
N HIS B 212 1.41 2.30 -8.46
CA HIS B 212 1.97 2.11 -9.81
C HIS B 212 3.46 2.41 -9.82
N HIS B 213 3.97 3.16 -8.84
CA HIS B 213 5.43 3.43 -8.68
C HIS B 213 5.81 2.99 -7.27
N PRO B 214 6.96 2.29 -7.10
CA PRO B 214 7.40 1.83 -5.77
C PRO B 214 7.56 3.04 -4.84
N SER B 215 7.09 2.90 -3.60
CA SER B 215 7.19 3.99 -2.60
C SER B 215 8.63 4.22 -2.15
N PRO B 216 9.10 5.49 -2.10
CA PRO B 216 10.40 5.80 -1.50
C PRO B 216 10.35 5.83 0.04
N VAL B 217 9.15 5.75 0.64
CA VAL B 217 8.87 6.10 2.06
C VAL B 217 9.60 5.14 3.02
N PRO B 218 9.62 3.81 2.80
CA PRO B 218 10.40 2.90 3.64
C PRO B 218 11.92 3.03 3.46
N TYR B 219 12.40 3.76 2.48
CA TYR B 219 13.86 3.77 2.17
C TYR B 219 14.47 5.16 2.36
N ALA B 220 13.70 6.24 2.09
CA ALA B 220 14.16 7.63 2.29
C ALA B 220 14.14 7.96 3.79
N HIS B 221 15.18 8.59 4.31
CA HIS B 221 15.14 9.21 5.66
C HIS B 221 14.01 10.22 5.70
N VAL B 222 13.92 11.05 4.67
CA VAL B 222 12.82 12.03 4.48
C VAL B 222 12.36 11.99 3.04
N THR B 223 11.04 12.03 2.84
CA THR B 223 10.40 12.11 1.50
C THR B 223 9.67 13.45 1.41
N THR B 224 10.01 14.27 0.43
CA THR B 224 9.26 15.53 0.18
C THR B 224 8.40 15.31 -1.04
N THR B 225 7.32 16.11 -1.18
CA THR B 225 6.48 16.14 -2.38
C THR B 225 5.68 17.45 -2.43
N THR B 226 5.39 17.91 -3.65
CA THR B 226 4.25 18.80 -3.94
C THR B 226 2.95 18.03 -3.72
N THR B 227 1.88 18.69 -3.27
CA THR B 227 0.52 18.08 -3.19
C THR B 227 -0.16 18.27 -4.55
N HIS B 228 0.44 19.06 -5.45
CA HIS B 228 0.01 19.11 -6.87
C HIS B 228 0.88 18.16 -7.74
N LYS B 229 0.47 18.01 -9.01
CA LYS B 229 1.02 17.12 -10.07
C LYS B 229 0.23 15.83 -9.97
N THR B 230 0.88 14.67 -10.05
CA THR B 230 0.18 13.37 -10.21
C THR B 230 -0.75 13.14 -9.01
N LEU B 231 -0.43 13.73 -7.85
CA LEU B 231 -1.20 13.49 -6.61
C LEU B 231 -2.49 14.30 -6.70
N ARG B 232 -2.50 15.29 -7.62
CA ARG B 232 -3.70 16.03 -8.07
C ARG B 232 -4.39 16.69 -6.85
N GLY B 233 -3.60 17.37 -6.01
CA GLY B 233 -4.10 18.21 -4.91
C GLY B 233 -3.84 19.68 -5.21
N PRO B 234 -4.03 20.57 -4.20
CA PRO B 234 -3.72 21.99 -4.38
C PRO B 234 -2.20 22.18 -4.43
N ARG B 235 -1.75 23.31 -4.97
CA ARG B 235 -0.34 23.75 -4.88
C ARG B 235 0.06 23.93 -3.40
N GLY B 236 1.15 23.26 -3.02
CA GLY B 236 1.68 23.18 -1.65
C GLY B 236 2.64 22.03 -1.49
N GLY B 237 3.14 21.84 -0.28
CA GLY B 237 4.22 20.89 0.00
C GLY B 237 3.82 19.93 1.09
N LEU B 238 4.63 18.91 1.32
CA LEU B 238 4.37 17.84 2.30
C LEU B 238 5.73 17.19 2.58
N ILE B 239 6.02 16.91 3.84
CA ILE B 239 7.23 16.15 4.31
C ILE B 239 6.73 14.91 5.02
N LEU B 240 7.36 13.77 4.73
CA LEU B 240 7.09 12.50 5.43
C LEU B 240 8.42 11.96 5.93
N THR B 241 8.34 11.28 7.06
CA THR B 241 9.49 10.57 7.69
C THR B 241 8.90 9.46 8.59
N ASP B 242 9.69 8.44 8.88
CA ASP B 242 9.35 7.39 9.87
C ASP B 242 10.16 7.63 11.15
N ASP B 243 11.10 8.57 11.11
CA ASP B 243 12.10 8.79 12.18
C ASP B 243 11.63 9.96 13.06
N GLU B 244 11.32 9.72 14.33
CA GLU B 244 10.65 10.72 15.23
C GLU B 244 11.58 11.89 15.57
N ASP B 245 12.89 11.68 15.61
CA ASP B 245 13.90 12.73 15.84
C ASP B 245 13.90 13.64 14.62
N ILE B 246 14.02 13.05 13.43
CA ILE B 246 14.02 13.86 12.18
C ILE B 246 12.70 14.59 12.11
N ALA B 247 11.60 13.97 12.52
CA ALA B 247 10.30 14.64 12.46
C ALA B 247 10.41 15.95 13.27
N LYS B 248 10.89 15.88 14.52
CA LYS B 248 11.01 17.08 15.39
C LYS B 248 11.84 18.17 14.70
N LYS B 249 13.01 17.86 14.13
CA LYS B 249 13.82 18.89 13.43
C LYS B 249 12.99 19.46 12.27
N LEU B 250 12.29 18.61 11.51
CA LEU B 250 11.52 19.03 10.32
C LEU B 250 10.50 20.07 10.72
N ASN B 251 9.68 19.72 11.71
CA ASN B 251 8.58 20.56 12.22
C ASN B 251 9.11 21.94 12.60
N SER B 252 10.27 21.98 13.28
CA SER B 252 10.96 23.21 13.75
C SER B 252 11.50 23.99 12.55
N ALA B 253 11.98 23.26 11.54
CA ALA B 253 12.55 23.86 10.31
C ALA B 253 11.43 24.55 9.50
N VAL B 254 10.24 23.94 9.41
CA VAL B 254 9.14 24.50 8.59
C VAL B 254 8.58 25.74 9.29
N PHE B 255 8.31 25.63 10.59
CA PHE B 255 7.87 26.74 11.46
C PHE B 255 8.57 26.61 12.81
N PRO B 256 9.24 27.65 13.34
CA PRO B 256 9.35 28.96 12.73
C PRO B 256 10.62 29.17 11.89
N GLY B 257 11.32 28.08 11.58
CA GLY B 257 12.53 28.12 10.74
C GLY B 257 12.29 28.88 9.43
N LEU B 258 11.30 28.52 8.62
CA LEU B 258 11.25 29.00 7.20
C LEU B 258 10.00 29.81 6.96
N GLN B 259 8.94 29.52 7.70
CA GLN B 259 7.56 29.99 7.45
C GLN B 259 7.00 30.62 8.73
N GLY B 260 5.88 31.30 8.56
CA GLY B 260 5.03 31.82 9.63
C GLY B 260 3.78 30.99 9.74
N GLY B 261 2.61 31.63 9.78
CA GLY B 261 1.32 30.93 9.71
C GLY B 261 1.20 30.16 8.39
N PRO B 262 0.60 28.94 8.43
CA PRO B 262 0.30 28.16 7.23
C PRO B 262 -1.05 28.52 6.60
N LEU B 263 -1.26 28.06 5.37
CA LEU B 263 -2.46 28.36 4.54
C LEU B 263 -3.51 27.29 4.83
N GLU B 264 -4.20 27.43 5.96
CA GLU B 264 -5.09 26.37 6.53
C GLU B 264 -6.19 26.05 5.53
N HIS B 265 -6.51 26.96 4.63
CA HIS B 265 -7.55 26.76 3.59
C HIS B 265 -7.00 25.78 2.55
N VAL B 266 -5.74 25.95 2.16
CA VAL B 266 -5.02 25.03 1.23
C VAL B 266 -4.77 23.71 1.94
N ILE B 267 -4.53 23.74 3.24
CA ILE B 267 -4.38 22.50 4.03
C ILE B 267 -5.71 21.74 4.00
N ALA B 268 -6.84 22.45 4.04
CA ALA B 268 -8.19 21.85 3.96
C ALA B 268 -8.28 21.07 2.65
N ALA B 269 -7.74 21.70 1.60
CA ALA B 269 -7.68 21.23 0.22
C ALA B 269 -6.68 20.08 0.07
N LYS B 270 -5.72 19.93 0.99
CA LYS B 270 -4.77 18.80 1.03
C LYS B 270 -5.51 17.62 1.65
N ALA B 271 -6.23 17.86 2.74
CA ALA B 271 -7.07 16.84 3.39
C ALA B 271 -8.01 16.27 2.34
N VAL B 272 -8.59 17.10 1.49
CA VAL B 272 -9.58 16.67 0.46
C VAL B 272 -8.87 15.75 -0.54
N ALA B 273 -7.83 16.26 -1.19
CA ALA B 273 -7.04 15.57 -2.24
C ALA B 273 -6.51 14.21 -1.73
N LEU B 274 -6.29 14.06 -0.43
CA LEU B 274 -5.72 12.82 0.17
C LEU B 274 -6.85 11.82 0.46
N LYS B 275 -8.08 12.29 0.60
CA LYS B 275 -9.26 11.39 0.71
C LYS B 275 -9.51 10.80 -0.67
N GLU B 276 -9.39 11.63 -1.71
CA GLU B 276 -9.61 11.27 -3.14
C GLU B 276 -8.51 10.28 -3.59
N ALA B 277 -7.33 10.35 -3.00
CA ALA B 277 -6.17 9.52 -3.40
C ALA B 277 -6.19 8.21 -2.59
N LEU B 278 -6.91 8.20 -1.46
CA LEU B 278 -7.19 6.96 -0.68
C LEU B 278 -8.40 6.21 -1.28
N ASP B 279 -9.02 6.76 -2.33
CA ASP B 279 -10.19 6.15 -3.00
C ASP B 279 -9.71 5.12 -4.04
N PRO B 280 -10.33 3.92 -4.04
CA PRO B 280 -10.10 2.93 -5.10
C PRO B 280 -10.02 3.55 -6.50
N ALA B 281 -10.88 4.53 -6.80
CA ALA B 281 -10.93 5.23 -8.10
C ALA B 281 -9.56 5.79 -8.48
N PHE B 282 -8.69 6.07 -7.50
CA PHE B 282 -7.37 6.70 -7.76
C PHE B 282 -6.40 5.68 -8.38
N LYS B 283 -6.56 4.38 -8.10
CA LYS B 283 -5.77 3.29 -8.74
C LYS B 283 -6.07 3.28 -10.24
N GLU B 284 -7.36 3.26 -10.59
CA GLU B 284 -7.83 3.38 -12.00
C GLU B 284 -7.10 4.56 -12.67
N TYR B 285 -7.10 5.70 -11.96
CA TYR B 285 -6.57 6.96 -12.51
C TYR B 285 -5.09 6.75 -12.85
N GLY B 286 -4.31 6.26 -11.87
CA GLY B 286 -2.87 6.01 -12.12
C GLY B 286 -2.65 4.93 -13.18
N GLU B 287 -3.48 3.89 -13.19
CA GLU B 287 -3.42 2.86 -14.28
C GLU B 287 -3.58 3.58 -15.64
N ASN B 288 -4.64 4.39 -15.74
CA ASN B 288 -4.94 5.20 -16.96
C ASN B 288 -3.80 6.18 -17.22
N VAL B 289 -3.18 6.75 -16.17
CA VAL B 289 -2.05 7.70 -16.38
C VAL B 289 -0.92 6.93 -17.05
N ILE B 290 -0.65 5.71 -16.58
CA ILE B 290 0.51 4.89 -17.03
C ILE B 290 0.32 4.51 -18.51
N LYS B 291 -0.86 4.04 -18.89
CA LYS B 291 -1.16 3.67 -20.32
C LYS B 291 -1.09 4.90 -21.23
N ASN B 292 -1.83 5.96 -20.88
CA ASN B 292 -2.01 7.14 -21.79
C ASN B 292 -0.60 7.64 -22.10
N ALA B 293 0.32 7.62 -21.13
CA ALA B 293 1.71 8.08 -21.35
C ALA B 293 2.42 7.12 -22.33
N ALA B 294 2.12 5.82 -22.25
CA ALA B 294 2.88 4.79 -23.00
C ALA B 294 2.37 4.79 -24.46
N ALA B 295 1.05 4.70 -24.59
CA ALA B 295 0.29 4.94 -25.84
C ALA B 295 0.93 6.12 -26.57
N MET B 296 0.97 7.27 -25.91
CA MET B 296 1.49 8.53 -26.51
C MET B 296 2.96 8.31 -26.91
N ALA B 297 3.70 7.57 -26.10
CA ALA B 297 5.16 7.38 -26.28
C ALA B 297 5.41 6.41 -27.43
N ASP B 298 4.55 5.42 -27.62
CA ASP B 298 4.72 4.46 -28.74
C ASP B 298 5.17 5.25 -29.99
N VAL B 299 4.34 6.23 -30.36
CA VAL B 299 4.33 6.94 -31.67
C VAL B 299 5.74 7.49 -31.99
N PHE B 300 6.50 7.97 -31.01
CA PHE B 300 7.79 8.66 -31.27
C PHE B 300 8.93 7.65 -31.49
N ASN B 301 8.79 6.51 -30.82
CA ASN B 301 9.72 5.34 -30.94
C ASN B 301 9.73 4.84 -32.38
N GLN B 302 8.52 4.54 -32.87
CA GLN B 302 8.21 4.00 -34.22
C GLN B 302 8.83 4.92 -35.29
N HIS B 303 8.52 6.22 -35.24
CA HIS B 303 8.96 7.23 -36.23
C HIS B 303 10.48 7.29 -36.31
N PRO B 304 11.04 7.27 -37.54
CA PRO B 304 12.49 7.20 -37.71
C PRO B 304 13.32 8.43 -37.28
N ASP B 305 12.74 9.62 -37.31
CA ASP B 305 13.49 10.91 -37.19
C ASP B 305 13.49 11.37 -35.72
N PHE B 306 12.66 10.74 -34.87
CA PHE B 306 12.47 11.00 -33.42
C PHE B 306 13.15 9.91 -32.60
N ARG B 307 12.60 9.56 -31.42
CA ARG B 307 13.25 8.78 -30.33
C ARG B 307 12.76 9.24 -28.95
N VAL B 308 11.69 8.61 -28.41
CA VAL B 308 11.36 8.65 -26.95
C VAL B 308 12.62 8.28 -26.17
N ILE B 309 13.01 9.08 -25.17
CA ILE B 309 14.29 8.96 -24.38
C ILE B 309 14.21 7.75 -23.43
N SER B 310 15.33 7.01 -23.28
CA SER B 310 15.37 5.67 -22.64
C SER B 310 14.47 4.69 -23.42
N GLY B 311 14.22 4.93 -24.71
CA GLY B 311 13.37 4.05 -25.54
C GLY B 311 11.94 3.91 -25.02
N GLY B 312 11.54 4.62 -23.96
CA GLY B 312 10.13 4.56 -23.48
C GLY B 312 9.95 5.10 -22.06
N THR B 313 8.85 4.76 -21.41
CA THR B 313 8.44 5.28 -20.08
C THR B 313 7.71 4.18 -19.30
N ASN B 314 7.85 4.19 -17.96
CA ASN B 314 7.05 3.39 -17.00
C ASN B 314 6.25 4.28 -16.02
N ASN B 315 6.32 5.60 -16.17
CA ASN B 315 5.60 6.58 -15.29
C ASN B 315 4.74 7.47 -16.21
N HIS B 316 4.54 8.74 -15.84
CA HIS B 316 3.48 9.62 -16.41
C HIS B 316 4.09 10.45 -17.54
N LEU B 317 5.35 10.26 -17.89
CA LEU B 317 6.00 11.20 -18.83
C LEU B 317 7.09 10.54 -19.69
N PHE B 318 7.56 11.26 -20.74
CA PHE B 318 8.82 10.98 -21.48
C PHE B 318 9.32 12.24 -22.16
N LEU B 319 10.61 12.23 -22.50
CA LEU B 319 11.30 13.17 -23.41
C LEU B 319 11.26 12.68 -24.87
N VAL B 320 11.93 13.43 -25.79
CA VAL B 320 12.13 13.16 -27.25
C VAL B 320 13.33 13.96 -27.80
N ASP B 321 14.24 13.34 -28.58
CA ASP B 321 15.30 14.08 -29.34
C ASP B 321 14.71 14.47 -30.68
N VAL B 322 14.49 15.77 -30.88
CA VAL B 322 13.84 16.35 -32.10
C VAL B 322 14.91 17.00 -32.98
N THR B 323 16.19 17.04 -32.56
CA THR B 323 17.31 17.74 -33.26
C THR B 323 17.56 17.17 -34.66
N LYS B 324 16.86 16.10 -35.07
CA LYS B 324 16.86 15.64 -36.48
C LYS B 324 15.73 16.37 -37.25
N VAL B 325 14.74 16.98 -36.59
CA VAL B 325 13.52 17.50 -37.31
C VAL B 325 13.40 19.03 -37.20
N VAL B 326 13.75 19.66 -36.06
CA VAL B 326 13.84 21.15 -35.93
C VAL B 326 15.15 21.57 -35.23
N GLU B 327 15.50 22.85 -35.32
CA GLU B 327 16.82 23.39 -34.86
C GLU B 327 17.05 22.96 -33.40
N ASN B 328 16.01 23.03 -32.56
CA ASN B 328 16.12 22.78 -31.10
C ASN B 328 14.72 22.66 -30.47
N GLY B 329 14.66 22.22 -29.20
CA GLY B 329 13.42 21.95 -28.44
C GLY B 329 12.65 23.23 -28.12
N LYS B 330 13.38 24.31 -27.82
CA LYS B 330 12.85 25.71 -27.79
C LYS B 330 11.94 25.91 -29.03
N VAL B 331 12.42 25.60 -30.25
CA VAL B 331 11.67 25.79 -31.53
C VAL B 331 10.50 24.80 -31.54
N ALA B 332 10.80 23.52 -31.35
CA ALA B 332 9.81 22.45 -31.26
C ALA B 332 8.64 22.93 -30.39
N GLN B 333 8.95 23.45 -29.18
CA GLN B 333 7.93 23.94 -28.22
C GLN B 333 7.17 25.11 -28.84
N ASN B 334 7.91 26.10 -29.37
CA ASN B 334 7.32 27.32 -30.02
C ASN B 334 6.22 26.86 -30.98
N VAL B 335 6.58 25.92 -31.89
CA VAL B 335 5.72 25.38 -32.99
C VAL B 335 4.41 24.83 -32.44
N LEU B 336 4.47 24.10 -31.33
CA LEU B 336 3.38 23.19 -30.92
C LEU B 336 2.29 23.98 -30.19
N GLU B 337 2.67 25.11 -29.57
CA GLU B 337 1.72 26.11 -29.00
C GLU B 337 0.75 26.58 -30.09
N GLU B 338 1.26 26.97 -31.27
CA GLU B 338 0.46 27.43 -32.46
C GLU B 338 -0.70 26.46 -32.72
N VAL B 339 -0.54 25.18 -32.35
CA VAL B 339 -1.54 24.11 -32.62
C VAL B 339 -2.47 23.88 -31.42
N ASN B 340 -2.23 24.53 -30.26
CA ASN B 340 -3.01 24.38 -28.99
C ASN B 340 -2.50 23.15 -28.20
N ILE B 341 -1.18 22.94 -28.22
CA ILE B 341 -0.49 21.85 -27.46
C ILE B 341 0.60 22.48 -26.58
N THR B 342 0.43 22.41 -25.26
CA THR B 342 1.41 22.96 -24.30
C THR B 342 2.24 21.81 -23.71
N LEU B 343 3.57 21.99 -23.79
CA LEU B 343 4.61 21.14 -23.19
C LEU B 343 5.86 22.00 -23.16
N ASN B 344 7.04 21.45 -22.87
CA ASN B 344 8.18 22.35 -22.59
C ASN B 344 9.43 21.88 -23.31
N LYS B 345 10.15 22.82 -23.90
CA LYS B 345 11.58 22.59 -24.19
C LYS B 345 12.09 21.81 -22.97
N ASN B 346 13.11 20.99 -23.13
CA ASN B 346 13.66 20.16 -22.03
C ASN B 346 15.03 19.64 -22.44
N SER B 347 16.07 19.92 -21.65
CA SER B 347 17.38 19.27 -21.86
C SER B 347 17.14 17.75 -21.99
N ILE B 348 18.13 17.04 -22.52
CA ILE B 348 18.16 15.55 -22.57
C ILE B 348 19.55 15.12 -22.16
N PRO B 349 19.71 13.87 -21.67
CA PRO B 349 20.99 13.45 -21.12
C PRO B 349 22.14 13.93 -22.00
N TYR B 350 23.13 14.58 -21.43
CA TYR B 350 24.38 14.98 -22.13
C TYR B 350 23.99 15.96 -23.24
N GLU B 351 23.07 16.86 -22.90
CA GLU B 351 22.48 17.91 -23.77
C GLU B 351 23.50 18.41 -24.79
N GLN B 352 23.15 18.33 -26.07
CA GLN B 352 23.98 18.82 -27.21
C GLN B 352 24.02 20.36 -27.15
N LEU B 353 22.85 20.98 -27.31
CA LEU B 353 22.63 22.45 -27.51
C LEU B 353 22.93 23.21 -26.21
N SER B 354 22.46 24.46 -26.12
CA SER B 354 22.60 25.34 -24.93
C SER B 354 21.32 25.29 -24.11
N PRO B 355 21.41 25.56 -22.79
CA PRO B 355 20.28 25.49 -21.87
C PRO B 355 18.98 26.11 -22.37
N PHE B 356 19.06 27.26 -23.04
CA PHE B 356 17.86 28.03 -23.47
C PHE B 356 17.24 27.35 -24.70
N LYS B 357 18.02 26.52 -25.40
CA LYS B 357 17.62 25.88 -26.68
C LYS B 357 17.10 24.45 -26.44
N THR B 358 17.93 23.59 -25.84
CA THR B 358 17.62 22.17 -25.45
C THR B 358 17.34 21.29 -26.68
N SER B 359 17.87 20.06 -26.66
CA SER B 359 17.81 19.11 -27.79
C SER B 359 16.43 18.45 -27.93
N GLY B 360 15.37 18.82 -27.18
CA GLY B 360 14.05 18.16 -27.37
C GLY B 360 13.01 18.51 -26.32
N ILE B 361 11.80 17.95 -26.45
CA ILE B 361 10.56 18.33 -25.73
C ILE B 361 10.33 17.35 -24.57
N ARG B 362 9.30 17.61 -23.75
CA ARG B 362 8.88 16.73 -22.63
C ARG B 362 7.37 16.61 -22.67
N VAL B 363 6.86 15.40 -22.58
CA VAL B 363 5.39 15.17 -22.62
C VAL B 363 5.04 14.47 -21.34
N GLY B 364 3.80 14.66 -20.89
CA GLY B 364 3.15 13.80 -19.93
C GLY B 364 1.65 13.86 -20.06
N SER B 365 1.00 13.03 -19.26
CA SER B 365 -0.34 12.47 -19.49
C SER B 365 -1.29 12.65 -18.33
N PRO B 366 -0.93 13.15 -17.12
CA PRO B 366 -1.93 13.24 -16.04
C PRO B 366 -3.03 14.28 -16.32
N ALA B 367 -2.71 15.38 -17.03
CA ALA B 367 -3.72 16.43 -17.39
C ALA B 367 -4.76 15.80 -18.32
N ILE B 368 -4.34 15.46 -19.54
CA ILE B 368 -5.24 14.88 -20.58
C ILE B 368 -5.96 13.69 -19.94
N THR B 369 -5.27 12.90 -19.11
CA THR B 369 -5.85 11.70 -18.44
C THR B 369 -6.99 12.12 -17.52
N SER B 370 -6.85 13.21 -16.75
CA SER B 370 -7.87 13.72 -15.80
C SER B 370 -9.07 14.30 -16.55
N ARG B 371 -8.83 14.87 -17.74
CA ARG B 371 -9.91 15.32 -18.68
C ARG B 371 -10.65 14.09 -19.24
N GLY B 372 -10.28 12.86 -18.83
CA GLY B 372 -11.03 11.60 -19.06
C GLY B 372 -10.65 10.88 -20.36
N MET B 373 -9.74 11.47 -21.14
CA MET B 373 -9.12 10.93 -22.37
C MET B 373 -8.50 9.53 -22.13
N GLY B 374 -8.15 8.85 -23.24
CA GLY B 374 -7.66 7.45 -23.29
C GLY B 374 -6.48 7.28 -24.23
N GLU B 375 -6.27 6.03 -24.68
CA GLU B 375 -5.09 5.59 -25.48
C GLU B 375 -5.19 6.16 -26.91
N ALA B 376 -6.38 6.09 -27.52
CA ALA B 376 -6.65 6.67 -28.87
C ALA B 376 -6.14 8.12 -28.97
N GLU B 377 -6.65 8.93 -28.04
CA GLU B 377 -6.47 10.40 -27.97
C GLU B 377 -4.97 10.69 -27.96
N SER B 378 -4.24 9.95 -27.11
CA SER B 378 -2.81 10.15 -26.82
C SER B 378 -1.99 9.88 -28.09
N ARG B 379 -2.23 8.71 -28.71
CA ARG B 379 -1.65 8.32 -30.03
C ARG B 379 -1.92 9.48 -31.01
N GLN B 380 -3.19 9.82 -31.16
CA GLN B 380 -3.65 10.98 -31.98
C GLN B 380 -2.79 12.23 -31.74
N ILE B 381 -2.66 12.62 -30.46
CA ILE B 381 -2.02 13.90 -30.04
C ILE B 381 -0.55 13.89 -30.51
N ALA B 382 0.11 12.75 -30.28
CA ALA B 382 1.55 12.47 -30.58
C ALA B 382 1.80 12.41 -32.10
N GLU B 383 0.82 11.98 -32.89
CA GLU B 383 0.92 12.05 -34.38
C GLU B 383 0.87 13.52 -34.80
N TRP B 384 -0.15 14.24 -34.31
CA TRP B 384 -0.34 15.71 -34.47
C TRP B 384 0.98 16.43 -34.17
N MET B 385 1.75 15.91 -33.21
CA MET B 385 3.01 16.57 -32.75
C MET B 385 4.13 16.30 -33.77
N VAL B 386 4.37 15.01 -34.09
CA VAL B 386 5.40 14.55 -35.07
C VAL B 386 5.07 15.23 -36.41
N GLU B 387 3.78 15.32 -36.74
CA GLU B 387 3.26 16.07 -37.93
C GLU B 387 3.74 17.52 -37.87
N ALA B 388 3.33 18.23 -36.82
CA ALA B 388 3.51 19.69 -36.70
C ALA B 388 5.00 20.02 -36.81
N LEU B 389 5.89 19.16 -36.26
CA LEU B 389 7.37 19.37 -36.17
C LEU B 389 8.06 19.02 -37.50
N GLU B 390 7.56 17.98 -38.20
CA GLU B 390 7.93 17.64 -39.60
C GLU B 390 7.67 18.86 -40.50
N ASN B 391 6.58 19.60 -40.25
CA ASN B 391 5.99 20.71 -41.06
C ASN B 391 5.94 22.03 -40.28
N HIS B 392 7.07 22.42 -39.68
CA HIS B 392 7.16 23.61 -38.78
C HIS B 392 7.08 24.89 -39.62
N ASP B 393 7.56 24.81 -40.88
CA ASP B 393 7.63 25.90 -41.89
C ASP B 393 6.33 26.06 -42.67
N LYS B 394 5.27 25.29 -42.37
CA LYS B 394 4.08 25.15 -43.25
C LYS B 394 2.82 25.49 -42.46
N PRO B 395 2.49 26.80 -42.31
CA PRO B 395 1.32 27.26 -41.56
C PRO B 395 -0.08 26.83 -42.06
N GLU B 396 -0.24 26.48 -43.34
CA GLU B 396 -1.50 25.85 -43.81
C GLU B 396 -1.70 24.59 -42.97
N VAL B 397 -0.62 23.80 -42.83
CA VAL B 397 -0.55 22.50 -42.09
C VAL B 397 -0.94 22.73 -40.62
N LEU B 398 -0.11 23.51 -39.91
CA LEU B 398 -0.25 23.86 -38.46
C LEU B 398 -1.68 24.35 -38.21
N GLU B 399 -2.26 25.12 -39.15
CA GLU B 399 -3.69 25.59 -39.12
C GLU B 399 -4.63 24.37 -39.19
N ARG B 400 -4.31 23.43 -40.06
CA ARG B 400 -5.16 22.23 -40.23
C ARG B 400 -5.09 21.44 -38.93
N ILE B 401 -3.90 21.28 -38.35
CA ILE B 401 -3.70 20.49 -37.10
C ILE B 401 -4.52 21.17 -35.98
N ARG B 402 -4.48 22.51 -35.90
CA ARG B 402 -5.12 23.34 -34.84
C ARG B 402 -6.65 23.21 -34.88
N GLY B 403 -7.26 23.20 -36.09
CA GLY B 403 -8.71 22.97 -36.26
C GLY B 403 -9.08 21.66 -35.57
N ASP B 404 -8.16 20.70 -35.69
CA ASP B 404 -8.34 19.29 -35.26
C ASP B 404 -8.15 19.22 -33.75
N VAL B 405 -7.06 19.81 -33.26
CA VAL B 405 -6.84 19.95 -31.78
C VAL B 405 -8.19 20.38 -31.15
N LYS B 406 -8.90 21.37 -31.73
CA LYS B 406 -10.17 21.95 -31.18
C LYS B 406 -11.33 20.92 -31.26
N VAL B 407 -11.36 20.13 -32.35
CA VAL B 407 -12.26 18.96 -32.53
C VAL B 407 -12.23 18.15 -31.23
N LEU B 408 -11.02 17.77 -30.81
CA LEU B 408 -10.81 16.90 -29.63
C LEU B 408 -11.07 17.65 -28.32
N THR B 409 -10.62 18.91 -28.20
CA THR B 409 -10.69 19.68 -26.91
C THR B 409 -12.17 19.81 -26.56
N ASP B 410 -12.98 20.19 -27.56
CA ASP B 410 -14.46 20.29 -27.57
C ASP B 410 -15.09 18.97 -27.09
N ALA B 411 -14.73 17.89 -27.79
CA ALA B 411 -15.12 16.48 -27.54
C ALA B 411 -15.00 16.20 -26.04
N PHE B 412 -13.79 16.31 -25.47
CA PHE B 412 -13.55 16.08 -24.02
C PHE B 412 -13.70 17.38 -23.20
N PRO B 413 -14.40 17.37 -22.03
CA PRO B 413 -14.74 18.59 -21.31
C PRO B 413 -13.62 18.98 -20.32
N LEU B 414 -13.98 19.58 -19.16
CA LEU B 414 -13.05 19.95 -18.06
C LEU B 414 -13.74 19.81 -16.68
N TYR B 415 -14.89 20.46 -16.46
CA TYR B 415 -15.61 20.38 -15.15
C TYR B 415 -17.13 20.19 -15.39
N ASP C 6 -4.53 -36.19 26.87
CA ASP C 6 -4.70 -37.62 27.29
C ASP C 6 -4.34 -38.53 26.10
N TYR C 7 -4.83 -38.20 24.89
CA TYR C 7 -4.63 -38.94 23.60
C TYR C 7 -3.15 -39.19 23.30
N LYS C 8 -2.24 -38.39 23.88
CA LYS C 8 -0.78 -38.49 23.68
C LYS C 8 -0.22 -39.75 24.36
N ALA C 9 -1.00 -40.36 25.28
CA ALA C 9 -0.72 -41.65 25.94
C ALA C 9 -1.00 -42.81 24.98
N PHE C 10 -2.07 -42.70 24.21
CA PHE C 10 -2.49 -43.71 23.19
C PHE C 10 -1.36 -43.93 22.15
N ASP C 11 -0.59 -42.90 21.79
CA ASP C 11 0.34 -42.94 20.63
C ASP C 11 1.64 -42.20 20.96
N PRO C 12 2.46 -42.73 21.88
CA PRO C 12 3.65 -42.01 22.36
C PRO C 12 4.78 -41.88 21.32
N GLU C 13 4.83 -42.78 20.34
CA GLU C 13 5.84 -42.78 19.25
C GLU C 13 5.73 -41.49 18.42
N LEU C 14 4.50 -41.14 18.03
CA LEU C 14 4.17 -39.95 17.21
C LEU C 14 4.43 -38.69 18.05
N TRP C 15 3.79 -38.57 19.21
CA TRP C 15 3.85 -37.35 20.07
C TRP C 15 5.25 -37.11 20.64
N ASN C 16 6.02 -38.16 20.91
CA ASN C 16 7.44 -37.97 21.34
C ASN C 16 8.22 -37.33 20.19
N ALA C 17 8.02 -37.81 18.95
CA ALA C 17 8.70 -37.29 17.73
C ALA C 17 8.30 -35.82 17.49
N ILE C 18 7.05 -35.44 17.77
CA ILE C 18 6.58 -34.03 17.72
C ILE C 18 7.35 -33.18 18.74
N ASP C 19 7.30 -33.51 20.03
CA ASP C 19 8.11 -32.80 21.08
C ASP C 19 9.57 -32.67 20.63
N ALA C 20 10.10 -33.69 19.96
CA ALA C 20 11.50 -33.74 19.46
C ALA C 20 11.69 -32.72 18.32
N GLU C 21 10.65 -32.45 17.53
CA GLU C 21 10.71 -31.50 16.38
C GLU C 21 10.67 -30.08 16.92
N ALA C 22 9.79 -29.80 17.90
CA ALA C 22 9.72 -28.54 18.68
C ALA C 22 11.10 -28.20 19.26
N GLU C 23 11.79 -29.21 19.78
CA GLU C 23 13.07 -29.04 20.50
C GLU C 23 14.17 -28.78 19.46
N ARG C 24 14.19 -29.53 18.36
CA ARG C 24 15.13 -29.29 17.23
C ARG C 24 14.95 -27.85 16.72
N GLN C 25 13.70 -27.40 16.52
CA GLN C 25 13.38 -26.02 16.04
C GLN C 25 13.95 -25.02 17.05
N GLN C 26 13.63 -25.19 18.34
CA GLN C 26 14.17 -24.36 19.45
C GLN C 26 15.71 -24.34 19.45
N ASN C 27 16.41 -25.43 19.13
CA ASN C 27 17.90 -25.48 19.28
C ASN C 27 18.60 -25.27 17.92
N ASN C 28 17.85 -24.98 16.86
CA ASN C 28 18.39 -24.72 15.49
C ASN C 28 18.36 -23.21 15.19
N ILE C 29 19.39 -22.71 14.51
CA ILE C 29 19.38 -21.38 13.84
C ILE C 29 18.91 -21.63 12.39
N GLU C 30 17.65 -21.32 12.12
CA GLU C 30 16.99 -21.56 10.81
C GLU C 30 17.28 -20.38 9.88
N LEU C 31 18.14 -20.62 8.89
CA LEU C 31 18.59 -19.67 7.85
C LEU C 31 18.06 -20.09 6.48
N ILE C 32 17.32 -21.19 6.38
CA ILE C 32 16.73 -21.61 5.08
C ILE C 32 15.68 -20.52 4.75
N ALA C 33 15.92 -19.82 3.65
CA ALA C 33 15.25 -18.55 3.25
C ALA C 33 13.71 -18.68 3.16
N SER C 34 13.20 -19.87 2.84
CA SER C 34 11.75 -20.17 2.66
C SER C 34 11.04 -20.40 4.00
N GLU C 35 11.79 -20.56 5.08
CA GLU C 35 11.24 -20.98 6.38
C GLU C 35 10.74 -19.78 7.16
N ASN C 36 9.78 -20.01 8.05
CA ASN C 36 9.35 -18.99 9.02
C ASN C 36 8.85 -19.68 10.29
N VAL C 37 8.44 -18.87 11.25
CA VAL C 37 7.87 -19.29 12.55
C VAL C 37 6.48 -18.68 12.65
N VAL C 38 5.45 -19.48 12.40
CA VAL C 38 4.04 -19.00 12.35
C VAL C 38 3.58 -18.74 13.79
N SER C 39 2.54 -17.94 13.96
CA SER C 39 1.99 -17.59 15.30
C SER C 39 1.36 -18.84 15.89
N LYS C 40 1.02 -18.80 17.18
CA LYS C 40 0.17 -19.84 17.82
C LYS C 40 -1.24 -19.77 17.23
N ALA C 41 -1.69 -18.58 16.83
CA ALA C 41 -3.05 -18.38 16.26
C ALA C 41 -3.17 -19.15 14.93
N VAL C 42 -2.14 -19.09 14.10
CA VAL C 42 -2.11 -19.79 12.78
C VAL C 42 -2.23 -21.29 13.06
N MET C 43 -1.36 -21.84 13.91
CA MET C 43 -1.31 -23.28 14.25
C MET C 43 -2.69 -23.73 14.81
N ALA C 44 -3.24 -23.00 15.77
CA ALA C 44 -4.54 -23.35 16.41
C ALA C 44 -5.65 -23.44 15.36
N ALA C 45 -5.70 -22.49 14.43
CA ALA C 45 -6.73 -22.43 13.36
C ALA C 45 -6.72 -23.71 12.53
N GLN C 46 -5.53 -24.19 12.13
CA GLN C 46 -5.32 -25.46 11.36
C GLN C 46 -5.79 -26.64 12.21
N GLY C 47 -5.72 -26.49 13.55
CA GLY C 47 -6.02 -27.52 14.57
C GLY C 47 -7.50 -27.58 14.95
N THR C 48 -8.40 -26.93 14.20
CA THR C 48 -9.85 -26.83 14.50
C THR C 48 -10.64 -27.91 13.75
N LEU C 49 -11.93 -28.05 14.10
CA LEU C 49 -12.87 -29.08 13.56
C LEU C 49 -13.42 -28.64 12.21
N LEU C 50 -12.89 -27.57 11.62
CA LEU C 50 -13.23 -27.15 10.23
C LEU C 50 -12.70 -28.18 9.22
N THR C 51 -11.75 -29.04 9.63
CA THR C 51 -11.29 -30.23 8.85
C THR C 51 -12.44 -31.20 8.59
N ASN C 52 -13.50 -31.18 9.41
CA ASN C 52 -14.65 -32.12 9.28
C ASN C 52 -15.57 -31.75 8.11
N LYS C 53 -15.64 -30.47 7.72
CA LYS C 53 -16.59 -29.99 6.69
C LYS C 53 -15.89 -29.90 5.32
N THR C 54 -16.46 -30.53 4.29
CA THR C 54 -16.05 -30.36 2.86
C THR C 54 -16.95 -29.29 2.21
N ALA C 55 -16.30 -28.31 1.58
CA ALA C 55 -16.93 -27.10 1.02
C ALA C 55 -16.63 -26.98 -0.48
N GLU C 56 -16.80 -28.07 -1.23
CA GLU C 56 -16.72 -28.03 -2.71
C GLU C 56 -17.43 -26.76 -3.20
N GLY C 57 -16.78 -26.01 -4.08
CA GLY C 57 -17.27 -24.74 -4.66
C GLY C 57 -16.68 -23.54 -3.96
N TYR C 58 -17.30 -22.37 -4.12
CA TYR C 58 -16.87 -21.06 -3.56
C TYR C 58 -17.97 -20.47 -2.68
N PRO C 59 -17.67 -19.44 -1.86
CA PRO C 59 -18.66 -18.90 -0.91
C PRO C 59 -19.99 -18.55 -1.58
N GLY C 60 -21.10 -19.06 -1.02
CA GLY C 60 -22.46 -18.82 -1.54
C GLY C 60 -22.68 -19.39 -2.93
N LYS C 61 -21.82 -20.31 -3.38
CA LYS C 61 -22.03 -21.15 -4.59
C LYS C 61 -21.41 -22.53 -4.30
N ARG C 62 -21.72 -23.08 -3.12
CA ARG C 62 -21.23 -24.42 -2.70
C ARG C 62 -22.11 -25.50 -3.33
N TYR C 63 -21.58 -26.73 -3.39
CA TYR C 63 -22.31 -27.92 -3.83
C TYR C 63 -23.38 -28.22 -2.77
N TYR C 64 -23.06 -27.97 -1.51
CA TYR C 64 -23.76 -28.50 -0.31
C TYR C 64 -24.30 -27.37 0.57
N GLY C 65 -24.99 -27.76 1.64
CA GLY C 65 -25.32 -26.92 2.81
C GLY C 65 -24.40 -27.25 3.97
N GLY C 66 -24.58 -26.55 5.09
CA GLY C 66 -23.68 -26.60 6.28
C GLY C 66 -22.55 -25.61 6.13
N THR C 67 -22.64 -24.77 5.09
CA THR C 67 -21.50 -24.00 4.51
C THR C 67 -21.65 -22.50 4.78
N ALA C 68 -22.72 -22.07 5.45
CA ALA C 68 -22.96 -20.65 5.79
C ALA C 68 -21.79 -20.13 6.64
N VAL C 69 -21.31 -20.90 7.63
CA VAL C 69 -20.18 -20.49 8.53
C VAL C 69 -18.84 -20.61 7.77
N ILE C 70 -18.64 -21.73 7.05
CA ILE C 70 -17.49 -21.91 6.13
C ILE C 70 -17.37 -20.68 5.24
N ASP C 71 -18.47 -20.28 4.57
CA ASP C 71 -18.56 -19.09 3.67
C ASP C 71 -18.07 -17.83 4.37
N VAL C 72 -18.35 -17.67 5.67
CA VAL C 72 -17.83 -16.51 6.45
C VAL C 72 -16.31 -16.64 6.52
N VAL C 73 -15.80 -17.81 6.92
CA VAL C 73 -14.33 -18.01 7.15
C VAL C 73 -13.57 -17.78 5.84
N GLU C 74 -14.03 -18.37 4.73
CA GLU C 74 -13.36 -18.22 3.42
C GLU C 74 -13.51 -16.77 2.90
N THR C 75 -14.68 -16.15 3.01
CA THR C 75 -14.87 -14.74 2.55
C THR C 75 -13.88 -13.81 3.30
N LEU C 76 -13.68 -14.06 4.59
CA LEU C 76 -12.69 -13.36 5.45
C LEU C 76 -11.28 -13.48 4.87
N ALA C 77 -10.87 -14.67 4.40
CA ALA C 77 -9.53 -14.90 3.81
C ALA C 77 -9.44 -14.16 2.48
N ILE C 78 -10.49 -14.26 1.68
CA ILE C 78 -10.59 -13.62 0.33
C ILE C 78 -10.47 -12.10 0.52
N GLU C 79 -11.30 -11.51 1.38
CA GLU C 79 -11.32 -10.04 1.59
C GLU C 79 -9.99 -9.59 2.22
N ARG C 80 -9.43 -10.35 3.16
CA ARG C 80 -8.13 -9.94 3.77
C ARG C 80 -7.05 -9.94 2.68
N ALA C 81 -6.98 -10.98 1.84
CA ALA C 81 -5.99 -11.09 0.74
C ALA C 81 -6.14 -9.86 -0.15
N LYS C 82 -7.35 -9.62 -0.64
CA LYS C 82 -7.71 -8.47 -1.51
C LYS C 82 -7.25 -7.17 -0.86
N LYS C 83 -7.57 -6.96 0.42
CA LYS C 83 -7.24 -5.69 1.12
C LYS C 83 -5.72 -5.59 1.25
N LEU C 84 -5.06 -6.64 1.70
CA LEU C 84 -3.59 -6.55 1.92
C LEU C 84 -2.89 -6.21 0.62
N PHE C 85 -3.23 -6.91 -0.47
CA PHE C 85 -2.42 -6.94 -1.70
C PHE C 85 -3.02 -5.94 -2.68
N GLY C 86 -4.24 -5.48 -2.39
CA GLY C 86 -4.92 -4.44 -3.20
C GLY C 86 -5.32 -4.97 -4.55
N ALA C 87 -6.07 -6.08 -4.58
CA ALA C 87 -6.47 -6.80 -5.80
C ALA C 87 -7.99 -6.91 -5.78
N LYS C 88 -8.62 -6.93 -6.95
CA LYS C 88 -10.09 -7.02 -7.00
C LYS C 88 -10.53 -8.45 -6.74
N PHE C 89 -9.66 -9.44 -6.99
CA PHE C 89 -10.05 -10.87 -6.92
C PHE C 89 -8.98 -11.67 -6.21
N ALA C 90 -9.41 -12.60 -5.38
CA ALA C 90 -8.53 -13.55 -4.67
C ALA C 90 -9.17 -14.94 -4.62
N ASN C 91 -8.33 -15.95 -4.71
CA ASN C 91 -8.75 -17.35 -4.54
C ASN C 91 -7.84 -17.95 -3.49
N VAL C 92 -8.41 -18.52 -2.43
CA VAL C 92 -7.65 -18.97 -1.23
C VAL C 92 -7.72 -20.47 -1.10
N GLN C 93 -8.27 -21.17 -2.10
CA GLN C 93 -8.41 -22.64 -2.05
C GLN C 93 -7.13 -23.39 -2.43
N PRO C 94 -6.13 -22.83 -3.16
CA PRO C 94 -4.98 -23.64 -3.54
C PRO C 94 -4.26 -24.30 -2.34
N HIS C 95 -4.01 -25.60 -2.47
CA HIS C 95 -3.41 -26.45 -1.42
C HIS C 95 -1.95 -26.05 -1.21
N SER C 96 -1.33 -25.45 -2.23
CA SER C 96 0.13 -25.15 -2.23
C SER C 96 0.47 -24.11 -3.30
N GLY C 97 1.67 -23.54 -3.23
CA GLY C 97 2.21 -22.75 -4.33
C GLY C 97 2.10 -23.52 -5.63
N SER C 98 2.43 -24.80 -5.61
CA SER C 98 2.50 -25.63 -6.83
C SER C 98 1.12 -25.70 -7.49
N GLN C 99 0.07 -25.95 -6.71
CA GLN C 99 -1.33 -26.06 -7.21
C GLN C 99 -1.80 -24.69 -7.72
N ALA C 100 -1.45 -23.60 -7.02
CA ALA C 100 -1.76 -22.23 -7.44
C ALA C 100 -1.17 -21.96 -8.82
N ASN C 101 0.11 -22.23 -8.98
CA ASN C 101 0.79 -22.06 -10.30
C ASN C 101 0.13 -22.94 -11.37
N ALA C 102 -0.16 -24.21 -11.04
CA ALA C 102 -0.81 -25.15 -11.98
C ALA C 102 -2.15 -24.58 -12.43
N ALA C 103 -2.89 -23.89 -11.56
CA ALA C 103 -4.27 -23.44 -11.86
C ALA C 103 -4.20 -22.25 -12.81
N VAL C 104 -3.15 -21.44 -12.72
CA VAL C 104 -2.98 -20.22 -13.57
C VAL C 104 -2.58 -20.66 -14.98
N TYR C 105 -1.68 -21.62 -15.13
CA TYR C 105 -1.33 -22.17 -16.47
C TYR C 105 -2.63 -22.69 -17.11
N MET C 106 -3.40 -23.46 -16.36
CA MET C 106 -4.65 -24.10 -16.84
C MET C 106 -5.65 -23.02 -17.30
N SER C 107 -5.61 -21.81 -16.70
CA SER C 107 -6.57 -20.71 -16.97
C SER C 107 -6.14 -19.86 -18.16
N LEU C 108 -4.85 -19.71 -18.40
CA LEU C 108 -4.35 -18.70 -19.37
C LEU C 108 -3.83 -19.34 -20.66
N ILE C 109 -3.34 -20.59 -20.63
CA ILE C 109 -2.60 -21.18 -21.79
C ILE C 109 -3.05 -22.64 -22.03
N GLN C 110 -2.63 -23.21 -23.16
N GLN C 110 -2.59 -23.23 -23.14
CA GLN C 110 -2.97 -24.60 -23.60
CA GLN C 110 -2.95 -24.59 -23.60
C GLN C 110 -1.73 -25.47 -23.45
C GLN C 110 -1.72 -25.47 -23.47
N PRO C 111 -1.87 -26.81 -23.24
CA PRO C 111 -0.72 -27.71 -23.30
C PRO C 111 0.08 -27.46 -24.60
N GLY C 112 1.40 -27.41 -24.52
CA GLY C 112 2.24 -27.10 -25.69
C GLY C 112 2.66 -25.64 -25.77
N ASP C 113 1.84 -24.71 -25.26
CA ASP C 113 2.10 -23.25 -25.42
C ASP C 113 3.46 -22.94 -24.84
N THR C 114 4.16 -21.96 -25.41
CA THR C 114 5.50 -21.53 -24.92
C THR C 114 5.35 -20.62 -23.69
N VAL C 115 6.14 -20.89 -22.67
CA VAL C 115 6.19 -20.09 -21.42
C VAL C 115 7.63 -19.76 -21.17
N MET C 116 7.92 -18.53 -20.77
CA MET C 116 9.26 -18.12 -20.30
C MET C 116 9.23 -17.96 -18.78
N GLY C 117 10.16 -18.64 -18.09
CA GLY C 117 10.30 -18.59 -16.63
C GLY C 117 11.75 -18.48 -16.28
N MET C 118 12.04 -18.06 -15.06
CA MET C 118 13.44 -17.87 -14.62
C MET C 118 14.12 -19.23 -14.48
N ASP C 119 15.38 -19.30 -14.90
CA ASP C 119 16.18 -20.55 -15.00
C ASP C 119 16.35 -21.09 -13.58
N LEU C 120 16.15 -22.40 -13.42
CA LEU C 120 16.41 -23.16 -12.18
C LEU C 120 17.77 -22.74 -11.59
N SER C 121 18.80 -22.52 -12.43
CA SER C 121 20.16 -22.01 -12.08
C SER C 121 20.11 -20.72 -11.25
N ALA C 122 19.16 -19.81 -11.52
CA ALA C 122 19.15 -18.42 -10.97
C ALA C 122 17.95 -18.19 -10.07
N GLY C 123 17.14 -19.21 -9.82
CA GLY C 123 16.13 -19.18 -8.75
C GLY C 123 14.73 -19.49 -9.22
N GLY C 124 14.57 -19.94 -10.47
CA GLY C 124 13.29 -20.48 -10.93
C GLY C 124 12.85 -21.63 -10.07
N HIS C 125 11.56 -21.68 -9.71
CA HIS C 125 10.97 -22.83 -8.97
C HIS C 125 10.73 -24.01 -9.92
N LEU C 126 10.48 -25.20 -9.36
CA LEU C 126 10.27 -26.46 -10.14
C LEU C 126 9.10 -26.26 -11.11
N THR C 127 8.02 -25.61 -10.62
CA THR C 127 6.75 -25.32 -11.34
C THR C 127 6.91 -24.22 -12.41
N HIS C 128 8.13 -23.68 -12.55
CA HIS C 128 8.52 -22.68 -13.57
C HIS C 128 9.21 -23.36 -14.75
N GLY C 129 9.06 -24.68 -14.88
CA GLY C 129 9.34 -25.44 -16.12
C GLY C 129 10.42 -26.50 -15.98
N ALA C 130 10.69 -27.01 -14.77
CA ALA C 130 11.62 -28.15 -14.57
C ALA C 130 11.11 -29.35 -15.37
N PRO C 131 11.98 -30.08 -16.14
CA PRO C 131 11.51 -31.17 -17.00
C PRO C 131 10.87 -32.27 -16.13
N VAL C 132 11.26 -32.32 -14.85
CA VAL C 132 10.75 -33.32 -13.85
C VAL C 132 9.40 -32.86 -13.27
N SER C 133 8.94 -31.65 -13.57
CA SER C 133 7.67 -31.05 -13.07
C SER C 133 6.65 -31.12 -14.20
N PHE C 134 5.36 -31.25 -13.86
CA PHE C 134 4.20 -31.15 -14.79
C PHE C 134 4.32 -29.88 -15.66
N SER C 135 4.92 -28.83 -15.10
CA SER C 135 5.15 -27.55 -15.82
C SER C 135 5.92 -27.89 -17.11
N GLY C 136 7.14 -28.42 -16.97
CA GLY C 136 8.07 -28.78 -18.08
C GLY C 136 7.51 -29.85 -19.03
N LYS C 137 6.69 -30.78 -18.54
CA LYS C 137 6.14 -31.89 -19.36
C LYS C 137 4.94 -31.39 -20.18
N THR C 138 4.13 -30.48 -19.64
CA THR C 138 2.85 -30.04 -20.24
C THR C 138 3.04 -28.85 -21.19
N TYR C 139 3.94 -27.91 -20.89
CA TYR C 139 4.05 -26.62 -21.62
C TYR C 139 5.49 -26.54 -22.15
N ASN C 140 5.73 -25.64 -23.07
CA ASN C 140 7.07 -25.48 -23.70
C ASN C 140 7.79 -24.35 -22.96
N PHE C 141 8.55 -24.67 -21.92
CA PHE C 141 9.25 -23.68 -21.07
C PHE C 141 10.59 -23.35 -21.70
N VAL C 142 10.89 -22.06 -21.77
CA VAL C 142 12.20 -21.53 -22.23
C VAL C 142 12.65 -20.57 -21.13
N SER C 143 13.79 -20.82 -20.49
CA SER C 143 14.23 -20.07 -19.29
C SER C 143 15.01 -18.81 -19.70
N TYR C 144 14.88 -17.74 -18.92
CA TYR C 144 15.77 -16.56 -19.00
C TYR C 144 16.69 -16.63 -17.79
N ASN C 145 17.91 -16.15 -17.95
CA ASN C 145 18.90 -16.09 -16.84
C ASN C 145 18.98 -14.66 -16.33
N VAL C 146 19.91 -14.42 -15.42
CA VAL C 146 20.47 -13.09 -15.13
C VAL C 146 21.72 -12.89 -16.02
N ASP C 147 22.21 -11.66 -16.11
CA ASP C 147 23.46 -11.37 -16.83
C ASP C 147 24.62 -12.08 -16.10
N LYS C 148 25.46 -12.77 -16.85
CA LYS C 148 26.62 -13.52 -16.35
C LYS C 148 27.46 -12.60 -15.48
N GLU C 149 27.64 -11.34 -15.87
CA GLU C 149 28.71 -10.49 -15.29
C GLU C 149 28.17 -9.75 -14.05
N SER C 150 26.92 -9.28 -14.08
CA SER C 150 26.33 -8.48 -12.96
C SER C 150 25.47 -9.37 -12.04
N GLU C 151 24.92 -10.46 -12.57
CA GLU C 151 23.97 -11.38 -11.87
C GLU C 151 22.66 -10.63 -11.57
N LEU C 152 22.36 -9.61 -12.39
CA LEU C 152 21.07 -8.89 -12.35
C LEU C 152 20.22 -9.33 -13.52
N LEU C 153 18.91 -9.44 -13.35
CA LEU C 153 17.94 -9.44 -14.46
C LEU C 153 18.30 -8.32 -15.44
N ASP C 154 18.50 -8.68 -16.72
CA ASP C 154 18.76 -7.74 -17.83
C ASP C 154 17.50 -7.73 -18.68
N TYR C 155 16.70 -6.66 -18.58
CA TYR C 155 15.34 -6.55 -19.16
C TYR C 155 15.43 -6.33 -20.69
N ASP C 156 16.55 -5.83 -21.21
CA ASP C 156 16.80 -5.71 -22.68
C ASP C 156 16.97 -7.12 -23.28
N ALA C 157 17.92 -7.91 -22.72
CA ALA C 157 18.17 -9.34 -23.01
C ALA C 157 16.86 -10.12 -22.88
N ILE C 158 16.13 -9.97 -21.79
CA ILE C 158 14.86 -10.74 -21.64
C ILE C 158 13.93 -10.34 -22.79
N LEU C 159 13.90 -9.05 -23.19
CA LEU C 159 12.96 -8.62 -24.26
C LEU C 159 13.40 -9.28 -25.59
N ALA C 160 14.68 -9.28 -25.90
CA ALA C 160 15.25 -9.92 -27.09
C ALA C 160 14.72 -11.37 -27.16
N GLN C 161 14.98 -12.17 -26.13
CA GLN C 161 14.60 -13.59 -26.07
C GLN C 161 13.09 -13.71 -26.25
N ALA C 162 12.30 -12.81 -25.67
CA ALA C 162 10.83 -12.87 -25.76
C ALA C 162 10.39 -12.67 -27.21
N LYS C 163 11.13 -11.85 -27.95
CA LYS C 163 10.80 -11.49 -29.34
C LYS C 163 11.09 -12.69 -30.26
N GLU C 164 12.17 -13.43 -29.99
CA GLU C 164 12.55 -14.70 -30.68
C GLU C 164 11.58 -15.85 -30.43
N VAL C 165 11.05 -15.96 -29.22
CA VAL C 165 10.44 -17.20 -28.63
C VAL C 165 8.93 -17.02 -28.57
N ARG C 166 8.48 -15.77 -28.53
CA ARG C 166 7.04 -15.40 -28.62
C ARG C 166 6.23 -16.21 -27.64
N PRO C 167 6.55 -16.13 -26.33
CA PRO C 167 5.84 -16.91 -25.33
C PRO C 167 4.40 -16.43 -25.29
N LYS C 168 3.48 -17.30 -24.87
CA LYS C 168 2.11 -16.85 -24.55
C LYS C 168 2.03 -16.38 -23.10
N LEU C 169 3.03 -16.70 -22.27
CA LEU C 169 3.01 -16.43 -20.81
C LEU C 169 4.44 -16.23 -20.37
N ILE C 170 4.72 -15.09 -19.70
CA ILE C 170 6.01 -14.88 -19.01
C ILE C 170 5.74 -14.97 -17.52
N VAL C 171 6.55 -15.80 -16.86
CA VAL C 171 6.55 -16.04 -15.39
C VAL C 171 7.74 -15.29 -14.83
N ALA C 172 7.50 -14.38 -13.89
CA ALA C 172 8.55 -13.70 -13.12
C ALA C 172 8.42 -14.12 -11.65
N GLY C 173 9.51 -14.03 -10.92
CA GLY C 173 9.55 -14.50 -9.52
C GLY C 173 10.60 -15.57 -9.38
N ALA C 174 11.22 -15.62 -8.20
CA ALA C 174 12.40 -16.47 -7.98
C ALA C 174 12.48 -16.88 -6.51
N SER C 175 13.47 -17.74 -6.25
CA SER C 175 13.76 -18.45 -4.97
C SER C 175 15.12 -18.04 -4.43
N ALA C 176 15.97 -17.41 -5.25
CA ALA C 176 17.41 -17.20 -4.98
C ALA C 176 17.90 -15.92 -5.67
N TYR C 177 16.97 -14.99 -5.97
CA TYR C 177 17.28 -13.64 -6.47
C TYR C 177 17.24 -12.63 -5.31
N SER C 178 18.31 -11.85 -5.14
CA SER C 178 18.47 -10.92 -3.96
C SER C 178 18.00 -9.51 -4.28
N ARG C 179 17.73 -9.19 -5.55
CA ARG C 179 17.49 -7.78 -5.93
C ARG C 179 16.02 -7.51 -6.22
N ILE C 180 15.71 -6.21 -6.28
CA ILE C 180 14.34 -5.69 -6.49
C ILE C 180 13.96 -6.03 -7.94
N ILE C 181 12.83 -6.70 -8.14
CA ILE C 181 12.36 -7.01 -9.50
C ILE C 181 11.50 -5.84 -9.95
N ASP C 182 11.71 -5.39 -11.18
CA ASP C 182 10.93 -4.31 -11.81
C ASP C 182 9.76 -4.96 -12.52
N PHE C 183 8.66 -5.14 -11.80
CA PHE C 183 7.44 -5.74 -12.37
C PHE C 183 6.95 -4.91 -13.59
N ALA C 184 7.09 -3.60 -13.56
CA ALA C 184 6.66 -2.73 -14.69
C ALA C 184 7.40 -3.12 -15.96
N LYS C 185 8.69 -3.41 -15.85
CA LYS C 185 9.48 -3.80 -17.04
C LYS C 185 8.95 -5.16 -17.49
N PHE C 186 8.73 -6.10 -16.59
CA PHE C 186 8.24 -7.44 -16.99
C PHE C 186 6.93 -7.27 -17.77
N ARG C 187 6.01 -6.44 -17.30
CA ARG C 187 4.69 -6.28 -17.93
C ARG C 187 4.87 -5.52 -19.26
N GLU C 188 5.85 -4.61 -19.33
CA GLU C 188 6.21 -3.92 -20.59
C GLU C 188 6.63 -4.99 -21.61
N ILE C 189 7.58 -5.86 -21.24
CA ILE C 189 8.06 -7.03 -22.02
C ILE C 189 6.88 -7.89 -22.42
N ALA C 190 6.06 -8.32 -21.47
CA ALA C 190 4.86 -9.12 -21.78
C ALA C 190 4.05 -8.41 -22.86
N ASP C 191 3.89 -7.09 -22.72
CA ASP C 191 2.96 -6.31 -23.57
C ASP C 191 3.61 -6.24 -24.95
N ALA C 192 4.94 -6.08 -25.04
CA ALA C 192 5.58 -5.89 -26.35
C ALA C 192 5.40 -7.14 -27.24
N VAL C 193 5.31 -8.36 -26.68
CA VAL C 193 5.20 -9.63 -27.48
C VAL C 193 3.81 -10.26 -27.31
N GLY C 194 2.88 -9.64 -26.59
CA GLY C 194 1.48 -10.12 -26.54
C GLY C 194 1.26 -11.19 -25.48
N ALA C 195 2.22 -11.41 -24.59
CA ALA C 195 2.13 -12.48 -23.55
C ALA C 195 1.29 -12.01 -22.38
N TYR C 196 0.72 -12.94 -21.62
CA TYR C 196 0.29 -12.72 -20.22
C TYR C 196 1.50 -12.65 -19.29
N LEU C 197 1.40 -11.91 -18.17
CA LEU C 197 2.46 -11.90 -17.12
C LEU C 197 1.89 -12.55 -15.89
N MET C 198 2.52 -13.64 -15.46
CA MET C 198 2.32 -14.26 -14.14
C MET C 198 3.51 -13.90 -13.24
N VAL C 199 3.25 -13.37 -12.06
CA VAL C 199 4.30 -13.25 -11.01
C VAL C 199 4.01 -14.25 -9.90
N ASP C 200 5.00 -15.11 -9.64
CA ASP C 200 5.05 -16.03 -8.47
C ASP C 200 5.85 -15.30 -7.40
N MET C 201 5.17 -14.67 -6.45
CA MET C 201 5.83 -13.75 -5.48
C MET C 201 6.07 -14.47 -4.15
N ALA C 202 6.04 -15.82 -4.16
CA ALA C 202 6.09 -16.73 -2.99
C ALA C 202 7.19 -16.30 -2.02
N HIS C 203 8.42 -16.09 -2.48
CA HIS C 203 9.54 -15.78 -1.56
C HIS C 203 9.37 -14.40 -0.94
N ILE C 204 8.77 -13.44 -1.66
CA ILE C 204 8.81 -12.00 -1.30
C ILE C 204 7.43 -11.51 -0.87
N ALA C 205 6.40 -12.37 -0.81
CA ALA C 205 5.04 -11.89 -0.51
C ALA C 205 5.00 -11.06 0.78
N GLY C 206 5.75 -11.43 1.83
CA GLY C 206 5.73 -10.66 3.10
C GLY C 206 6.37 -9.30 2.95
N LEU C 207 7.46 -9.21 2.18
CA LEU C 207 8.07 -7.91 1.85
C LEU C 207 7.09 -7.07 0.99
N VAL C 208 6.26 -7.67 0.12
CA VAL C 208 5.19 -6.90 -0.59
C VAL C 208 4.19 -6.44 0.49
N ALA C 209 3.76 -7.34 1.36
CA ALA C 209 2.83 -7.04 2.47
C ALA C 209 3.41 -5.90 3.32
N SER C 210 4.69 -5.98 3.69
CA SER C 210 5.35 -5.00 4.60
C SER C 210 5.61 -3.66 3.90
N GLY C 211 5.50 -3.60 2.57
CA GLY C 211 5.78 -2.38 1.80
C GLY C 211 7.25 -2.27 1.42
N HIS C 212 8.08 -3.29 1.71
CA HIS C 212 9.54 -3.30 1.46
C HIS C 212 9.92 -3.76 0.05
N HIS C 213 9.02 -4.43 -0.68
CA HIS C 213 9.23 -4.83 -2.11
C HIS C 213 8.09 -4.28 -2.94
N PRO C 214 8.40 -3.61 -4.07
CA PRO C 214 7.36 -3.20 -5.01
C PRO C 214 6.40 -4.35 -5.30
N SER C 215 5.11 -4.04 -5.44
CA SER C 215 4.05 -5.05 -5.59
C SER C 215 3.90 -5.45 -7.06
N PRO C 216 3.83 -6.75 -7.39
CA PRO C 216 3.53 -7.15 -8.77
C PRO C 216 2.05 -7.04 -9.16
N VAL C 217 1.17 -6.81 -8.20
CA VAL C 217 -0.31 -6.97 -8.38
C VAL C 217 -0.85 -6.04 -9.46
N PRO C 218 -0.41 -4.76 -9.58
CA PRO C 218 -0.90 -3.90 -10.64
C PRO C 218 -0.25 -4.19 -11.99
N TYR C 219 0.77 -5.06 -12.05
CA TYR C 219 1.50 -5.32 -13.31
C TYR C 219 1.25 -6.73 -13.83
N ALA C 220 1.09 -7.73 -12.97
CA ALA C 220 0.83 -9.12 -13.36
C ALA C 220 -0.63 -9.25 -13.74
N HIS C 221 -0.93 -9.98 -14.81
CA HIS C 221 -2.31 -10.41 -15.11
C HIS C 221 -2.78 -11.25 -13.92
N VAL C 222 -1.89 -12.16 -13.49
CA VAL C 222 -2.15 -12.98 -12.28
C VAL C 222 -0.90 -13.01 -11.43
N THR C 223 -1.10 -12.96 -10.11
CA THR C 223 -0.04 -13.08 -9.07
C THR C 223 -0.36 -14.32 -8.27
N THR C 224 0.64 -15.14 -8.06
CA THR C 224 0.48 -16.35 -7.21
C THR C 224 1.46 -16.21 -6.07
N THR C 225 1.15 -16.87 -4.97
CA THR C 225 2.02 -16.93 -3.80
C THR C 225 1.72 -18.20 -2.99
N THR C 226 2.67 -18.58 -2.16
CA THR C 226 2.46 -19.38 -0.94
C THR C 226 2.00 -18.44 0.18
N THR C 227 1.12 -18.92 1.05
CA THR C 227 0.75 -18.24 2.29
C THR C 227 1.88 -18.44 3.31
N HIS C 228 2.73 -19.44 3.13
CA HIS C 228 3.97 -19.60 3.94
C HIS C 228 5.11 -18.81 3.30
N LYS C 229 6.26 -18.78 3.97
CA LYS C 229 7.54 -18.11 3.62
C LYS C 229 7.53 -16.75 4.31
N THR C 230 7.93 -15.66 3.64
CA THR C 230 8.07 -14.33 4.28
C THR C 230 6.72 -13.86 4.81
N LEU C 231 5.62 -14.29 4.24
CA LEU C 231 4.25 -13.80 4.59
C LEU C 231 3.78 -14.47 5.88
N ARG C 232 4.48 -15.53 6.28
CA ARG C 232 4.43 -16.11 7.65
C ARG C 232 3.04 -16.69 7.91
N GLY C 233 2.40 -17.20 6.88
CA GLY C 233 1.12 -17.90 7.00
C GLY C 233 1.31 -19.40 7.10
N PRO C 234 0.20 -20.16 7.14
CA PRO C 234 0.25 -21.62 7.05
C PRO C 234 0.69 -22.06 5.64
N ARG C 235 1.13 -23.30 5.51
CA ARG C 235 1.54 -23.91 4.24
C ARG C 235 0.31 -24.02 3.32
N GLY C 236 0.36 -23.35 2.16
CA GLY C 236 -0.76 -23.29 1.19
C GLY C 236 -0.49 -22.30 0.07
N GLY C 237 -1.45 -22.13 -0.83
CA GLY C 237 -1.37 -21.24 -2.00
C GLY C 237 -2.42 -20.15 -1.97
N LEU C 238 -2.28 -19.17 -2.87
CA LEU C 238 -3.16 -17.99 -3.03
C LEU C 238 -2.97 -17.43 -4.44
N ILE C 239 -4.06 -17.05 -5.08
CA ILE C 239 -4.06 -16.45 -6.44
C ILE C 239 -4.78 -15.11 -6.38
N LEU C 240 -4.19 -14.09 -6.99
CA LEU C 240 -4.73 -12.72 -7.13
C LEU C 240 -4.77 -12.30 -8.59
N THR C 241 -5.80 -11.52 -8.93
CA THR C 241 -5.93 -10.87 -10.24
C THR C 241 -6.82 -9.63 -10.09
N ASP C 242 -6.72 -8.66 -10.99
CA ASP C 242 -7.63 -7.48 -11.07
C ASP C 242 -8.69 -7.69 -12.18
N ASP C 243 -8.54 -8.75 -12.99
CA ASP C 243 -9.35 -9.02 -14.23
C ASP C 243 -10.45 -10.03 -13.89
N GLU C 244 -11.71 -9.59 -13.93
CA GLU C 244 -12.87 -10.41 -13.49
C GLU C 244 -12.98 -11.67 -14.35
N ASP C 245 -12.63 -11.57 -15.63
CA ASP C 245 -12.76 -12.67 -16.61
C ASP C 245 -11.67 -13.70 -16.28
N ILE C 246 -10.45 -13.23 -16.04
CA ILE C 246 -9.36 -14.14 -15.57
C ILE C 246 -9.77 -14.74 -14.21
N ALA C 247 -10.42 -14.00 -13.33
CA ALA C 247 -10.81 -14.55 -12.00
C ALA C 247 -11.74 -15.75 -12.20
N LYS C 248 -12.69 -15.68 -13.13
CA LYS C 248 -13.72 -16.73 -13.28
C LYS C 248 -13.00 -18.02 -13.72
N LYS C 249 -12.01 -17.90 -14.61
CA LYS C 249 -11.24 -19.04 -15.15
C LYS C 249 -10.38 -19.65 -14.05
N LEU C 250 -9.71 -18.82 -13.25
CA LEU C 250 -8.88 -19.27 -12.10
C LEU C 250 -9.75 -20.08 -11.16
N ASN C 251 -10.97 -19.63 -10.87
CA ASN C 251 -11.90 -20.31 -9.92
C ASN C 251 -12.28 -21.68 -10.48
N SER C 252 -12.67 -21.75 -11.76
CA SER C 252 -12.96 -23.05 -12.44
C SER C 252 -11.74 -23.98 -12.40
N ALA C 253 -10.54 -23.45 -12.61
CA ALA C 253 -9.27 -24.20 -12.72
C ALA C 253 -8.90 -24.80 -11.36
N VAL C 254 -9.05 -24.04 -10.28
CA VAL C 254 -8.70 -24.54 -8.92
C VAL C 254 -9.70 -25.63 -8.53
N PHE C 255 -10.98 -25.37 -8.78
CA PHE C 255 -12.08 -26.36 -8.56
C PHE C 255 -13.22 -26.08 -9.53
N PRO C 256 -13.65 -27.05 -10.35
CA PRO C 256 -13.21 -28.45 -10.24
C PRO C 256 -11.97 -28.88 -11.06
N GLY C 257 -11.27 -27.92 -11.68
CA GLY C 257 -10.18 -28.21 -12.62
C GLY C 257 -9.17 -29.13 -11.98
N LEU C 258 -8.66 -28.76 -10.80
CA LEU C 258 -7.37 -29.26 -10.29
C LEU C 258 -7.50 -29.85 -8.89
N GLN C 259 -8.49 -29.42 -8.12
CA GLN C 259 -8.61 -29.81 -6.69
C GLN C 259 -10.00 -30.37 -6.44
N GLY C 260 -10.19 -31.08 -5.33
CA GLY C 260 -11.53 -31.40 -4.84
C GLY C 260 -11.98 -30.30 -3.91
N GLY C 261 -12.22 -30.64 -2.65
CA GLY C 261 -12.63 -29.67 -1.64
C GLY C 261 -11.42 -28.99 -0.99
N PRO C 262 -11.55 -27.71 -0.63
CA PRO C 262 -10.50 -26.97 0.03
C PRO C 262 -10.26 -27.43 1.48
N LEU C 263 -9.07 -27.15 1.99
CA LEU C 263 -8.74 -27.34 3.42
C LEU C 263 -9.20 -26.08 4.16
N GLU C 264 -10.41 -26.10 4.74
CA GLU C 264 -11.04 -24.90 5.34
C GLU C 264 -10.37 -24.56 6.67
N HIS C 265 -9.79 -25.55 7.35
CA HIS C 265 -8.95 -25.31 8.55
C HIS C 265 -7.69 -24.54 8.16
N VAL C 266 -7.03 -24.93 7.06
CA VAL C 266 -5.85 -24.19 6.52
C VAL C 266 -6.30 -22.79 6.09
N ILE C 267 -7.43 -22.67 5.40
CA ILE C 267 -7.97 -21.35 4.94
C ILE C 267 -8.23 -20.45 6.17
N ALA C 268 -8.77 -21.00 7.26
CA ALA C 268 -8.97 -20.27 8.53
C ALA C 268 -7.63 -19.64 8.92
N ALA C 269 -6.57 -20.44 8.94
CA ALA C 269 -5.20 -20.01 9.32
C ALA C 269 -4.63 -19.03 8.28
N LYS C 270 -5.07 -19.11 7.02
CA LYS C 270 -4.79 -18.08 5.99
C LYS C 270 -5.42 -16.76 6.44
N ALA C 271 -6.70 -16.75 6.83
CA ALA C 271 -7.39 -15.51 7.27
C ALA C 271 -6.65 -14.93 8.49
N VAL C 272 -6.22 -15.77 9.42
CA VAL C 272 -5.46 -15.34 10.63
C VAL C 272 -4.18 -14.62 10.16
N ALA C 273 -3.33 -15.26 9.36
CA ALA C 273 -2.00 -14.73 8.98
C ALA C 273 -2.15 -13.43 8.16
N LEU C 274 -3.17 -13.37 7.31
CA LEU C 274 -3.46 -12.17 6.47
C LEU C 274 -3.81 -11.00 7.40
N LYS C 275 -4.63 -11.23 8.42
CA LYS C 275 -4.93 -10.24 9.50
C LYS C 275 -3.63 -9.84 10.21
N GLU C 276 -2.79 -10.80 10.60
CA GLU C 276 -1.48 -10.49 11.23
C GLU C 276 -0.70 -9.56 10.29
N ALA C 277 -0.66 -9.86 8.99
CA ALA C 277 0.08 -9.10 7.93
C ALA C 277 -0.49 -7.69 7.70
N LEU C 278 -1.78 -7.48 7.96
CA LEU C 278 -2.43 -6.16 7.80
C LEU C 278 -2.11 -5.24 8.99
N ASP C 279 -1.56 -5.78 10.08
CA ASP C 279 -1.27 -5.04 11.33
C ASP C 279 0.03 -4.25 11.17
N PRO C 280 0.07 -2.97 11.60
CA PRO C 280 1.28 -2.17 11.47
C PRO C 280 2.56 -2.83 11.98
N ALA C 281 2.48 -3.78 12.91
CA ALA C 281 3.67 -4.52 13.40
C ALA C 281 4.32 -5.31 12.24
N PHE C 282 3.56 -5.73 11.22
CA PHE C 282 4.13 -6.51 10.08
C PHE C 282 5.10 -5.62 9.28
N LYS C 283 4.82 -4.32 9.14
CA LYS C 283 5.78 -3.34 8.53
C LYS C 283 7.10 -3.41 9.29
N GLU C 284 7.03 -3.43 10.63
CA GLU C 284 8.21 -3.49 11.54
C GLU C 284 8.97 -4.77 11.24
N TYR C 285 8.25 -5.90 11.16
CA TYR C 285 8.85 -7.24 10.86
C TYR C 285 9.67 -7.16 9.56
N GLY C 286 9.00 -6.69 8.49
CA GLY C 286 9.58 -6.58 7.14
C GLY C 286 10.83 -5.73 7.16
N GLU C 287 10.82 -4.64 7.91
CA GLU C 287 12.03 -3.78 8.03
C GLU C 287 13.16 -4.59 8.66
N ASN C 288 12.85 -5.38 9.69
CA ASN C 288 13.89 -6.19 10.42
C ASN C 288 14.38 -7.33 9.51
N VAL C 289 13.50 -7.89 8.66
CA VAL C 289 13.91 -8.94 7.67
C VAL C 289 15.02 -8.35 6.80
N ILE C 290 14.75 -7.18 6.22
CA ILE C 290 15.69 -6.51 5.27
C ILE C 290 17.02 -6.26 5.95
N LYS C 291 16.99 -5.57 7.11
CA LYS C 291 18.17 -5.20 7.94
C LYS C 291 18.93 -6.46 8.36
N ASN C 292 18.24 -7.45 8.91
CA ASN C 292 18.86 -8.72 9.39
C ASN C 292 19.61 -9.36 8.23
N ALA C 293 19.01 -9.45 7.02
CA ALA C 293 19.68 -10.13 5.88
C ALA C 293 20.87 -9.30 5.41
N ALA C 294 20.72 -7.98 5.35
CA ALA C 294 21.84 -7.10 4.90
C ALA C 294 23.00 -7.22 5.89
N ALA C 295 22.72 -7.32 7.18
CA ALA C 295 23.78 -7.46 8.21
C ALA C 295 24.56 -8.77 7.96
N MET C 296 23.88 -9.89 7.66
CA MET C 296 24.59 -11.17 7.35
C MET C 296 25.35 -11.06 6.03
N ALA C 297 24.83 -10.36 5.03
CA ALA C 297 25.51 -10.28 3.72
C ALA C 297 26.78 -9.43 3.89
N ASP C 298 26.72 -8.39 4.71
CA ASP C 298 27.89 -7.52 4.99
C ASP C 298 29.10 -8.39 5.41
N VAL C 299 28.91 -9.40 6.27
CA VAL C 299 30.06 -10.21 6.78
C VAL C 299 30.72 -10.91 5.59
N PHE C 300 29.95 -11.52 4.71
CA PHE C 300 30.52 -12.26 3.57
C PHE C 300 31.17 -11.28 2.60
N ASN C 301 30.51 -10.13 2.40
CA ASN C 301 31.05 -9.11 1.47
C ASN C 301 32.43 -8.69 1.98
N GLN C 302 32.53 -8.31 3.26
CA GLN C 302 33.81 -7.92 3.94
C GLN C 302 34.87 -9.02 3.71
N HIS C 303 34.57 -10.24 4.12
CA HIS C 303 35.53 -11.37 4.06
C HIS C 303 35.98 -11.63 2.63
N PRO C 304 37.31 -11.69 2.37
CA PRO C 304 37.83 -11.84 1.01
C PRO C 304 37.86 -13.28 0.46
N ASP C 305 37.39 -14.24 1.26
CA ASP C 305 37.28 -15.69 0.92
C ASP C 305 35.86 -16.02 0.45
N PHE C 306 34.93 -15.07 0.60
CA PHE C 306 33.49 -15.25 0.28
C PHE C 306 33.00 -14.13 -0.65
N ARG C 307 32.23 -14.51 -1.67
CA ARG C 307 31.52 -13.57 -2.58
C ARG C 307 30.01 -13.77 -2.46
N VAL C 308 29.29 -12.67 -2.17
CA VAL C 308 27.81 -12.60 -2.20
C VAL C 308 27.38 -12.39 -3.66
N ILE C 309 26.49 -13.26 -4.17
CA ILE C 309 25.94 -13.20 -5.55
C ILE C 309 25.21 -11.84 -5.70
N SER C 310 25.53 -11.13 -6.79
CA SER C 310 25.02 -9.77 -7.10
C SER C 310 25.61 -8.75 -6.11
N GLY C 311 26.59 -9.12 -5.27
CA GLY C 311 27.32 -8.20 -4.39
C GLY C 311 26.52 -7.79 -3.16
N GLY C 312 25.34 -8.35 -2.93
CA GLY C 312 24.47 -7.89 -1.84
C GLY C 312 23.06 -8.42 -1.98
N THR C 313 22.14 -7.82 -1.24
CA THR C 313 20.69 -8.12 -1.25
C THR C 313 19.89 -6.84 -1.00
N ASN C 314 18.65 -6.80 -1.46
CA ASN C 314 17.63 -5.77 -1.06
C ASN C 314 16.37 -6.52 -0.67
N ASN C 315 16.47 -7.82 -0.33
CA ASN C 315 15.32 -8.58 0.25
C ASN C 315 15.85 -9.49 1.37
N HIS C 316 15.11 -10.55 1.68
CA HIS C 316 15.29 -11.44 2.84
C HIS C 316 16.42 -12.46 2.65
N LEU C 317 17.07 -12.52 1.50
CA LEU C 317 17.95 -13.67 1.18
C LEU C 317 19.14 -13.18 0.39
N PHE C 318 20.18 -14.02 0.37
CA PHE C 318 21.38 -13.88 -0.48
C PHE C 318 22.00 -15.25 -0.68
N LEU C 319 22.88 -15.34 -1.67
CA LEU C 319 23.71 -16.51 -2.02
C LEU C 319 25.18 -16.11 -1.82
N VAL C 320 26.01 -17.06 -1.37
CA VAL C 320 27.47 -16.90 -1.20
C VAL C 320 28.17 -18.01 -1.96
N ASP C 321 29.16 -17.68 -2.78
CA ASP C 321 30.09 -18.67 -3.36
C ASP C 321 31.06 -19.04 -2.25
N VAL C 322 31.14 -20.33 -1.89
CA VAL C 322 31.93 -20.80 -0.71
C VAL C 322 33.18 -21.55 -1.19
N THR C 323 33.32 -21.71 -2.50
CA THR C 323 34.22 -22.73 -3.12
C THR C 323 35.67 -22.36 -2.85
N LYS C 324 35.96 -21.14 -2.40
CA LYS C 324 37.33 -20.76 -2.02
C LYS C 324 37.66 -21.37 -0.65
N VAL C 325 36.66 -21.79 0.14
CA VAL C 325 36.87 -22.19 1.57
C VAL C 325 36.50 -23.67 1.81
N VAL C 326 35.53 -24.21 1.07
CA VAL C 326 35.17 -25.66 1.14
C VAL C 326 34.93 -26.12 -0.29
N GLU C 327 34.89 -27.43 -0.57
CA GLU C 327 34.81 -27.98 -1.95
C GLU C 327 33.54 -27.45 -2.65
N ASN C 328 32.40 -27.39 -1.94
CA ASN C 328 31.08 -27.10 -2.56
C ASN C 328 30.07 -26.71 -1.48
N GLY C 329 28.86 -26.35 -1.90
CA GLY C 329 27.77 -25.90 -1.01
C GLY C 329 27.23 -27.03 -0.16
N LYS C 330 27.22 -28.25 -0.71
CA LYS C 330 26.83 -29.48 0.04
C LYS C 330 27.71 -29.59 1.29
N VAL C 331 29.04 -29.46 1.14
CA VAL C 331 29.99 -29.50 2.30
C VAL C 331 29.68 -28.34 3.26
N ALA C 332 29.39 -27.16 2.72
CA ALA C 332 29.09 -25.96 3.55
C ALA C 332 27.82 -26.23 4.35
N GLN C 333 26.79 -26.79 3.71
CA GLN C 333 25.53 -27.15 4.42
C GLN C 333 25.84 -28.16 5.55
N ASN C 334 26.63 -29.20 5.25
CA ASN C 334 26.96 -30.30 6.21
C ASN C 334 27.68 -29.68 7.41
N VAL C 335 28.74 -28.92 7.14
CA VAL C 335 29.57 -28.30 8.20
C VAL C 335 28.66 -27.53 9.14
N LEU C 336 27.74 -26.72 8.59
CA LEU C 336 26.96 -25.75 9.39
C LEU C 336 25.91 -26.47 10.22
N GLU C 337 25.34 -27.56 9.69
CA GLU C 337 24.42 -28.43 10.48
C GLU C 337 25.12 -28.84 11.79
N GLU C 338 26.45 -29.05 11.75
CA GLU C 338 27.21 -29.56 12.92
C GLU C 338 27.24 -28.51 14.03
N VAL C 339 27.11 -27.21 13.68
CA VAL C 339 27.00 -26.12 14.70
C VAL C 339 25.53 -25.69 14.86
N ASN C 340 24.57 -26.50 14.40
CA ASN C 340 23.13 -26.25 14.64
C ASN C 340 22.66 -25.01 13.85
N ILE C 341 23.26 -24.79 12.69
CA ILE C 341 22.79 -23.78 11.70
C ILE C 341 22.34 -24.51 10.44
N THR C 342 21.04 -24.52 10.17
CA THR C 342 20.50 -25.06 8.90
C THR C 342 20.33 -23.93 7.90
N LEU C 343 21.03 -24.07 6.79
CA LEU C 343 20.68 -23.42 5.52
C LEU C 343 20.65 -24.53 4.46
N ASN C 344 20.73 -24.17 3.19
CA ASN C 344 20.74 -25.16 2.09
C ASN C 344 21.77 -24.71 1.07
N LYS C 345 22.54 -25.67 0.55
CA LYS C 345 23.41 -25.52 -0.64
C LYS C 345 22.55 -24.90 -1.74
N ASN C 346 23.14 -24.26 -2.73
CA ASN C 346 22.31 -23.59 -3.76
C ASN C 346 23.17 -23.29 -4.98
N SER C 347 22.67 -23.69 -6.15
CA SER C 347 23.29 -23.31 -7.44
C SER C 347 23.37 -21.79 -7.48
N ILE C 348 24.52 -21.27 -7.92
CA ILE C 348 24.76 -19.84 -8.20
C ILE C 348 24.58 -19.70 -9.71
N PRO C 349 24.27 -18.49 -10.22
CA PRO C 349 24.09 -18.29 -11.66
C PRO C 349 25.24 -18.92 -12.45
N TYR C 350 24.97 -19.58 -13.57
CA TYR C 350 26.00 -20.25 -14.41
C TYR C 350 26.80 -21.23 -13.54
N GLU C 351 26.12 -21.90 -12.61
CA GLU C 351 26.66 -22.96 -11.73
C GLU C 351 27.53 -23.93 -12.54
N GLN C 352 28.81 -24.09 -12.19
CA GLN C 352 29.75 -25.00 -12.90
C GLN C 352 29.64 -26.43 -12.35
N LEU C 353 29.50 -26.57 -11.03
CA LEU C 353 29.52 -27.89 -10.35
C LEU C 353 28.19 -28.58 -10.59
N SER C 354 28.13 -29.88 -10.27
CA SER C 354 26.89 -30.71 -10.19
C SER C 354 25.82 -30.01 -9.36
N PRO C 355 24.54 -30.10 -9.76
CA PRO C 355 23.44 -29.54 -8.97
C PRO C 355 23.28 -30.20 -7.60
N PHE C 356 23.96 -31.32 -7.33
CA PHE C 356 23.90 -32.03 -6.03
C PHE C 356 25.00 -31.46 -5.11
N LYS C 357 25.98 -30.76 -5.68
CA LYS C 357 27.10 -30.13 -4.92
C LYS C 357 26.92 -28.60 -4.85
N THR C 358 26.74 -27.94 -6.01
CA THR C 358 26.60 -26.46 -6.13
C THR C 358 27.88 -25.75 -5.64
N SER C 359 28.02 -24.46 -5.98
CA SER C 359 29.18 -23.61 -5.56
C SER C 359 28.82 -22.72 -4.37
N GLY C 360 27.63 -22.85 -3.79
CA GLY C 360 27.09 -21.77 -2.95
C GLY C 360 26.10 -22.21 -1.90
N ILE C 361 25.82 -21.30 -0.99
CA ILE C 361 24.79 -21.46 0.07
C ILE C 361 23.78 -20.33 -0.10
N ARG C 362 22.56 -20.57 0.35
CA ARG C 362 21.49 -19.56 0.36
C ARG C 362 21.07 -19.32 1.81
N VAL C 363 21.19 -18.05 2.23
CA VAL C 363 20.90 -17.56 3.59
C VAL C 363 19.69 -16.65 3.51
N GLY C 364 18.69 -16.91 4.34
CA GLY C 364 17.61 -15.97 4.64
C GLY C 364 17.54 -15.61 6.11
N SER C 365 16.93 -14.45 6.39
CA SER C 365 16.67 -13.85 7.72
C SER C 365 15.24 -13.99 8.23
N PRO C 366 14.20 -14.44 7.49
CA PRO C 366 12.85 -14.37 8.08
C PRO C 366 12.67 -15.09 9.43
N ALA C 367 13.22 -16.30 9.57
CA ALA C 367 12.97 -17.18 10.74
C ALA C 367 13.62 -16.57 11.97
N ILE C 368 14.91 -16.21 11.87
CA ILE C 368 15.65 -15.62 13.01
C ILE C 368 14.99 -14.29 13.36
N THR C 369 14.53 -13.56 12.35
CA THR C 369 13.81 -12.29 12.52
C THR C 369 12.52 -12.55 13.29
N SER C 370 11.83 -13.65 13.02
CA SER C 370 10.53 -13.96 13.65
C SER C 370 10.74 -14.36 15.12
N ARG C 371 11.93 -14.85 15.49
CA ARG C 371 12.30 -15.22 16.88
C ARG C 371 12.70 -13.98 17.69
N GLY C 372 12.68 -12.80 17.06
CA GLY C 372 12.99 -11.50 17.70
C GLY C 372 14.44 -11.10 17.52
N MET C 373 15.24 -11.81 16.74
CA MET C 373 16.67 -11.45 16.62
C MET C 373 16.83 -10.19 15.73
N GLY C 374 17.97 -9.52 15.85
CA GLY C 374 18.26 -8.19 15.30
C GLY C 374 19.59 -8.23 14.60
N GLU C 375 20.12 -7.07 14.23
CA GLU C 375 21.34 -6.98 13.39
C GLU C 375 22.54 -7.59 14.12
N ALA C 376 22.75 -7.25 15.39
CA ALA C 376 23.91 -7.73 16.19
C ALA C 376 23.91 -9.27 16.21
N GLU C 377 22.77 -9.88 16.57
CA GLU C 377 22.53 -11.35 16.46
C GLU C 377 22.85 -11.88 15.04
N SER C 378 22.23 -11.29 14.01
CA SER C 378 22.31 -11.75 12.60
C SER C 378 23.78 -11.75 12.20
N ARG C 379 24.48 -10.69 12.59
CA ARG C 379 25.91 -10.51 12.30
C ARG C 379 26.72 -11.55 13.08
N GLN C 380 26.36 -11.83 14.34
CA GLN C 380 27.06 -12.86 15.15
C GLN C 380 26.98 -14.19 14.37
N ILE C 381 25.78 -14.62 13.99
CA ILE C 381 25.51 -15.86 13.21
C ILE C 381 26.37 -15.90 11.94
N ALA C 382 26.49 -14.79 11.21
CA ALA C 382 27.29 -14.80 9.96
C ALA C 382 28.78 -14.98 10.31
N GLU C 383 29.24 -14.39 11.41
CA GLU C 383 30.63 -14.58 11.93
C GLU C 383 30.86 -16.09 12.19
N TRP C 384 29.95 -16.70 12.95
CA TRP C 384 29.94 -18.16 13.27
C TRP C 384 29.97 -19.02 12.01
N MET C 385 29.18 -18.68 10.98
CA MET C 385 29.19 -19.44 9.71
C MET C 385 30.59 -19.29 9.08
N VAL C 386 31.18 -18.10 9.10
CA VAL C 386 32.52 -17.85 8.47
C VAL C 386 33.57 -18.65 9.25
N GLU C 387 33.58 -18.54 10.59
CA GLU C 387 34.53 -19.25 11.48
C GLU C 387 34.41 -20.75 11.24
N ALA C 388 33.19 -21.31 11.36
CA ALA C 388 32.85 -22.74 11.14
C ALA C 388 33.43 -23.24 9.82
N LEU C 389 33.18 -22.54 8.72
CA LEU C 389 33.65 -23.02 7.39
C LEU C 389 35.16 -22.82 7.30
N GLU C 390 35.72 -21.80 7.95
CA GLU C 390 37.20 -21.60 8.00
C GLU C 390 37.81 -22.78 8.77
N ASN C 391 37.14 -23.21 9.85
CA ASN C 391 37.68 -24.23 10.78
C ASN C 391 36.81 -25.50 10.67
N HIS C 392 36.57 -25.99 9.44
CA HIS C 392 35.62 -27.09 9.16
C HIS C 392 36.22 -28.44 9.58
N ASP C 393 37.52 -28.62 9.37
CA ASP C 393 38.28 -29.84 9.76
C ASP C 393 38.91 -29.63 11.15
N LYS C 394 38.18 -29.02 12.09
CA LYS C 394 38.73 -28.62 13.42
C LYS C 394 37.60 -28.72 14.44
N PRO C 395 37.26 -29.98 14.84
CA PRO C 395 36.04 -30.24 15.58
C PRO C 395 35.87 -29.52 16.93
N GLU C 396 36.96 -29.19 17.61
CA GLU C 396 36.90 -28.54 18.96
C GLU C 396 36.38 -27.10 18.78
N VAL C 397 36.65 -26.47 17.63
CA VAL C 397 36.17 -25.10 17.25
C VAL C 397 34.69 -25.15 16.89
N LEU C 398 34.29 -26.12 16.04
CA LEU C 398 32.87 -26.38 15.70
C LEU C 398 32.08 -26.57 17.00
N GLU C 399 32.69 -27.20 18.02
CA GLU C 399 32.03 -27.57 19.29
C GLU C 399 31.84 -26.32 20.16
N ARG C 400 32.78 -25.37 20.09
CA ARG C 400 32.67 -24.06 20.81
C ARG C 400 31.57 -23.22 20.13
N ILE C 401 31.61 -23.15 18.80
CA ILE C 401 30.59 -22.42 17.97
C ILE C 401 29.21 -22.99 18.29
N ARG C 402 29.07 -24.31 18.21
CA ARG C 402 27.84 -25.04 18.64
C ARG C 402 27.44 -24.55 20.03
N GLY C 403 28.43 -24.40 20.92
CA GLY C 403 28.23 -23.98 22.33
C GLY C 403 27.61 -22.61 22.44
N ASP C 404 28.20 -21.62 21.77
CA ASP C 404 27.70 -20.21 21.81
C ASP C 404 26.33 -20.12 21.12
N VAL C 405 26.11 -20.91 20.05
CA VAL C 405 24.81 -21.01 19.32
C VAL C 405 23.70 -21.33 20.33
N LYS C 406 24.00 -22.24 21.25
CA LYS C 406 23.06 -22.70 22.31
C LYS C 406 22.72 -21.51 23.21
N VAL C 407 23.69 -20.63 23.49
CA VAL C 407 23.42 -19.43 24.35
C VAL C 407 22.40 -18.55 23.63
N LEU C 408 22.53 -18.41 22.32
CA LEU C 408 21.67 -17.52 21.48
C LEU C 408 20.25 -18.11 21.36
N THR C 409 20.12 -19.43 21.11
CA THR C 409 18.79 -20.08 20.93
C THR C 409 18.04 -20.01 22.24
N ASP C 410 18.77 -20.07 23.36
CA ASP C 410 18.23 -19.94 24.74
C ASP C 410 17.68 -18.51 24.93
N ALA C 411 18.45 -17.49 24.52
CA ALA C 411 18.10 -16.06 24.67
C ALA C 411 16.84 -15.72 23.86
N PHE C 412 16.69 -16.31 22.67
CA PHE C 412 15.56 -16.03 21.74
C PHE C 412 14.71 -17.28 21.57
N PRO C 413 13.87 -17.59 22.58
CA PRO C 413 13.01 -18.76 22.50
C PRO C 413 12.13 -18.63 21.25
N LEU C 414 11.67 -19.77 20.72
CA LEU C 414 10.79 -19.87 19.54
C LEU C 414 9.37 -19.44 19.91
N TYR C 415 8.77 -20.06 20.93
CA TYR C 415 7.32 -19.91 21.24
C TYR C 415 7.09 -19.67 22.72
N ASP D 6 -3.47 -14.56 25.12
CA ASP D 6 -4.63 -15.12 24.37
C ASP D 6 -4.72 -14.48 22.98
N TYR D 7 -4.46 -15.28 21.95
CA TYR D 7 -4.32 -14.86 20.52
C TYR D 7 -5.69 -14.52 19.91
N LYS D 8 -6.79 -15.00 20.49
CA LYS D 8 -8.16 -14.90 19.89
C LYS D 8 -8.70 -13.49 20.05
N ALA D 9 -8.18 -12.72 21.02
CA ALA D 9 -8.60 -11.32 21.27
C ALA D 9 -8.18 -10.44 20.09
N PHE D 10 -7.03 -10.76 19.51
CA PHE D 10 -6.43 -10.01 18.37
C PHE D 10 -7.37 -10.09 17.16
N ASP D 11 -8.10 -11.20 16.96
CA ASP D 11 -8.91 -11.45 15.73
C ASP D 11 -10.24 -12.08 16.10
N PRO D 12 -11.16 -11.31 16.74
CA PRO D 12 -12.48 -11.82 17.12
C PRO D 12 -13.38 -12.31 15.96
N GLU D 13 -13.27 -11.71 14.79
CA GLU D 13 -14.16 -12.00 13.63
C GLU D 13 -13.95 -13.45 13.19
N LEU D 14 -12.71 -13.94 13.28
CA LEU D 14 -12.31 -15.31 12.85
C LEU D 14 -12.68 -16.33 13.93
N TRP D 15 -12.38 -16.01 15.20
CA TRP D 15 -12.52 -17.00 16.28
C TRP D 15 -14.00 -17.11 16.70
N ASN D 16 -14.82 -16.09 16.42
CA ASN D 16 -16.29 -16.15 16.57
C ASN D 16 -16.92 -16.99 15.45
N ALA D 17 -16.31 -17.02 14.26
CA ALA D 17 -16.76 -17.85 13.11
C ALA D 17 -16.41 -19.33 13.37
N ILE D 18 -15.26 -19.60 13.98
CA ILE D 18 -14.85 -20.98 14.38
C ILE D 18 -15.81 -21.49 15.46
N ASP D 19 -16.12 -20.67 16.47
CA ASP D 19 -17.15 -21.02 17.50
C ASP D 19 -18.44 -21.38 16.78
N ALA D 20 -18.94 -20.53 15.86
CA ALA D 20 -20.22 -20.76 15.16
C ALA D 20 -20.18 -22.13 14.47
N GLU D 21 -19.04 -22.56 13.94
CA GLU D 21 -18.96 -23.82 13.17
C GLU D 21 -18.97 -25.04 14.12
N ALA D 22 -18.34 -24.97 15.31
CA ALA D 22 -18.42 -26.01 16.37
C ALA D 22 -19.87 -26.18 16.85
N GLU D 23 -20.54 -25.06 17.16
CA GLU D 23 -21.99 -25.04 17.51
C GLU D 23 -22.80 -25.63 16.34
N ARG D 24 -22.56 -25.16 15.11
CA ARG D 24 -23.35 -25.57 13.91
C ARG D 24 -23.17 -27.07 13.65
N GLN D 25 -22.02 -27.64 14.03
CA GLN D 25 -21.68 -29.09 13.85
C GLN D 25 -22.30 -29.86 15.01
N GLN D 26 -22.23 -29.32 16.23
CA GLN D 26 -22.85 -29.92 17.44
C GLN D 26 -24.35 -30.14 17.21
N ASN D 27 -25.06 -29.15 16.64
CA ASN D 27 -26.54 -29.07 16.56
C ASN D 27 -27.03 -29.48 15.16
N ASN D 28 -26.24 -30.24 14.40
CA ASN D 28 -26.61 -30.73 13.05
C ASN D 28 -26.46 -32.26 13.00
C ASN D 28 -26.46 -32.26 13.00
N ILE D 29 -27.36 -32.93 12.28
CA ILE D 29 -27.28 -34.39 12.00
C ILE D 29 -26.62 -34.54 10.62
N GLU D 30 -25.36 -34.98 10.63
CA GLU D 30 -24.47 -35.00 9.43
C GLU D 30 -24.65 -36.35 8.73
N LEU D 31 -25.36 -36.36 7.58
CA LEU D 31 -25.63 -37.58 6.78
C LEU D 31 -25.00 -37.46 5.41
N ILE D 32 -24.12 -36.48 5.21
CA ILE D 32 -23.26 -36.42 3.98
C ILE D 32 -22.26 -37.57 4.10
N ALA D 33 -22.26 -38.46 3.10
CA ALA D 33 -21.59 -39.78 3.17
C ALA D 33 -20.07 -39.63 3.33
N SER D 34 -19.49 -38.57 2.73
CA SER D 34 -18.05 -38.24 2.77
C SER D 34 -17.62 -37.82 4.18
N GLU D 35 -18.51 -37.20 4.96
CA GLU D 35 -18.12 -36.47 6.20
C GLU D 35 -17.75 -37.46 7.29
N ASN D 36 -16.93 -37.01 8.22
CA ASN D 36 -16.68 -37.74 9.48
C ASN D 36 -16.38 -36.71 10.56
N VAL D 37 -15.98 -37.20 11.74
CA VAL D 37 -15.70 -36.41 12.96
C VAL D 37 -14.38 -36.96 13.50
N VAL D 38 -13.29 -36.22 13.29
CA VAL D 38 -11.91 -36.72 13.55
C VAL D 38 -11.69 -36.60 15.06
N SER D 39 -10.76 -37.39 15.62
CA SER D 39 -10.36 -37.34 17.03
C SER D 39 -9.73 -35.99 17.36
N LYS D 40 -9.70 -35.64 18.64
CA LYS D 40 -9.00 -34.44 19.17
C LYS D 40 -7.53 -34.54 18.73
N ALA D 41 -6.97 -35.76 18.76
CA ALA D 41 -5.55 -36.04 18.45
C ALA D 41 -5.22 -35.69 16.99
N VAL D 42 -6.09 -36.07 16.05
CA VAL D 42 -5.93 -35.77 14.60
C VAL D 42 -5.85 -34.24 14.45
N MET D 43 -6.83 -33.51 14.97
CA MET D 43 -6.87 -32.02 14.94
C MET D 43 -5.61 -31.44 15.59
N ALA D 44 -5.25 -31.91 16.79
CA ALA D 44 -4.05 -31.47 17.52
C ALA D 44 -2.81 -31.61 16.64
N ALA D 45 -2.65 -32.76 15.96
CA ALA D 45 -1.46 -33.09 15.14
C ALA D 45 -1.29 -32.09 13.97
N GLN D 46 -2.41 -31.68 13.35
CA GLN D 46 -2.48 -30.70 12.23
C GLN D 46 -2.16 -29.29 12.76
N GLY D 47 -2.32 -29.08 14.07
CA GLY D 47 -2.15 -27.76 14.74
C GLY D 47 -0.80 -27.59 15.38
N THR D 48 0.19 -28.43 15.03
CA THR D 48 1.58 -28.40 15.59
C THR D 48 2.52 -27.60 14.68
N LEU D 49 3.75 -27.38 15.14
CA LEU D 49 4.73 -26.46 14.48
C LEU D 49 5.52 -27.23 13.42
N LEU D 50 5.02 -28.38 12.98
CA LEU D 50 5.56 -29.14 11.82
C LEU D 50 5.28 -28.36 10.51
N THR D 51 4.23 -27.51 10.53
CA THR D 51 3.87 -26.56 9.45
C THR D 51 4.99 -25.56 9.16
N ASN D 52 6.00 -25.46 10.02
CA ASN D 52 7.16 -24.56 9.82
C ASN D 52 8.26 -25.23 8.99
N LYS D 53 8.24 -26.56 8.79
CA LYS D 53 9.40 -27.29 8.20
C LYS D 53 9.02 -27.81 6.83
N THR D 54 9.77 -27.38 5.80
CA THR D 54 9.62 -27.87 4.40
C THR D 54 10.60 -29.03 4.24
N ALA D 55 10.07 -30.12 3.69
CA ALA D 55 10.72 -31.44 3.63
C ALA D 55 10.54 -31.96 2.23
N GLU D 56 10.95 -31.17 1.24
CA GLU D 56 10.93 -31.65 -0.15
C GLU D 56 11.74 -32.92 -0.18
N GLY D 57 11.27 -33.88 -0.97
CA GLY D 57 11.86 -35.22 -1.06
C GLY D 57 11.11 -36.19 -0.18
N TYR D 58 11.77 -37.28 0.19
CA TYR D 58 11.22 -38.44 0.92
C TYR D 58 12.20 -38.81 2.03
N PRO D 59 11.73 -39.49 3.09
CA PRO D 59 12.58 -39.76 4.25
C PRO D 59 13.96 -40.31 3.84
N GLY D 60 15.03 -39.74 4.38
CA GLY D 60 16.44 -40.16 4.12
C GLY D 60 16.96 -39.68 2.77
N LYS D 61 16.13 -39.03 1.96
CA LYS D 61 16.52 -38.50 0.63
C LYS D 61 15.83 -37.14 0.43
N ARG D 62 16.07 -36.24 1.38
CA ARG D 62 15.52 -34.86 1.42
C ARG D 62 16.51 -33.92 0.72
N TYR D 63 15.98 -32.83 0.14
CA TYR D 63 16.80 -31.76 -0.51
C TYR D 63 17.61 -31.07 0.59
N TYR D 64 17.07 -30.98 1.81
CA TYR D 64 17.60 -30.14 2.92
C TYR D 64 17.96 -30.96 4.17
N GLY D 65 18.68 -30.31 5.09
CA GLY D 65 19.00 -30.83 6.43
C GLY D 65 17.95 -30.42 7.46
N GLY D 66 18.14 -30.87 8.71
CA GLY D 66 17.20 -30.63 9.81
C GLY D 66 15.89 -31.37 9.62
N THR D 67 15.87 -32.38 8.75
CA THR D 67 14.66 -33.18 8.41
C THR D 67 14.66 -34.54 9.11
N ALA D 68 15.57 -34.77 10.07
CA ALA D 68 15.78 -36.09 10.70
C ALA D 68 14.52 -36.50 11.47
N VAL D 69 13.90 -35.56 12.19
CA VAL D 69 12.69 -35.82 13.03
C VAL D 69 11.46 -35.89 12.11
N ILE D 70 11.45 -35.12 11.02
CA ILE D 70 10.33 -35.13 10.04
C ILE D 70 10.27 -36.55 9.45
N ASP D 71 11.43 -37.13 9.18
CA ASP D 71 11.59 -38.49 8.63
C ASP D 71 10.99 -39.55 9.56
N VAL D 72 11.13 -39.41 10.88
CA VAL D 72 10.50 -40.32 11.89
C VAL D 72 8.98 -40.21 11.71
N VAL D 73 8.46 -38.99 11.70
CA VAL D 73 7.00 -38.71 11.59
C VAL D 73 6.47 -39.26 10.28
N GLU D 74 7.15 -39.04 9.14
CA GLU D 74 6.61 -39.46 7.82
C GLU D 74 6.70 -41.00 7.73
N THR D 75 7.78 -41.59 8.24
CA THR D 75 8.06 -43.05 8.19
C THR D 75 6.97 -43.76 9.01
N LEU D 76 6.59 -43.19 10.16
CA LEU D 76 5.45 -43.64 11.02
C LEU D 76 4.18 -43.72 10.18
N ALA D 77 3.79 -42.61 9.54
CA ALA D 77 2.61 -42.55 8.63
C ALA D 77 2.75 -43.63 7.55
N ILE D 78 3.90 -43.72 6.88
CA ILE D 78 4.13 -44.69 5.77
C ILE D 78 3.92 -46.13 6.30
N GLU D 79 4.71 -46.54 7.30
CA GLU D 79 4.73 -47.92 7.87
C GLU D 79 3.34 -48.30 8.40
N ARG D 80 2.61 -47.35 8.98
CA ARG D 80 1.23 -47.60 9.49
C ARG D 80 0.28 -47.83 8.31
N ALA D 81 0.39 -47.10 7.20
CA ALA D 81 -0.46 -47.32 6.00
C ALA D 81 -0.24 -48.76 5.49
N LYS D 82 1.03 -49.14 5.40
CA LYS D 82 1.49 -50.43 4.86
C LYS D 82 0.94 -51.56 5.73
N LYS D 83 1.06 -51.42 7.04
CA LYS D 83 0.60 -52.43 8.04
C LYS D 83 -0.94 -52.49 7.97
N LEU D 84 -1.61 -51.34 8.04
CA LEU D 84 -3.10 -51.27 8.06
C LEU D 84 -3.70 -51.88 6.80
N PHE D 85 -3.16 -51.62 5.61
CA PHE D 85 -3.79 -52.07 4.34
C PHE D 85 -2.98 -53.22 3.71
N GLY D 86 -1.91 -53.68 4.37
CA GLY D 86 -1.05 -54.77 3.90
C GLY D 86 -0.44 -54.50 2.53
N ALA D 87 0.04 -53.28 2.30
CA ALA D 87 0.73 -52.89 1.02
C ALA D 87 2.24 -52.86 1.26
N LYS D 88 3.04 -53.23 0.25
CA LYS D 88 4.52 -53.14 0.37
C LYS D 88 4.99 -51.68 0.41
N PHE D 89 4.29 -50.74 -0.25
CA PHE D 89 4.76 -49.35 -0.46
C PHE D 89 3.60 -48.39 -0.27
N ALA D 90 3.83 -47.33 0.51
CA ALA D 90 2.84 -46.24 0.71
C ALA D 90 3.48 -44.89 0.41
N ASN D 91 2.73 -43.97 -0.21
CA ASN D 91 3.09 -42.53 -0.32
C ASN D 91 2.02 -41.70 0.40
N VAL D 92 2.43 -40.93 1.40
CA VAL D 92 1.55 -40.20 2.36
C VAL D 92 1.65 -38.68 2.12
N GLN D 93 2.23 -38.23 0.99
CA GLN D 93 2.40 -36.77 0.72
C GLN D 93 1.21 -36.15 -0.01
N PRO D 94 0.40 -36.86 -0.83
CA PRO D 94 -0.63 -36.18 -1.61
C PRO D 94 -1.44 -35.27 -0.70
N HIS D 95 -1.73 -34.04 -1.17
CA HIS D 95 -2.43 -32.98 -0.40
C HIS D 95 -3.91 -33.32 -0.36
N SER D 96 -4.38 -34.10 -1.34
CA SER D 96 -5.81 -34.47 -1.44
C SER D 96 -5.96 -35.79 -2.20
N GLY D 97 -7.19 -36.30 -2.29
CA GLY D 97 -7.53 -37.45 -3.12
C GLY D 97 -7.29 -37.17 -4.59
N SER D 98 -7.63 -35.96 -5.04
CA SER D 98 -7.48 -35.45 -6.43
C SER D 98 -5.99 -35.47 -6.82
N GLN D 99 -5.14 -34.99 -5.91
CA GLN D 99 -3.65 -35.01 -6.09
C GLN D 99 -3.16 -36.47 -6.10
N ALA D 100 -3.74 -37.37 -5.30
CA ALA D 100 -3.37 -38.82 -5.32
C ALA D 100 -3.65 -39.40 -6.69
N ASN D 101 -4.82 -39.09 -7.26
CA ASN D 101 -5.31 -39.66 -8.53
C ASN D 101 -4.42 -39.10 -9.65
N ALA D 102 -4.15 -37.80 -9.64
CA ALA D 102 -3.31 -37.13 -10.66
C ALA D 102 -1.96 -37.84 -10.73
N ALA D 103 -1.35 -38.10 -9.56
CA ALA D 103 -0.04 -38.77 -9.43
C ALA D 103 -0.12 -40.17 -10.04
N VAL D 104 -1.19 -40.92 -9.78
CA VAL D 104 -1.33 -42.28 -10.35
C VAL D 104 -1.49 -42.18 -11.88
N TYR D 105 -2.37 -41.31 -12.41
CA TYR D 105 -2.54 -41.19 -13.88
C TYR D 105 -1.19 -40.86 -14.53
N MET D 106 -0.53 -39.85 -13.97
CA MET D 106 0.77 -39.31 -14.46
C MET D 106 1.82 -40.42 -14.48
N SER D 107 1.70 -41.41 -13.58
CA SER D 107 2.70 -42.50 -13.33
C SER D 107 2.50 -43.72 -14.24
N LEU D 108 1.30 -43.93 -14.79
CA LEU D 108 0.94 -45.20 -15.47
C LEU D 108 0.62 -44.99 -16.94
N ILE D 109 0.08 -43.82 -17.29
CA ILE D 109 -0.43 -43.51 -18.67
C ILE D 109 0.13 -42.15 -19.14
N GLN D 110 -0.09 -41.84 -20.41
CA GLN D 110 0.35 -40.59 -21.07
C GLN D 110 -0.91 -39.83 -21.46
N PRO D 111 -0.81 -38.50 -21.66
CA PRO D 111 -1.98 -37.73 -22.05
C PRO D 111 -2.57 -38.38 -23.31
N GLY D 112 -3.91 -38.33 -23.43
CA GLY D 112 -4.63 -38.80 -24.61
C GLY D 112 -4.95 -40.29 -24.56
N ASP D 113 -4.31 -41.04 -23.65
CA ASP D 113 -4.54 -42.50 -23.43
C ASP D 113 -5.98 -42.74 -22.97
N THR D 114 -6.52 -43.93 -23.25
CA THR D 114 -7.94 -44.27 -22.95
C THR D 114 -8.02 -44.83 -21.53
N VAL D 115 -8.97 -44.30 -20.76
CA VAL D 115 -9.22 -44.73 -19.36
C VAL D 115 -10.70 -45.07 -19.21
N MET D 116 -10.98 -46.13 -18.45
CA MET D 116 -12.36 -46.54 -18.12
C MET D 116 -12.63 -46.25 -16.64
N GLY D 117 -13.61 -45.41 -16.38
CA GLY D 117 -14.04 -45.01 -15.02
C GLY D 117 -15.54 -45.14 -14.86
N MET D 118 -16.00 -45.18 -13.62
CA MET D 118 -17.45 -45.30 -13.29
C MET D 118 -18.15 -44.03 -13.76
N ASP D 119 -19.35 -44.18 -14.34
CA ASP D 119 -20.18 -43.02 -14.77
C ASP D 119 -20.39 -42.10 -13.56
N LEU D 120 -20.46 -40.79 -13.83
CA LEU D 120 -20.42 -39.71 -12.81
C LEU D 120 -21.74 -39.72 -12.03
N SER D 121 -22.85 -40.04 -12.69
CA SER D 121 -24.20 -40.22 -12.08
C SER D 121 -24.19 -41.46 -11.16
N ALA D 122 -23.53 -42.53 -11.60
CA ALA D 122 -23.46 -43.84 -10.90
C ALA D 122 -22.40 -43.81 -9.80
N GLY D 123 -21.74 -42.67 -9.58
CA GLY D 123 -20.94 -42.40 -8.37
C GLY D 123 -19.45 -42.31 -8.63
N GLY D 124 -19.03 -42.14 -9.89
CA GLY D 124 -17.66 -41.73 -10.22
C GLY D 124 -17.34 -40.36 -9.64
N HIS D 125 -16.17 -40.21 -9.01
CA HIS D 125 -15.62 -38.90 -8.58
C HIS D 125 -15.29 -38.09 -9.84
N LEU D 126 -15.20 -36.77 -9.75
CA LEU D 126 -14.96 -35.93 -10.96
C LEU D 126 -13.51 -36.13 -11.47
N THR D 127 -12.59 -36.63 -10.64
CA THR D 127 -11.20 -37.01 -11.04
C THR D 127 -11.19 -38.36 -11.76
N HIS D 128 -12.36 -38.98 -11.97
CA HIS D 128 -12.54 -40.24 -12.76
C HIS D 128 -13.19 -39.91 -14.11
N GLY D 129 -12.85 -38.75 -14.71
CA GLY D 129 -13.10 -38.50 -16.14
C GLY D 129 -14.03 -37.34 -16.47
N ALA D 130 -14.52 -36.57 -15.48
CA ALA D 130 -15.42 -35.40 -15.70
C ALA D 130 -14.78 -34.42 -16.67
N PRO D 131 -15.52 -33.91 -17.69
CA PRO D 131 -14.95 -32.98 -18.67
C PRO D 131 -14.37 -31.71 -18.04
N VAL D 132 -14.90 -31.30 -16.87
CA VAL D 132 -14.53 -30.07 -16.11
C VAL D 132 -13.31 -30.34 -15.19
N SER D 133 -12.81 -31.57 -15.14
CA SER D 133 -11.62 -31.98 -14.34
C SER D 133 -10.40 -32.12 -15.27
N PHE D 134 -9.20 -31.98 -14.70
CA PHE D 134 -7.89 -32.26 -15.35
C PHE D 134 -7.91 -33.69 -15.94
N SER D 135 -8.64 -34.59 -15.26
CA SER D 135 -8.84 -36.00 -15.64
C SER D 135 -9.49 -36.04 -17.03
N GLY D 136 -10.71 -35.50 -17.14
CA GLY D 136 -11.43 -35.36 -18.42
C GLY D 136 -10.63 -34.57 -19.45
N LYS D 137 -9.93 -33.53 -19.02
CA LYS D 137 -9.18 -32.64 -19.95
C LYS D 137 -7.96 -33.38 -20.52
N THR D 138 -7.27 -34.21 -19.74
CA THR D 138 -5.92 -34.74 -20.10
C THR D 138 -6.01 -36.12 -20.75
N TYR D 139 -6.97 -36.96 -20.36
CA TYR D 139 -7.06 -38.37 -20.82
C TYR D 139 -8.42 -38.59 -21.50
N ASN D 140 -8.49 -39.62 -22.36
CA ASN D 140 -9.75 -40.01 -23.05
C ASN D 140 -10.54 -40.96 -22.14
N PHE D 141 -11.42 -40.42 -21.31
CA PHE D 141 -12.26 -41.19 -20.35
C PHE D 141 -13.47 -41.74 -21.09
N VAL D 142 -13.73 -43.02 -20.87
CA VAL D 142 -14.96 -43.72 -21.31
C VAL D 142 -15.59 -44.29 -20.04
N SER D 143 -16.79 -43.83 -19.68
CA SER D 143 -17.49 -44.29 -18.46
C SER D 143 -18.04 -45.70 -18.73
N TYR D 144 -18.06 -46.53 -17.69
CA TYR D 144 -18.94 -47.72 -17.55
C TYR D 144 -20.02 -47.33 -16.52
N ASN D 145 -21.22 -47.89 -16.64
CA ASN D 145 -22.37 -47.59 -15.74
C ASN D 145 -22.69 -48.87 -14.95
N VAL D 146 -23.73 -48.81 -14.12
CA VAL D 146 -24.40 -50.01 -13.53
C VAL D 146 -25.47 -50.47 -14.51
N ASP D 147 -25.94 -51.70 -14.35
CA ASP D 147 -27.09 -52.26 -15.11
C ASP D 147 -28.34 -51.45 -14.79
N LYS D 148 -29.16 -51.16 -15.82
CA LYS D 148 -30.34 -50.25 -15.72
C LYS D 148 -31.37 -50.85 -14.74
N GLU D 149 -31.65 -52.15 -14.83
CA GLU D 149 -32.68 -52.87 -14.03
C GLU D 149 -32.23 -52.98 -12.57
N SER D 150 -31.07 -53.61 -12.34
CA SER D 150 -30.53 -54.03 -11.02
C SER D 150 -29.85 -52.86 -10.30
N GLU D 151 -29.25 -51.93 -11.05
CA GLU D 151 -28.41 -50.82 -10.52
C GLU D 151 -27.16 -51.38 -9.81
N LEU D 152 -26.78 -52.62 -10.12
CA LEU D 152 -25.54 -53.29 -9.66
C LEU D 152 -24.52 -53.20 -10.80
N LEU D 153 -23.23 -53.32 -10.48
CA LEU D 153 -22.14 -53.51 -11.49
C LEU D 153 -22.39 -54.85 -12.17
N ASP D 154 -22.48 -54.85 -13.50
CA ASP D 154 -22.56 -56.08 -14.32
C ASP D 154 -21.16 -56.31 -14.91
N TYR D 155 -20.37 -57.18 -14.27
CA TYR D 155 -18.94 -57.42 -14.55
C TYR D 155 -18.78 -58.10 -15.92
N ASP D 156 -19.77 -58.84 -16.42
CA ASP D 156 -19.70 -59.47 -17.77
C ASP D 156 -19.88 -58.39 -18.86
N ALA D 157 -20.63 -57.33 -18.58
CA ALA D 157 -20.88 -56.20 -19.52
C ALA D 157 -19.66 -55.25 -19.52
N ILE D 158 -19.07 -55.00 -18.36
CA ILE D 158 -17.85 -54.15 -18.22
C ILE D 158 -16.73 -54.80 -19.03
N LEU D 159 -16.56 -56.12 -18.95
CA LEU D 159 -15.62 -56.91 -19.79
C LEU D 159 -15.91 -56.70 -21.28
N ALA D 160 -17.18 -56.80 -21.67
CA ALA D 160 -17.62 -56.60 -23.07
C ALA D 160 -17.11 -55.22 -23.52
N GLN D 161 -17.54 -54.17 -22.81
CA GLN D 161 -17.12 -52.76 -23.07
C GLN D 161 -15.59 -52.66 -23.09
N ALA D 162 -14.93 -53.17 -22.06
CA ALA D 162 -13.46 -53.11 -21.88
C ALA D 162 -12.76 -53.61 -23.16
N LYS D 163 -13.23 -54.75 -23.69
CA LYS D 163 -12.68 -55.43 -24.90
C LYS D 163 -12.85 -54.55 -26.16
N GLU D 164 -13.96 -53.81 -26.28
CA GLU D 164 -14.23 -52.91 -27.43
C GLU D 164 -13.58 -51.53 -27.25
N VAL D 165 -13.25 -51.12 -26.01
CA VAL D 165 -12.66 -49.78 -25.70
C VAL D 165 -11.13 -49.87 -25.65
N ARG D 166 -10.59 -50.99 -25.15
CA ARG D 166 -9.13 -51.23 -24.98
C ARG D 166 -8.51 -50.09 -24.19
N PRO D 167 -8.91 -49.88 -22.93
CA PRO D 167 -8.31 -48.86 -22.09
C PRO D 167 -6.90 -49.28 -21.69
N LYS D 168 -6.02 -48.32 -21.40
CA LYS D 168 -4.69 -48.63 -20.80
C LYS D 168 -4.85 -48.69 -19.28
N LEU D 169 -5.93 -48.13 -18.76
CA LEU D 169 -6.19 -48.07 -17.31
C LEU D 169 -7.69 -48.18 -17.08
N ILE D 170 -8.09 -49.01 -16.10
CA ILE D 170 -9.48 -49.08 -15.57
C ILE D 170 -9.47 -48.51 -14.14
N VAL D 171 -10.29 -47.50 -13.91
CA VAL D 171 -10.52 -46.93 -12.54
C VAL D 171 -11.78 -47.56 -11.96
N ALA D 172 -11.67 -48.22 -10.80
CA ALA D 172 -12.81 -48.68 -9.99
C ALA D 172 -12.84 -47.90 -8.69
N GLY D 173 -14.04 -47.78 -8.10
CA GLY D 173 -14.30 -46.91 -6.95
C GLY D 173 -15.46 -45.99 -7.25
N ALA D 174 -16.14 -45.52 -6.21
CA ALA D 174 -17.37 -44.72 -6.31
C ALA D 174 -17.61 -43.94 -5.03
N SER D 175 -18.51 -42.98 -5.12
CA SER D 175 -19.01 -42.12 -4.01
C SER D 175 -20.53 -42.28 -3.85
N ALA D 176 -21.19 -43.06 -4.71
CA ALA D 176 -22.67 -43.23 -4.70
C ALA D 176 -23.04 -44.67 -5.09
N TYR D 177 -22.24 -45.66 -4.69
CA TYR D 177 -22.51 -47.11 -4.92
C TYR D 177 -22.53 -47.85 -3.58
N SER D 178 -23.65 -48.51 -3.25
CA SER D 178 -23.95 -49.07 -1.90
C SER D 178 -23.44 -50.51 -1.75
N ARG D 179 -23.08 -51.16 -2.86
CA ARG D 179 -22.70 -52.61 -2.88
C ARG D 179 -21.18 -52.81 -2.82
N ILE D 180 -20.82 -54.02 -2.38
CA ILE D 180 -19.45 -54.60 -2.45
C ILE D 180 -18.96 -54.49 -3.89
N ILE D 181 -17.83 -53.85 -4.11
CA ILE D 181 -17.17 -53.87 -5.44
C ILE D 181 -16.28 -55.10 -5.48
N ASP D 182 -16.39 -55.88 -6.54
CA ASP D 182 -15.59 -57.12 -6.69
C ASP D 182 -14.26 -56.72 -7.36
N PHE D 183 -13.28 -56.38 -6.53
CA PHE D 183 -11.96 -55.88 -6.97
C PHE D 183 -11.23 -56.99 -7.75
N ALA D 184 -11.36 -58.24 -7.29
CA ALA D 184 -10.78 -59.43 -7.95
C ALA D 184 -11.29 -59.52 -9.39
N LYS D 185 -12.57 -59.18 -9.62
CA LYS D 185 -13.22 -59.27 -10.96
C LYS D 185 -12.85 -58.05 -11.82
N PHE D 186 -12.57 -56.90 -11.20
CA PHE D 186 -11.99 -55.74 -11.91
C PHE D 186 -10.60 -56.09 -12.44
N ARG D 187 -9.78 -56.77 -11.63
CA ARG D 187 -8.42 -57.19 -12.04
C ARG D 187 -8.53 -58.19 -13.19
N GLU D 188 -9.40 -59.19 -13.06
CA GLU D 188 -9.65 -60.18 -14.14
C GLU D 188 -9.90 -59.40 -15.44
N ILE D 189 -10.84 -58.45 -15.42
CA ILE D 189 -11.24 -57.63 -16.62
C ILE D 189 -10.02 -56.86 -17.13
N ALA D 190 -9.27 -56.24 -16.22
CA ALA D 190 -8.06 -55.46 -16.55
C ALA D 190 -7.06 -56.41 -17.23
N ASP D 191 -6.80 -57.57 -16.63
CA ASP D 191 -5.86 -58.62 -17.13
C ASP D 191 -6.28 -59.07 -18.55
N ALA D 192 -7.56 -59.01 -18.90
CA ALA D 192 -8.09 -59.52 -20.19
C ALA D 192 -7.87 -58.50 -21.33
N VAL D 193 -7.79 -57.22 -21.00
CA VAL D 193 -7.59 -56.12 -21.99
C VAL D 193 -6.14 -55.61 -21.90
N GLY D 194 -5.32 -56.22 -21.03
CA GLY D 194 -3.95 -55.79 -20.70
C GLY D 194 -3.88 -54.37 -20.16
N ALA D 195 -4.87 -53.97 -19.36
CA ALA D 195 -4.95 -52.64 -18.71
C ALA D 195 -4.47 -52.72 -17.26
N TYR D 196 -4.01 -51.58 -16.75
CA TYR D 196 -3.76 -51.31 -15.31
C TYR D 196 -5.11 -51.21 -14.60
N LEU D 197 -5.13 -51.59 -13.32
CA LEU D 197 -6.28 -51.31 -12.41
C LEU D 197 -5.81 -50.37 -11.29
N MET D 198 -6.47 -49.23 -11.19
CA MET D 198 -6.38 -48.28 -10.06
C MET D 198 -7.71 -48.38 -9.33
N VAL D 199 -7.71 -48.64 -8.02
CA VAL D 199 -8.95 -48.51 -7.21
C VAL D 199 -8.83 -47.24 -6.36
N ASP D 200 -9.76 -46.30 -6.56
CA ASP D 200 -9.97 -45.13 -5.66
C ASP D 200 -10.95 -45.55 -4.55
N MET D 201 -10.42 -45.99 -3.42
CA MET D 201 -11.21 -46.60 -2.32
C MET D 201 -11.48 -45.55 -1.23
N ALA D 202 -11.61 -44.27 -1.60
CA ALA D 202 -11.65 -43.10 -0.70
C ALA D 202 -12.84 -43.23 0.28
N HIS D 203 -14.02 -43.54 -0.27
CA HIS D 203 -15.31 -43.67 0.46
C HIS D 203 -15.29 -44.89 1.40
N ILE D 204 -14.79 -46.04 0.92
CA ILE D 204 -14.85 -47.34 1.65
C ILE D 204 -13.55 -47.64 2.41
N ALA D 205 -12.56 -46.75 2.37
CA ALA D 205 -11.22 -47.01 2.95
C ALA D 205 -11.34 -47.43 4.42
N GLY D 206 -12.18 -46.76 5.23
CA GLY D 206 -12.32 -47.11 6.65
C GLY D 206 -12.94 -48.49 6.84
N LEU D 207 -13.88 -48.85 5.97
CA LEU D 207 -14.51 -50.20 5.94
C LEU D 207 -13.45 -51.25 5.62
N VAL D 208 -12.57 -50.97 4.64
CA VAL D 208 -11.44 -51.88 4.30
C VAL D 208 -10.62 -52.03 5.57
N ALA D 209 -10.29 -50.91 6.20
CA ALA D 209 -9.48 -50.86 7.43
C ALA D 209 -10.15 -51.68 8.55
N SER D 210 -11.45 -51.49 8.77
CA SER D 210 -12.23 -52.14 9.88
C SER D 210 -12.42 -53.63 9.62
N GLY D 211 -12.38 -54.04 8.34
CA GLY D 211 -12.47 -55.43 7.87
C GLY D 211 -13.85 -55.77 7.33
N HIS D 212 -14.65 -54.77 6.98
CA HIS D 212 -16.08 -54.91 6.60
C HIS D 212 -16.27 -54.64 5.10
N HIS D 213 -15.18 -54.49 4.35
CA HIS D 213 -15.17 -54.47 2.85
C HIS D 213 -13.90 -55.20 2.42
N PRO D 214 -13.99 -56.12 1.43
CA PRO D 214 -12.78 -56.77 0.92
C PRO D 214 -11.85 -55.67 0.38
N SER D 215 -10.56 -55.80 0.69
CA SER D 215 -9.51 -54.83 0.31
C SER D 215 -9.35 -54.88 -1.20
N PRO D 216 -9.11 -53.73 -1.88
CA PRO D 216 -8.65 -53.75 -3.27
C PRO D 216 -7.13 -53.95 -3.37
N VAL D 217 -6.40 -53.75 -2.26
CA VAL D 217 -4.92 -53.60 -2.29
C VAL D 217 -4.33 -54.80 -3.03
N PRO D 218 -4.72 -56.07 -2.72
CA PRO D 218 -4.12 -57.23 -3.40
C PRO D 218 -4.45 -57.34 -4.91
N TYR D 219 -5.46 -56.63 -5.40
CA TYR D 219 -5.96 -56.80 -6.79
C TYR D 219 -5.56 -55.60 -7.67
N ALA D 220 -5.53 -54.39 -7.09
CA ALA D 220 -5.25 -53.14 -7.82
C ALA D 220 -3.74 -53.00 -8.06
N HIS D 221 -3.34 -52.60 -9.26
CA HIS D 221 -1.92 -52.23 -9.49
C HIS D 221 -1.62 -51.11 -8.49
N VAL D 222 -2.51 -50.12 -8.46
CA VAL D 222 -2.38 -48.96 -7.52
C VAL D 222 -3.75 -48.73 -6.85
N THR D 223 -3.73 -48.48 -5.54
CA THR D 223 -4.91 -48.06 -4.75
C THR D 223 -4.67 -46.65 -4.22
N THR D 224 -5.61 -45.74 -4.47
CA THR D 224 -5.61 -44.39 -3.88
C THR D 224 -6.77 -44.26 -2.91
N THR D 225 -6.65 -43.30 -2.02
CA THR D 225 -7.71 -42.94 -1.06
C THR D 225 -7.41 -41.56 -0.49
N THR D 226 -8.47 -40.93 -0.02
CA THR D 226 -8.42 -39.89 1.01
C THR D 226 -8.05 -40.56 2.34
N THR D 227 -7.44 -39.78 3.25
CA THR D 227 -7.26 -40.12 4.69
C THR D 227 -8.53 -39.68 5.45
N HIS D 228 -9.32 -38.77 4.86
CA HIS D 228 -10.64 -38.36 5.37
C HIS D 228 -11.69 -39.28 4.76
N LYS D 229 -12.92 -39.19 5.29
CA LYS D 229 -14.12 -40.01 4.94
C LYS D 229 -14.18 -41.21 5.90
N THR D 230 -14.54 -42.40 5.42
CA THR D 230 -14.75 -43.54 6.36
C THR D 230 -13.48 -43.82 7.18
N LEU D 231 -12.27 -43.45 6.70
CA LEU D 231 -10.99 -43.77 7.42
C LEU D 231 -10.80 -42.82 8.61
N ARG D 232 -11.51 -41.67 8.60
CA ARG D 232 -11.68 -40.74 9.74
C ARG D 232 -10.35 -40.05 10.08
N GLY D 233 -9.56 -39.71 9.07
CA GLY D 233 -8.28 -39.00 9.26
C GLY D 233 -8.35 -37.54 8.86
N PRO D 234 -7.18 -36.87 8.76
CA PRO D 234 -7.11 -35.49 8.27
C PRO D 234 -7.46 -35.45 6.77
N ARG D 235 -7.81 -34.27 6.25
CA ARG D 235 -8.04 -34.06 4.80
C ARG D 235 -6.67 -34.15 4.10
N GLY D 236 -6.56 -35.09 3.15
CA GLY D 236 -5.30 -35.50 2.50
C GLY D 236 -5.47 -36.76 1.66
N GLY D 237 -4.38 -37.21 1.05
CA GLY D 237 -4.42 -38.38 0.15
C GLY D 237 -3.39 -39.43 0.51
N LEU D 238 -3.48 -40.59 -0.14
CA LEU D 238 -2.64 -41.75 0.19
C LEU D 238 -2.56 -42.64 -1.04
N ILE D 239 -1.37 -43.14 -1.35
CA ILE D 239 -1.19 -44.06 -2.51
C ILE D 239 -0.52 -45.32 -1.99
N LEU D 240 -1.06 -46.46 -2.37
CA LEU D 240 -0.52 -47.80 -2.00
C LEU D 240 -0.29 -48.65 -3.26
N THR D 241 0.75 -49.48 -3.24
CA THR D 241 1.07 -50.46 -4.31
C THR D 241 1.94 -51.55 -3.69
N ASP D 242 2.01 -52.71 -4.36
CA ASP D 242 2.96 -53.79 -4.01
C ASP D 242 4.12 -53.82 -5.00
N ASP D 243 3.99 -53.16 -6.15
CA ASP D 243 4.98 -53.21 -7.24
C ASP D 243 6.04 -52.11 -7.06
N GLU D 244 7.29 -52.48 -6.82
CA GLU D 244 8.45 -51.60 -6.46
C GLU D 244 8.75 -50.56 -7.57
N ASP D 245 8.56 -50.94 -8.83
CA ASP D 245 8.75 -50.07 -10.02
C ASP D 245 7.65 -49.01 -10.06
N ILE D 246 6.40 -49.41 -9.83
CA ILE D 246 5.27 -48.45 -9.81
C ILE D 246 5.50 -47.48 -8.63
N ALA D 247 6.00 -47.99 -7.52
CA ALA D 247 6.23 -47.18 -6.30
C ALA D 247 7.18 -46.03 -6.66
N LYS D 248 8.27 -46.34 -7.39
CA LYS D 248 9.31 -45.33 -7.75
C LYS D 248 8.68 -44.28 -8.69
N LYS D 249 7.89 -44.69 -9.68
CA LYS D 249 7.21 -43.74 -10.59
C LYS D 249 6.21 -42.87 -9.81
N LEU D 250 5.34 -43.46 -8.98
CA LEU D 250 4.36 -42.75 -8.11
C LEU D 250 5.06 -41.69 -7.27
N ASN D 251 6.13 -42.07 -6.59
CA ASN D 251 6.93 -41.15 -5.73
C ASN D 251 7.37 -39.94 -6.55
N SER D 252 7.94 -40.16 -7.74
CA SER D 252 8.47 -39.13 -8.67
C SER D 252 7.31 -38.26 -9.12
N ALA D 253 6.14 -38.88 -9.27
CA ALA D 253 4.95 -38.19 -9.80
C ALA D 253 4.43 -37.25 -8.72
N VAL D 254 4.41 -37.66 -7.45
CA VAL D 254 3.83 -36.81 -6.38
C VAL D 254 4.78 -35.63 -6.17
N PHE D 255 6.07 -35.92 -6.08
CA PHE D 255 7.15 -34.92 -5.98
C PHE D 255 8.42 -35.38 -6.72
N PRO D 256 9.05 -34.53 -7.56
CA PRO D 256 8.56 -33.19 -7.91
C PRO D 256 7.51 -33.02 -9.02
N GLY D 257 6.85 -34.11 -9.40
CA GLY D 257 5.90 -34.11 -10.54
C GLY D 257 4.75 -33.13 -10.37
N LEU D 258 4.11 -33.09 -9.21
CA LEU D 258 2.76 -32.46 -9.05
C LEU D 258 2.74 -31.47 -7.91
N GLN D 259 3.53 -31.72 -6.87
CA GLN D 259 3.53 -30.98 -5.60
C GLN D 259 4.92 -30.45 -5.33
N GLY D 260 5.05 -29.58 -4.32
CA GLY D 260 6.33 -29.14 -3.79
C GLY D 260 6.59 -29.79 -2.46
N GLY D 261 6.78 -28.97 -1.43
CA GLY D 261 6.89 -29.42 -0.04
C GLY D 261 5.57 -30.01 0.43
N PRO D 262 5.60 -31.15 1.14
CA PRO D 262 4.39 -31.73 1.72
C PRO D 262 3.96 -31.03 3.01
N LEU D 263 2.72 -31.31 3.45
CA LEU D 263 2.13 -30.77 4.71
C LEU D 263 2.47 -31.75 5.84
N GLU D 264 3.68 -31.63 6.39
CA GLU D 264 4.22 -32.58 7.39
C GLU D 264 3.34 -32.54 8.65
N HIS D 265 2.73 -31.41 9.01
CA HIS D 265 1.77 -31.33 10.15
C HIS D 265 0.59 -32.25 9.83
N VAL D 266 0.10 -32.22 8.59
CA VAL D 266 -1.01 -33.12 8.17
C VAL D 266 -0.51 -34.57 8.13
N ILE D 267 0.76 -34.81 7.84
CA ILE D 267 1.30 -36.19 7.77
C ILE D 267 1.41 -36.77 9.18
N ALA D 268 1.77 -35.97 10.19
CA ALA D 268 1.67 -36.34 11.62
C ALA D 268 0.25 -36.82 11.91
N ALA D 269 -0.75 -36.10 11.41
CA ALA D 269 -2.18 -36.39 11.62
C ALA D 269 -2.63 -37.64 10.83
N LYS D 270 -1.97 -37.97 9.72
CA LYS D 270 -2.26 -39.24 9.00
C LYS D 270 -1.74 -40.37 9.87
N ALA D 271 -0.54 -40.23 10.41
CA ALA D 271 0.07 -41.21 11.34
C ALA D 271 -0.88 -41.44 12.53
N VAL D 272 -1.51 -40.39 13.06
CA VAL D 272 -2.37 -40.50 14.28
C VAL D 272 -3.61 -41.30 13.89
N ALA D 273 -4.25 -40.92 12.79
CA ALA D 273 -5.52 -41.52 12.31
C ALA D 273 -5.29 -42.97 11.84
N LEU D 274 -4.09 -43.31 11.36
CA LEU D 274 -3.75 -44.68 10.87
C LEU D 274 -3.57 -45.63 12.05
N LYS D 275 -3.04 -45.16 13.20
CA LYS D 275 -2.87 -45.91 14.48
C LYS D 275 -4.25 -46.12 15.14
N GLU D 276 -5.11 -45.11 15.12
CA GLU D 276 -6.53 -45.24 15.57
C GLU D 276 -7.18 -46.36 14.75
N ALA D 277 -6.97 -46.38 13.44
CA ALA D 277 -7.59 -47.36 12.52
C ALA D 277 -7.04 -48.76 12.78
N LEU D 278 -5.87 -48.89 13.41
CA LEU D 278 -5.19 -50.19 13.71
C LEU D 278 -5.71 -50.75 15.04
N ASP D 279 -6.47 -49.94 15.80
CA ASP D 279 -7.05 -50.33 17.11
C ASP D 279 -8.27 -51.22 16.88
N PRO D 280 -8.40 -52.32 17.66
CA PRO D 280 -9.63 -53.12 17.66
C PRO D 280 -10.95 -52.33 17.70
N ALA D 281 -10.98 -51.19 18.39
CA ALA D 281 -12.15 -50.30 18.55
C ALA D 281 -12.65 -49.82 17.19
N PHE D 282 -11.74 -49.75 16.20
CA PHE D 282 -12.07 -49.33 14.81
C PHE D 282 -12.86 -50.42 14.10
N LYS D 283 -12.56 -51.69 14.36
CA LYS D 283 -13.35 -52.85 13.86
C LYS D 283 -14.82 -52.68 14.29
N GLU D 284 -15.06 -52.31 15.55
CA GLU D 284 -16.40 -52.00 16.11
C GLU D 284 -17.03 -50.83 15.33
N TYR D 285 -16.27 -49.75 15.12
CA TYR D 285 -16.72 -48.53 14.41
C TYR D 285 -17.28 -48.95 13.06
N GLY D 286 -16.48 -49.71 12.31
CA GLY D 286 -16.81 -50.12 10.94
C GLY D 286 -18.06 -50.97 10.92
N GLU D 287 -18.13 -51.94 11.82
CA GLU D 287 -19.34 -52.78 12.02
C GLU D 287 -20.55 -51.85 12.18
N ASN D 288 -20.44 -50.88 13.11
CA ASN D 288 -21.55 -49.96 13.50
C ASN D 288 -21.94 -49.07 12.31
N VAL D 289 -20.97 -48.67 11.49
CA VAL D 289 -21.23 -47.87 10.25
C VAL D 289 -22.14 -48.70 9.33
N ILE D 290 -21.83 -49.97 9.10
CA ILE D 290 -22.52 -50.85 8.10
C ILE D 290 -23.98 -51.04 8.54
N LYS D 291 -24.17 -51.22 9.86
CA LYS D 291 -25.46 -51.53 10.53
C LYS D 291 -26.35 -50.28 10.48
N ASN D 292 -25.83 -49.15 10.97
CA ASN D 292 -26.55 -47.85 11.01
C ASN D 292 -26.98 -47.48 9.60
N ALA D 293 -26.12 -47.78 8.62
CA ALA D 293 -26.37 -47.48 7.20
C ALA D 293 -27.52 -48.35 6.71
N ALA D 294 -27.45 -49.65 6.98
CA ALA D 294 -28.44 -50.69 6.58
C ALA D 294 -29.81 -50.39 7.21
N ALA D 295 -29.83 -50.05 8.50
CA ALA D 295 -31.03 -49.62 9.24
C ALA D 295 -31.76 -48.49 8.50
N MET D 296 -31.08 -47.35 8.28
CA MET D 296 -31.72 -46.14 7.69
C MET D 296 -32.26 -46.47 6.30
N ALA D 297 -31.55 -47.29 5.53
CA ALA D 297 -31.96 -47.71 4.16
C ALA D 297 -33.27 -48.49 4.23
N ASP D 298 -33.41 -49.31 5.27
CA ASP D 298 -34.56 -50.23 5.44
C ASP D 298 -35.83 -49.42 5.68
N VAL D 299 -35.75 -48.33 6.46
CA VAL D 299 -36.89 -47.39 6.62
C VAL D 299 -37.39 -46.97 5.24
N PHE D 300 -36.52 -46.54 4.34
CA PHE D 300 -36.90 -46.00 3.00
C PHE D 300 -37.37 -47.13 2.06
N ASN D 301 -36.86 -48.35 2.27
CA ASN D 301 -37.28 -49.57 1.54
C ASN D 301 -38.77 -49.83 1.83
N GLN D 302 -39.13 -49.87 3.12
CA GLN D 302 -40.49 -50.18 3.66
C GLN D 302 -41.51 -49.20 3.07
N HIS D 303 -41.30 -47.91 3.28
CA HIS D 303 -42.21 -46.82 2.85
C HIS D 303 -42.37 -46.89 1.33
N PRO D 304 -43.62 -46.93 0.81
CA PRO D 304 -43.86 -47.15 -0.62
C PRO D 304 -43.73 -45.90 -1.51
N ASP D 305 -43.56 -44.72 -0.90
CA ASP D 305 -43.32 -43.44 -1.62
C ASP D 305 -41.83 -43.30 -1.95
N PHE D 306 -40.97 -44.19 -1.41
CA PHE D 306 -39.49 -44.13 -1.54
C PHE D 306 -38.94 -45.48 -2.01
N ARG D 307 -38.03 -45.38 -3.00
CA ARG D 307 -37.16 -46.49 -3.47
C ARG D 307 -35.71 -46.22 -3.03
N VAL D 308 -35.01 -47.26 -2.58
CA VAL D 308 -33.53 -47.25 -2.38
C VAL D 308 -32.87 -47.81 -3.64
N ILE D 309 -31.84 -47.12 -4.13
CA ILE D 309 -31.02 -47.51 -5.31
C ILE D 309 -30.32 -48.83 -4.99
N SER D 310 -30.36 -49.78 -5.93
CA SER D 310 -29.85 -51.18 -5.85
C SER D 310 -30.73 -51.98 -4.89
N GLY D 311 -31.83 -51.39 -4.42
CA GLY D 311 -32.75 -52.01 -3.45
C GLY D 311 -32.20 -52.03 -2.04
N GLY D 312 -31.01 -51.50 -1.77
CA GLY D 312 -30.43 -51.48 -0.40
C GLY D 312 -28.97 -51.06 -0.34
N THR D 313 -28.24 -51.54 0.68
CA THR D 313 -26.83 -51.20 0.93
C THR D 313 -26.12 -52.34 1.66
N ASN D 314 -24.83 -52.53 1.35
CA ASN D 314 -23.86 -53.36 2.09
C ASN D 314 -22.74 -52.49 2.70
N ASN D 315 -22.73 -51.17 2.46
CA ASN D 315 -21.63 -50.32 2.99
C ASN D 315 -22.26 -49.21 3.84
N HIS D 316 -21.64 -48.02 3.82
CA HIS D 316 -21.87 -46.88 4.75
C HIS D 316 -22.86 -45.89 4.15
N LEU D 317 -23.43 -46.17 2.97
CA LEU D 317 -24.29 -45.19 2.26
C LEU D 317 -25.36 -45.87 1.43
N PHE D 318 -26.31 -45.09 0.95
CA PHE D 318 -27.32 -45.50 -0.05
C PHE D 318 -27.91 -44.22 -0.66
N LEU D 319 -28.43 -44.33 -1.89
CA LEU D 319 -29.21 -43.26 -2.56
C LEU D 319 -30.70 -43.58 -2.43
N VAL D 320 -31.55 -42.55 -2.32
CA VAL D 320 -33.04 -42.67 -2.33
C VAL D 320 -33.63 -41.77 -3.43
N ASP D 321 -34.33 -42.36 -4.40
CA ASP D 321 -35.26 -41.64 -5.32
C ASP D 321 -36.41 -41.05 -4.49
N VAL D 322 -36.64 -39.75 -4.62
CA VAL D 322 -37.65 -39.01 -3.80
C VAL D 322 -38.68 -38.36 -4.73
N THR D 323 -38.63 -38.61 -6.05
CA THR D 323 -39.45 -37.91 -7.07
C THR D 323 -40.96 -38.01 -6.76
N LYS D 324 -41.39 -38.99 -5.93
CA LYS D 324 -42.82 -39.15 -5.52
C LYS D 324 -43.22 -38.04 -4.55
N VAL D 325 -42.40 -37.77 -3.51
CA VAL D 325 -42.77 -36.94 -2.33
C VAL D 325 -42.40 -35.45 -2.54
N VAL D 326 -41.35 -35.14 -3.31
CA VAL D 326 -40.95 -33.73 -3.64
C VAL D 326 -40.45 -33.68 -5.09
N GLU D 327 -40.31 -32.46 -5.62
CA GLU D 327 -39.93 -32.15 -7.02
C GLU D 327 -38.63 -32.88 -7.41
N ASN D 328 -37.59 -32.74 -6.58
CA ASN D 328 -36.20 -33.09 -6.96
C ASN D 328 -35.34 -33.27 -5.70
N GLY D 329 -34.09 -33.70 -5.87
CA GLY D 329 -33.14 -33.96 -4.77
C GLY D 329 -32.83 -32.70 -3.98
N LYS D 330 -32.77 -31.55 -4.67
CA LYS D 330 -32.39 -30.23 -4.10
C LYS D 330 -33.44 -29.81 -3.07
N VAL D 331 -34.73 -29.89 -3.44
CA VAL D 331 -35.87 -29.59 -2.51
C VAL D 331 -35.70 -30.48 -1.27
N ALA D 332 -35.55 -31.79 -1.43
CA ALA D 332 -35.35 -32.76 -0.32
C ALA D 332 -34.21 -32.27 0.60
N GLN D 333 -33.09 -31.82 0.02
CA GLN D 333 -31.92 -31.30 0.78
C GLN D 333 -32.31 -30.01 1.52
N ASN D 334 -32.94 -29.06 0.82
CA ASN D 334 -33.41 -27.74 1.34
C ASN D 334 -34.38 -27.96 2.51
N VAL D 335 -35.27 -28.94 2.38
CA VAL D 335 -36.27 -29.29 3.43
C VAL D 335 -35.51 -29.79 4.67
N LEU D 336 -34.64 -30.80 4.51
CA LEU D 336 -33.98 -31.48 5.67
C LEU D 336 -33.03 -30.52 6.39
N GLU D 337 -32.47 -29.53 5.68
CA GLU D 337 -31.62 -28.47 6.29
C GLU D 337 -32.43 -27.73 7.34
N GLU D 338 -33.70 -27.42 7.04
CA GLU D 338 -34.63 -26.72 7.96
C GLU D 338 -34.72 -27.48 9.30
N VAL D 339 -34.51 -28.80 9.29
CA VAL D 339 -34.65 -29.67 10.51
C VAL D 339 -33.27 -30.12 11.02
N ASN D 340 -32.20 -29.39 10.67
CA ASN D 340 -30.83 -29.64 11.16
C ASN D 340 -30.35 -31.05 10.74
N ILE D 341 -30.68 -31.43 9.50
CA ILE D 341 -30.22 -32.67 8.82
C ILE D 341 -29.55 -32.29 7.49
N THR D 342 -28.21 -32.34 7.43
CA THR D 342 -27.45 -32.13 6.16
C THR D 342 -27.21 -33.49 5.51
N LEU D 343 -27.78 -33.67 4.34
CA LEU D 343 -27.27 -34.64 3.35
C LEU D 343 -27.02 -33.85 2.08
N ASN D 344 -26.91 -34.52 0.94
CA ASN D 344 -26.68 -33.86 -0.36
C ASN D 344 -27.63 -34.46 -1.38
N LYS D 345 -28.34 -33.61 -2.13
CA LYS D 345 -28.97 -34.00 -3.41
C LYS D 345 -27.94 -34.86 -4.13
N ASN D 346 -28.40 -35.80 -4.96
CA ASN D 346 -27.47 -36.70 -5.66
C ASN D 346 -28.20 -37.33 -6.83
N SER D 347 -27.55 -37.37 -7.99
CA SER D 347 -28.02 -38.07 -9.20
C SER D 347 -28.17 -39.56 -8.86
N ILE D 348 -29.11 -40.23 -9.52
CA ILE D 348 -29.36 -41.70 -9.45
C ILE D 348 -28.89 -42.31 -10.76
N PRO D 349 -28.60 -43.61 -10.78
CA PRO D 349 -28.26 -44.28 -12.04
C PRO D 349 -29.27 -43.85 -13.11
N TYR D 350 -28.77 -43.36 -14.25
CA TYR D 350 -29.56 -42.99 -15.45
C TYR D 350 -30.49 -41.82 -15.12
N GLU D 351 -30.08 -40.96 -14.18
CA GLU D 351 -30.80 -39.73 -13.80
C GLU D 351 -31.49 -39.14 -15.02
N GLN D 352 -32.69 -38.54 -14.84
CA GLN D 352 -33.44 -37.84 -15.93
C GLN D 352 -33.49 -36.34 -15.63
N LEU D 353 -33.86 -35.93 -14.41
CA LEU D 353 -33.86 -34.51 -13.97
C LEU D 353 -32.46 -33.91 -14.21
N SER D 354 -32.35 -32.60 -14.26
CA SER D 354 -31.07 -31.90 -14.58
C SER D 354 -30.10 -32.14 -13.43
N PRO D 355 -28.81 -32.40 -13.74
CA PRO D 355 -27.76 -32.47 -12.72
C PRO D 355 -27.81 -31.46 -11.56
N PHE D 356 -28.26 -30.23 -11.80
CA PHE D 356 -28.33 -29.15 -10.77
C PHE D 356 -29.44 -29.49 -9.75
N LYS D 357 -30.41 -30.33 -10.15
CA LYS D 357 -31.64 -30.65 -9.36
C LYS D 357 -31.58 -32.08 -8.81
N THR D 358 -31.35 -33.07 -9.70
CA THR D 358 -31.24 -34.54 -9.44
C THR D 358 -32.58 -35.13 -8.97
N SER D 359 -32.66 -36.46 -8.89
CA SER D 359 -33.84 -37.25 -8.47
C SER D 359 -33.71 -37.69 -7.01
N GLY D 360 -32.49 -37.64 -6.46
CA GLY D 360 -32.09 -38.50 -5.34
C GLY D 360 -31.53 -37.72 -4.17
N ILE D 361 -31.43 -38.39 -3.01
CA ILE D 361 -30.60 -37.96 -1.86
C ILE D 361 -29.60 -39.08 -1.61
N ARG D 362 -28.39 -38.72 -1.19
CA ARG D 362 -27.37 -39.66 -0.68
C ARG D 362 -27.40 -39.57 0.85
N VAL D 363 -27.34 -40.71 1.54
CA VAL D 363 -27.34 -40.78 3.02
C VAL D 363 -26.12 -41.60 3.45
N GLY D 364 -25.48 -41.23 4.56
CA GLY D 364 -24.37 -42.02 5.12
C GLY D 364 -24.33 -41.98 6.63
N SER D 365 -23.84 -43.09 7.19
CA SER D 365 -23.76 -43.41 8.64
C SER D 365 -22.49 -42.88 9.30
N PRO D 366 -21.36 -42.65 8.57
CA PRO D 366 -20.07 -42.48 9.24
C PRO D 366 -20.10 -41.46 10.38
N ALA D 367 -20.74 -40.33 10.15
CA ALA D 367 -20.65 -39.14 11.01
C ALA D 367 -21.47 -39.37 12.28
N ILE D 368 -22.67 -39.96 12.16
CA ILE D 368 -23.56 -40.27 13.32
C ILE D 368 -22.99 -41.46 14.11
N THR D 369 -22.41 -42.45 13.43
CA THR D 369 -21.74 -43.61 14.08
C THR D 369 -20.55 -43.11 14.92
N SER D 370 -19.88 -42.04 14.48
CA SER D 370 -18.72 -41.45 15.18
C SER D 370 -19.21 -40.68 16.42
N ARG D 371 -20.46 -40.21 16.38
CA ARG D 371 -21.14 -39.59 17.55
C ARG D 371 -21.67 -40.67 18.50
N GLY D 372 -21.44 -41.95 18.20
CA GLY D 372 -21.72 -43.10 19.10
C GLY D 372 -23.18 -43.57 19.01
N MET D 373 -23.93 -43.07 18.03
CA MET D 373 -25.33 -43.46 17.77
C MET D 373 -25.35 -44.90 17.24
N GLY D 374 -26.47 -45.60 17.47
CA GLY D 374 -26.69 -47.01 17.07
C GLY D 374 -27.85 -47.13 16.10
N GLU D 375 -28.45 -48.31 15.99
CA GLU D 375 -29.50 -48.62 14.99
C GLU D 375 -30.82 -47.93 15.35
N ALA D 376 -31.09 -47.69 16.63
CA ALA D 376 -32.35 -47.07 17.11
C ALA D 376 -32.41 -45.64 16.59
N GLU D 377 -31.41 -44.85 16.95
CA GLU D 377 -31.19 -43.43 16.53
C GLU D 377 -31.13 -43.36 15.00
N SER D 378 -30.48 -44.32 14.34
CA SER D 378 -30.35 -44.36 12.86
C SER D 378 -31.75 -44.38 12.23
N ARG D 379 -32.52 -45.45 12.51
CA ARG D 379 -33.96 -45.63 12.12
C ARG D 379 -34.76 -44.37 12.46
N GLN D 380 -34.60 -43.83 13.67
CA GLN D 380 -35.27 -42.59 14.15
C GLN D 380 -34.96 -41.43 13.20
N ILE D 381 -33.67 -41.17 12.95
CA ILE D 381 -33.19 -40.13 12.01
C ILE D 381 -33.90 -40.33 10.66
N ALA D 382 -33.94 -41.57 10.18
CA ALA D 382 -34.59 -41.94 8.90
C ALA D 382 -36.11 -41.69 8.99
N GLU D 383 -36.74 -41.97 10.14
CA GLU D 383 -38.19 -41.66 10.37
C GLU D 383 -38.37 -40.15 10.23
N TRP D 384 -37.63 -39.37 11.02
CA TRP D 384 -37.64 -37.88 10.97
C TRP D 384 -37.54 -37.41 9.52
N MET D 385 -36.63 -38.02 8.75
CA MET D 385 -36.37 -37.64 7.34
C MET D 385 -37.65 -37.86 6.52
N VAL D 386 -38.27 -39.01 6.66
CA VAL D 386 -39.50 -39.43 5.92
C VAL D 386 -40.64 -38.47 6.27
N GLU D 387 -40.79 -38.16 7.56
CA GLU D 387 -41.89 -37.31 8.11
C GLU D 387 -41.77 -35.90 7.52
N ALA D 388 -40.65 -35.21 7.80
CA ALA D 388 -40.35 -33.83 7.32
C ALA D 388 -40.56 -33.72 5.81
N LEU D 389 -40.18 -34.73 5.05
CA LEU D 389 -40.23 -34.73 3.56
C LEU D 389 -41.68 -34.76 3.05
N GLU D 390 -42.59 -35.45 3.74
CA GLU D 390 -44.03 -35.51 3.36
C GLU D 390 -44.75 -34.26 3.90
N ASN D 391 -44.24 -33.68 4.98
CA ASN D 391 -44.76 -32.44 5.62
C ASN D 391 -43.85 -31.25 5.29
N HIS D 392 -43.46 -31.11 4.01
CA HIS D 392 -42.39 -30.18 3.55
C HIS D 392 -42.85 -28.71 3.58
N ASP D 393 -44.15 -28.45 3.61
CA ASP D 393 -44.74 -27.07 3.60
C ASP D 393 -45.63 -26.88 4.83
N LYS D 394 -45.38 -27.64 5.90
CA LYS D 394 -46.16 -27.61 7.16
C LYS D 394 -45.22 -27.26 8.30
N PRO D 395 -44.95 -25.94 8.50
CA PRO D 395 -43.94 -25.46 9.44
C PRO D 395 -43.99 -26.03 10.86
N GLU D 396 -45.20 -26.18 11.42
CA GLU D 396 -45.44 -26.62 12.82
C GLU D 396 -44.88 -28.05 13.00
N VAL D 397 -44.94 -28.89 11.96
CA VAL D 397 -44.31 -30.25 11.93
C VAL D 397 -42.79 -30.07 11.91
N LEU D 398 -42.23 -29.57 10.80
CA LEU D 398 -40.78 -29.28 10.62
C LEU D 398 -40.23 -28.68 11.92
N GLU D 399 -40.84 -27.60 12.40
CA GLU D 399 -40.48 -26.88 13.66
C GLU D 399 -40.35 -27.88 14.82
N ARG D 400 -41.32 -28.80 14.95
CA ARG D 400 -41.39 -29.84 16.01
C ARG D 400 -40.21 -30.80 15.85
N ILE D 401 -40.04 -31.37 14.64
CA ILE D 401 -38.94 -32.32 14.29
C ILE D 401 -37.58 -31.72 14.70
N ARG D 402 -37.33 -30.45 14.39
CA ARG D 402 -36.09 -29.71 14.76
C ARG D 402 -35.90 -29.77 16.29
N GLY D 403 -37.00 -29.62 17.05
CA GLY D 403 -36.99 -29.75 18.51
C GLY D 403 -36.50 -31.13 18.94
N ASP D 404 -36.99 -32.19 18.29
CA ASP D 404 -36.66 -33.61 18.61
C ASP D 404 -35.20 -33.89 18.23
N VAL D 405 -34.79 -33.46 17.04
CA VAL D 405 -33.38 -33.52 16.58
C VAL D 405 -32.50 -32.93 17.70
N LYS D 406 -32.84 -31.76 18.24
CA LYS D 406 -31.96 -31.08 19.22
C LYS D 406 -31.77 -31.96 20.47
N VAL D 407 -32.76 -32.80 20.84
CA VAL D 407 -32.66 -33.71 22.03
C VAL D 407 -31.72 -34.87 21.69
N LEU D 408 -31.75 -35.32 20.43
CA LEU D 408 -30.81 -36.35 19.90
C LEU D 408 -29.39 -35.78 19.91
N THR D 409 -29.18 -34.58 19.34
CA THR D 409 -27.84 -33.92 19.21
C THR D 409 -27.27 -33.71 20.62
N ASP D 410 -28.09 -33.29 21.58
CA ASP D 410 -27.68 -33.01 22.99
C ASP D 410 -27.29 -34.34 23.68
N ALA D 411 -28.00 -35.43 23.37
CA ALA D 411 -27.74 -36.78 23.94
C ALA D 411 -26.40 -37.33 23.41
N PHE D 412 -26.00 -36.96 22.20
CA PHE D 412 -24.76 -37.45 21.54
C PHE D 412 -23.85 -36.27 21.22
N PRO D 413 -23.17 -35.68 22.23
CA PRO D 413 -22.28 -34.55 22.00
C PRO D 413 -21.19 -34.92 20.97
N LEU D 414 -20.63 -33.93 20.29
CA LEU D 414 -19.64 -34.13 19.17
C LEU D 414 -18.23 -34.31 19.78
N TYR D 415 -17.86 -33.50 20.79
CA TYR D 415 -16.55 -33.56 21.49
C TYR D 415 -16.76 -33.32 23.00
NA NA E . -1.87 44.11 5.92
C EVM F . 1.73 38.47 14.55
N EVM F . 2.91 38.13 12.46
O EVM F . 2.40 38.67 15.57
P EVM F . 3.38 35.15 7.26
N1 EVM F . 5.74 40.60 8.92
C2 EVM F . 5.16 41.09 10.05
C3 EVM F . 4.22 40.24 10.85
O3 EVM F . 3.64 40.76 11.99
C4 EVM F . 3.95 38.85 10.38
C5 EVM F . 4.66 38.45 9.13
C6 EVM F . 5.53 39.35 8.47
CA EVM F . 2.23 37.42 13.56
CB EVM F . 1.08 36.55 13.08
OG EVM F . 0.30 37.26 12.12
O1P EVM F . 2.48 35.36 6.04
C2A EVM F . 5.41 42.51 10.54
O2P EVM F . 2.86 34.25 8.37
O3P EVM F . 4.81 34.77 6.82
C4A EVM F . 3.12 37.86 11.20
O4P EVM F . 3.30 36.58 8.08
C5A EVM F . 4.54 37.05 8.58
OXT EVM F . 0.70 39.12 14.30
NA NA G . 2.43 14.84 -7.08
N DSN H . 7.75 22.70 -12.29
CA DSN H . 8.81 21.66 -12.34
C DSN H . 8.47 20.62 -13.43
O DSN H . 9.23 20.47 -14.38
OXT DSN H . 7.45 19.92 -13.41
CB DSN H . 10.18 22.27 -12.54
OG DSN H . 10.19 23.16 -13.65
N1 PLP I . 10.15 19.69 -6.67
C2 PLP I . 10.14 18.80 -7.74
C2A PLP I . 11.00 17.57 -7.82
C3 PLP I . 9.24 19.03 -8.90
O3 PLP I . 9.18 18.19 -9.98
C4 PLP I . 8.40 20.23 -8.87
C4A PLP I . 7.45 20.50 -9.96
C5 PLP I . 8.47 21.10 -7.70
C6 PLP I . 9.36 20.78 -6.64
C5A PLP I . 7.56 22.30 -7.73
O4P PLP I . 7.93 23.14 -6.59
P PLP I . 7.04 24.39 -6.15
O1P PLP I . 6.86 25.13 -7.50
O2P PLP I . 5.71 23.88 -5.56
O3P PLP I . 7.91 25.12 -5.12
NA NA J . 5.38 -15.77 1.44
C EVM K . 12.59 -23.27 -2.18
N EVM K . 10.40 -23.05 -2.75
O EVM K . 13.37 -23.77 -3.03
P EVM K . 4.85 -25.42 -2.45
N1 EVM K . 6.83 -20.79 -5.65
C2 EVM K . 8.07 -20.26 -5.42
C3 EVM K . 8.95 -20.89 -4.40
O3 EVM K . 10.21 -20.35 -4.21
C4 EVM K . 8.43 -22.09 -3.67
C5 EVM K . 7.08 -22.56 -4.04
C6 EVM K . 6.33 -21.86 -5.01
CA EVM K . 11.26 -23.93 -1.98
CB EVM K . 10.85 -24.07 -0.49
OG EVM K . 12.00 -24.43 0.33
O1P EVM K . 3.81 -24.92 -1.45
C2A EVM K . 8.60 -19.05 -6.17
O2P EVM K . 4.27 -26.14 -3.63
O3P EVM K . 6.07 -26.11 -1.79
C4A EVM K . 9.16 -23.00 -2.70
O4P EVM K . 5.29 -24.09 -3.26
C5A EVM K . 6.65 -23.79 -3.26
OXT EVM K . 12.82 -22.25 -1.51
N DSN L . -15.97 -35.09 -1.33
CA DSN L . -16.63 -35.93 -2.40
C DSN L . -17.97 -36.47 -1.88
O DSN L . -18.45 -37.49 -2.39
OXT DSN L . -18.57 -35.88 -0.96
CB DSN L . -16.82 -35.16 -3.68
OG DSN L . -17.22 -36.01 -4.74
N1 PLP M . -11.91 -39.62 -4.83
C2 PLP M . -13.09 -40.28 -4.57
C2A PLP M . -13.49 -41.58 -5.23
C3 PLP M . -14.05 -39.69 -3.62
O3 PLP M . -15.24 -40.26 -3.31
C4 PLP M . -13.67 -38.42 -3.00
C4A PLP M . -14.60 -37.85 -2.02
C5 PLP M . -12.37 -37.77 -3.31
C6 PLP M . -11.55 -38.45 -4.26
C5A PLP M . -12.08 -36.47 -2.61
O4P PLP M . -10.86 -35.79 -3.06
P PLP M . -10.37 -34.36 -2.43
O1P PLP M . -9.48 -33.75 -3.51
O2P PLP M . -9.59 -34.67 -1.15
O3P PLP M . -11.64 -33.54 -2.17
#